data_7XKM
# 
_entry.id   7XKM 
# 
_audit_conform.dict_name       mmcif_pdbx.dic 
_audit_conform.dict_version    5.392 
_audit_conform.dict_location   http://mmcif.pdb.org/dictionaries/ascii/mmcif_pdbx.dic 
# 
loop_
_database_2.database_id 
_database_2.database_code 
_database_2.pdbx_database_accession 
_database_2.pdbx_DOI 
PDB   7XKM         pdb_00007xkm 10.2210/pdb7xkm/pdb 
WWPDB D_1300029056 ?            ?                   
# 
loop_
_pdbx_audit_revision_history.ordinal 
_pdbx_audit_revision_history.data_content_type 
_pdbx_audit_revision_history.major_revision 
_pdbx_audit_revision_history.minor_revision 
_pdbx_audit_revision_history.revision_date 
1 'Structure model' 1 0 2022-07-06 
2 'Structure model' 1 1 2022-08-10 
3 'Structure model' 1 2 2022-10-19 
4 'Structure model' 1 3 2024-05-29 
# 
_pdbx_audit_revision_details.ordinal             1 
_pdbx_audit_revision_details.revision_ordinal    1 
_pdbx_audit_revision_details.data_content_type   'Structure model' 
_pdbx_audit_revision_details.provider            repository 
_pdbx_audit_revision_details.type                'Initial release' 
_pdbx_audit_revision_details.description         ? 
_pdbx_audit_revision_details.details             ? 
# 
loop_
_pdbx_audit_revision_group.ordinal 
_pdbx_audit_revision_group.revision_ordinal 
_pdbx_audit_revision_group.data_content_type 
_pdbx_audit_revision_group.group 
1 2 'Structure model' 'Database references' 
2 3 'Structure model' 'Database references' 
3 4 'Structure model' 'Data collection'     
# 
loop_
_pdbx_audit_revision_category.ordinal 
_pdbx_audit_revision_category.revision_ordinal 
_pdbx_audit_revision_category.data_content_type 
_pdbx_audit_revision_category.category 
1 2 'Structure model' citation        
2 2 'Structure model' citation_author 
3 3 'Structure model' citation        
4 3 'Structure model' citation_author 
5 4 'Structure model' chem_comp_atom  
6 4 'Structure model' chem_comp_bond  
# 
loop_
_pdbx_audit_revision_item.ordinal 
_pdbx_audit_revision_item.revision_ordinal 
_pdbx_audit_revision_item.data_content_type 
_pdbx_audit_revision_item.item 
1 2 'Structure model' '_citation.journal_volume'          
2 2 'Structure model' '_citation.page_first'              
3 2 'Structure model' '_citation.page_last'               
4 2 'Structure model' '_citation_author.identifier_ORCID' 
5 3 'Structure model' '_citation.page_first'              
6 3 'Structure model' '_citation.page_last'               
7 3 'Structure model' '_citation_author.identifier_ORCID' 
# 
_pdbx_database_status.status_code                     REL 
_pdbx_database_status.status_code_sf                  REL 
_pdbx_database_status.status_code_mr                  ? 
_pdbx_database_status.entry_id                        7XKM 
_pdbx_database_status.recvd_initial_deposition_date   2022-04-20 
_pdbx_database_status.SG_entry                        N 
_pdbx_database_status.deposit_site                    PDBJ 
_pdbx_database_status.process_site                    PDBJ 
_pdbx_database_status.status_code_cs                  ? 
_pdbx_database_status.status_code_nmr_data            ? 
_pdbx_database_status.methods_development_category    ? 
_pdbx_database_status.pdb_format_compatible           Y 
# 
_pdbx_contact_author.id                 2 
_pdbx_contact_author.email              j.kondo@sophia.ac.jp 
_pdbx_contact_author.name_first         Jiro 
_pdbx_contact_author.name_last          Kondo 
_pdbx_contact_author.name_mi            ? 
_pdbx_contact_author.role               'principal investigator/group leader' 
_pdbx_contact_author.identifier_ORCID   0000-0002-5682-3685 
# 
loop_
_audit_author.name 
_audit_author.pdbx_ordinal 
_audit_author.identifier_ORCID 
'Kondo, J.'  1 0000-0002-5682-3685 
'Ono, A.'    2 ?                   
'Atsugi, T.' 3 ?                   
# 
_citation.abstract                  ? 
_citation.abstract_id_CAS           ? 
_citation.book_id_ISBN              ? 
_citation.book_publisher            ? 
_citation.book_publisher_city       ? 
_citation.book_title                ? 
_citation.coordinate_linkage        ? 
_citation.country                   GE 
_citation.database_id_Medline       ? 
_citation.details                   ? 
_citation.id                        primary 
_citation.journal_abbrev            Angew.Chem.Int.Ed.Engl. 
_citation.journal_id_ASTM           ACIEAY 
_citation.journal_id_CSD            0179 
_citation.journal_id_ISSN           1521-3773 
_citation.journal_full              ? 
_citation.journal_issue             ? 
_citation.journal_volume            61 
_citation.language                  ? 
_citation.page_first                e202204798 
_citation.page_last                 e202204798 
_citation.title                     
'A Novel Ag I -DNA Rod Comprising a One-Dimensional Array of 11 Silver Ions within a Double Helical Structure.' 
_citation.year                      2022 
_citation.database_id_CSD           ? 
_citation.pdbx_database_id_DOI      10.1002/anie.202204798 
_citation.pdbx_database_id_PubMed   35641885 
_citation.pdbx_database_id_patent   ? 
_citation.unpublished_flag          ? 
# 
loop_
_citation_author.citation_id 
_citation_author.name 
_citation_author.ordinal 
_citation_author.identifier_ORCID 
primary 'Atsugi, T.'   1 ?                   
primary 'Ono, A.'      2 0000-0002-2150-7084 
primary 'Tasaka, M.'   3 ?                   
primary 'Eguchi, N.'   4 ?                   
primary 'Fujiwara, S.' 5 0000-0002-4633-5872 
primary 'Kondo, J.'    6 0000-0002-5682-3685 
# 
loop_
_entity.id 
_entity.type 
_entity.src_method 
_entity.pdbx_description 
_entity.formula_weight 
_entity.pdbx_number_of_molecules 
_entity.pdbx_ec 
_entity.pdbx_mutation 
_entity.pdbx_fragment 
_entity.details 
1 polymer     syn 
;DNA (5'-D(*CP*GP*CP*GP*CP*(BRU)P*CP*(BRU)P*CP*GP*CP*G)-3')
;
3745.082 4  ? ? ? ? 
2 non-polymer syn 'SILVER ION'                                                 107.868  23 ? ? ? ? 
3 water       nat water                                                        18.015   6  ? ? ? ? 
# 
_entity_poly.entity_id                      1 
_entity_poly.type                           polydeoxyribonucleotide 
_entity_poly.nstd_linkage                   no 
_entity_poly.nstd_monomer                   yes 
_entity_poly.pdbx_seq_one_letter_code       '(DC)(DG)(DC)(DG)(DC)(BRU)(DC)(BRU)(DC)(DG)(DC)(DG)' 
_entity_poly.pdbx_seq_one_letter_code_can   CGCGCUCUCGCG 
_entity_poly.pdbx_strand_id                 A,B,C,D 
_entity_poly.pdbx_target_identifier         ? 
# 
loop_
_pdbx_entity_nonpoly.entity_id 
_pdbx_entity_nonpoly.name 
_pdbx_entity_nonpoly.comp_id 
2 'SILVER ION' AG  
3 water        HOH 
# 
loop_
_entity_poly_seq.entity_id 
_entity_poly_seq.num 
_entity_poly_seq.mon_id 
_entity_poly_seq.hetero 
1 1  DC  n 
1 2  DG  n 
1 3  DC  n 
1 4  DG  n 
1 5  DC  n 
1 6  BRU n 
1 7  DC  n 
1 8  BRU n 
1 9  DC  n 
1 10 DG  n 
1 11 DC  n 
1 12 DG  n 
# 
_pdbx_entity_src_syn.entity_id              1 
_pdbx_entity_src_syn.pdbx_src_id            1 
_pdbx_entity_src_syn.pdbx_alt_source_flag   sample 
_pdbx_entity_src_syn.pdbx_beg_seq_num       1 
_pdbx_entity_src_syn.pdbx_end_seq_num       12 
_pdbx_entity_src_syn.organism_scientific    'synthetic construct' 
_pdbx_entity_src_syn.organism_common_name   ? 
_pdbx_entity_src_syn.ncbi_taxonomy_id       32630 
_pdbx_entity_src_syn.details                ? 
# 
loop_
_chem_comp.id 
_chem_comp.type 
_chem_comp.mon_nstd_flag 
_chem_comp.name 
_chem_comp.pdbx_synonyms 
_chem_comp.formula 
_chem_comp.formula_weight 
AG  non-polymer   . 'SILVER ION'                               ? 'Ag 1'              107.868 
BRU 'DNA linking' n "5-BROMO-2'-DEOXYURIDINE-5'-MONOPHOSPHATE" ? 'C9 H12 Br N2 O8 P' 387.078 
DC  'DNA linking' y "2'-DEOXYCYTIDINE-5'-MONOPHOSPHATE"        ? 'C9 H14 N3 O7 P'    307.197 
DG  'DNA linking' y "2'-DEOXYGUANOSINE-5'-MONOPHOSPHATE"       ? 'C10 H14 N5 O7 P'   347.221 
HOH non-polymer   . WATER                                      ? 'H2 O'              18.015  
# 
loop_
_pdbx_poly_seq_scheme.asym_id 
_pdbx_poly_seq_scheme.entity_id 
_pdbx_poly_seq_scheme.seq_id 
_pdbx_poly_seq_scheme.mon_id 
_pdbx_poly_seq_scheme.ndb_seq_num 
_pdbx_poly_seq_scheme.pdb_seq_num 
_pdbx_poly_seq_scheme.auth_seq_num 
_pdbx_poly_seq_scheme.pdb_mon_id 
_pdbx_poly_seq_scheme.auth_mon_id 
_pdbx_poly_seq_scheme.pdb_strand_id 
_pdbx_poly_seq_scheme.pdb_ins_code 
_pdbx_poly_seq_scheme.hetero 
A 1 1  DC  1  1  1  DC  DC  A . n 
A 1 2  DG  2  2  2  DG  DG  A . n 
A 1 3  DC  3  3  3  DC  DC  A . n 
A 1 4  DG  4  4  4  DG  DG  A . n 
A 1 5  DC  5  5  5  DC  DC  A . n 
A 1 6  BRU 6  6  6  BRU BRU A . n 
A 1 7  DC  7  7  7  DC  DC  A . n 
A 1 8  BRU 8  8  8  BRU BRU A . n 
A 1 9  DC  9  9  9  DC  DC  A . n 
A 1 10 DG  10 10 10 DG  DG  A . n 
A 1 11 DC  11 11 11 DC  DC  A . n 
A 1 12 DG  12 12 12 DG  DG  A . n 
B 1 1  DC  1  1  1  DC  DC  B . n 
B 1 2  DG  2  2  2  DG  DG  B . n 
B 1 3  DC  3  3  3  DC  DC  B . n 
B 1 4  DG  4  4  4  DG  DG  B . n 
B 1 5  DC  5  5  5  DC  DC  B . n 
B 1 6  BRU 6  6  6  BRU BRU B . n 
B 1 7  DC  7  7  7  DC  DC  B . n 
B 1 8  BRU 8  8  8  BRU BRU B . n 
B 1 9  DC  9  9  9  DC  DC  B . n 
B 1 10 DG  10 10 10 DG  DG  B . n 
B 1 11 DC  11 11 11 DC  DC  B . n 
B 1 12 DG  12 12 12 DG  DG  B . n 
C 1 1  DC  1  1  1  DC  DC  C . n 
C 1 2  DG  2  2  2  DG  DG  C . n 
C 1 3  DC  3  3  3  DC  DC  C . n 
C 1 4  DG  4  4  4  DG  DG  C . n 
C 1 5  DC  5  5  5  DC  DC  C . n 
C 1 6  BRU 6  6  6  BRU BRU C . n 
C 1 7  DC  7  7  7  DC  DC  C . n 
C 1 8  BRU 8  8  8  BRU BRU C . n 
C 1 9  DC  9  9  9  DC  DC  C . n 
C 1 10 DG  10 10 10 DG  DG  C . n 
C 1 11 DC  11 11 11 DC  DC  C . n 
C 1 12 DG  12 12 12 DG  DG  C . n 
D 1 1  DC  1  1  1  DC  DC  D . n 
D 1 2  DG  2  2  2  DG  DG  D . n 
D 1 3  DC  3  3  3  DC  DC  D . n 
D 1 4  DG  4  4  4  DG  DG  D . n 
D 1 5  DC  5  5  5  DC  DC  D . n 
D 1 6  BRU 6  6  6  BRU BRU D . n 
D 1 7  DC  7  7  7  DC  DC  D . n 
D 1 8  BRU 8  8  8  BRU BRU D . n 
D 1 9  DC  9  9  9  DC  DC  D . n 
D 1 10 DG  10 10 10 DG  DG  D . n 
D 1 11 DC  11 11 11 DC  DC  D . n 
D 1 12 DG  12 12 12 DG  DG  D . n 
# 
loop_
_pdbx_nonpoly_scheme.asym_id 
_pdbx_nonpoly_scheme.entity_id 
_pdbx_nonpoly_scheme.mon_id 
_pdbx_nonpoly_scheme.ndb_seq_num 
_pdbx_nonpoly_scheme.pdb_seq_num 
_pdbx_nonpoly_scheme.auth_seq_num 
_pdbx_nonpoly_scheme.pdb_mon_id 
_pdbx_nonpoly_scheme.auth_mon_id 
_pdbx_nonpoly_scheme.pdb_strand_id 
_pdbx_nonpoly_scheme.pdb_ins_code 
E  2 AG  1 101 3  AG  AG  A . 
F  2 AG  1 102 4  AG  AG  A . 
G  2 AG  1 103 6  AG  AG  A . 
H  2 AG  1 104 7  AG  AG  A . 
I  2 AG  1 105 8  AG  AG  A . 
J  2 AG  1 106 9  AG  AG  A . 
K  2 AG  1 107 10 AG  AG  A . 
L  2 AG  1 108 11 AG  AG  A . 
M  2 AG  1 109 28 AG  AG  A . 
N  2 AG  1 101 1  AG  AG  B . 
O  2 AG  1 102 2  AG  AG  B . 
P  2 AG  1 103 5  AG  AG  B . 
Q  2 AG  1 101 12 AG  AG  C . 
R  2 AG  1 102 15 AG  AG  C . 
S  2 AG  1 103 16 AG  AG  C . 
T  2 AG  1 104 17 AG  AG  C . 
U  2 AG  1 105 20 AG  AG  C . 
V  2 AG  1 106 21 AG  AG  C . 
W  2 AG  1 101 13 AG  AG  D . 
X  2 AG  1 102 14 AG  AG  D . 
Y  2 AG  1 103 18 AG  AG  D . 
Z  2 AG  1 104 19 AG  AG  D . 
AA 2 AG  1 105 22 AG  AG  D . 
BA 3 HOH 1 201 19 HOH HOH A . 
BA 3 HOH 2 202 4  HOH HOH A . 
CA 3 HOH 1 201 6  HOH HOH B . 
DA 3 HOH 1 201 11 HOH HOH C . 
DA 3 HOH 2 202 18 HOH HOH C . 
EA 3 HOH 1 201 1  HOH HOH D . 
# 
loop_
_software.citation_id 
_software.classification 
_software.compiler_name 
_software.compiler_version 
_software.contact_author 
_software.contact_author_email 
_software.date 
_software.description 
_software.dependencies 
_software.hardware 
_software.language 
_software.location 
_software.mods 
_software.name 
_software.os 
_software.os_version 
_software.type 
_software.version 
_software.pdbx_ordinal 
? 'data scaling'   ? ? ? ? ? ? ? ? ? ? ? XSCALE  ? ? ? .      1 
? refinement       ? ? ? ? ? ? ? ? ? ? ? PHENIX  ? ? ? 1.17.1 2 
? 'data reduction' ? ? ? ? ? ? ? ? ? ? ? XDS     ? ? ? .      3 
? phasing          ? ? ? ? ? ? ? ? ? ? ? AutoSol ? ? ? .      4 
# 
_cell.angle_alpha                  90.000 
_cell.angle_alpha_esd              ? 
_cell.angle_beta                   90.000 
_cell.angle_beta_esd               ? 
_cell.angle_gamma                  120.000 
_cell.angle_gamma_esd              ? 
_cell.entry_id                     7XKM 
_cell.details                      ? 
_cell.formula_units_Z              ? 
_cell.length_a                     77.461 
_cell.length_a_esd                 ? 
_cell.length_b                     77.461 
_cell.length_b_esd                 ? 
_cell.length_c                     123.722 
_cell.length_c_esd                 ? 
_cell.volume                       ? 
_cell.volume_esd                   ? 
_cell.Z_PDB                        48 
_cell.reciprocal_angle_alpha       ? 
_cell.reciprocal_angle_beta        ? 
_cell.reciprocal_angle_gamma       ? 
_cell.reciprocal_angle_alpha_esd   ? 
_cell.reciprocal_angle_beta_esd    ? 
_cell.reciprocal_angle_gamma_esd   ? 
_cell.reciprocal_length_a          ? 
_cell.reciprocal_length_b          ? 
_cell.reciprocal_length_c          ? 
_cell.reciprocal_length_a_esd      ? 
_cell.reciprocal_length_b_esd      ? 
_cell.reciprocal_length_c_esd      ? 
_cell.pdbx_unique_axis             ? 
_cell.pdbx_esd_method              ? 
# 
_symmetry.entry_id                         7XKM 
_symmetry.cell_setting                     ? 
_symmetry.Int_Tables_number                178 
_symmetry.space_group_name_Hall            ? 
_symmetry.space_group_name_H-M             'P 61 2 2' 
_symmetry.pdbx_full_space_group_name_H-M   ? 
# 
_exptl.absorpt_coefficient_mu     ? 
_exptl.absorpt_correction_T_max   ? 
_exptl.absorpt_correction_T_min   ? 
_exptl.absorpt_correction_type    ? 
_exptl.absorpt_process_details    ? 
_exptl.entry_id                   7XKM 
_exptl.crystals_number            1 
_exptl.details                    ? 
_exptl.method                     'X-RAY DIFFRACTION' 
_exptl.method_details             ? 
# 
_exptl_crystal.colour                       ? 
_exptl_crystal.density_diffrn               ? 
_exptl_crystal.density_Matthews             3.58 
_exptl_crystal.density_method               ? 
_exptl_crystal.density_percent_sol          65.61 
_exptl_crystal.description                  ? 
_exptl_crystal.F_000                        ? 
_exptl_crystal.id                           1 
_exptl_crystal.preparation                  ? 
_exptl_crystal.size_max                     ? 
_exptl_crystal.size_mid                     ? 
_exptl_crystal.size_min                     ? 
_exptl_crystal.size_rad                     ? 
_exptl_crystal.colour_lustre                ? 
_exptl_crystal.colour_modifier              ? 
_exptl_crystal.colour_primary               ? 
_exptl_crystal.density_meas                 ? 
_exptl_crystal.density_meas_esd             ? 
_exptl_crystal.density_meas_gt              ? 
_exptl_crystal.density_meas_lt              ? 
_exptl_crystal.density_meas_temp            ? 
_exptl_crystal.density_meas_temp_esd        ? 
_exptl_crystal.density_meas_temp_gt         ? 
_exptl_crystal.density_meas_temp_lt         ? 
_exptl_crystal.pdbx_crystal_image_url       ? 
_exptl_crystal.pdbx_crystal_image_format    ? 
_exptl_crystal.pdbx_mosaicity               ? 
_exptl_crystal.pdbx_mosaicity_esd           ? 
_exptl_crystal.pdbx_mosaic_method           ? 
_exptl_crystal.pdbx_mosaic_block_size       ? 
_exptl_crystal.pdbx_mosaic_block_size_esd   ? 
# 
_exptl_crystal_grow.apparatus       ? 
_exptl_crystal_grow.atmosphere      ? 
_exptl_crystal_grow.crystal_id      1 
_exptl_crystal_grow.details         ? 
_exptl_crystal_grow.method          'VAPOR DIFFUSION, HANGING DROP' 
_exptl_crystal_grow.method_ref      ? 
_exptl_crystal_grow.pH              ? 
_exptl_crystal_grow.pressure        ? 
_exptl_crystal_grow.pressure_esd    ? 
_exptl_crystal_grow.seeding         ? 
_exptl_crystal_grow.seeding_ref     ? 
_exptl_crystal_grow.temp            293 
_exptl_crystal_grow.temp_details    ? 
_exptl_crystal_grow.temp_esd        ? 
_exptl_crystal_grow.time            ? 
_exptl_crystal_grow.pdbx_details    'MPD, spermine, MOPS, lithium nitrate' 
_exptl_crystal_grow.pdbx_pH_range   ? 
# 
_diffrn.ambient_environment              ? 
_diffrn.ambient_temp                     100 
_diffrn.ambient_temp_details             ? 
_diffrn.ambient_temp_esd                 ? 
_diffrn.crystal_id                       1 
_diffrn.crystal_support                  ? 
_diffrn.crystal_treatment                ? 
_diffrn.details                          ? 
_diffrn.id                               1 
_diffrn.ambient_pressure                 ? 
_diffrn.ambient_pressure_esd             ? 
_diffrn.ambient_pressure_gt              ? 
_diffrn.ambient_pressure_lt              ? 
_diffrn.ambient_temp_gt                  ? 
_diffrn.ambient_temp_lt                  ? 
_diffrn.pdbx_serial_crystal_experiment   N 
# 
_diffrn_detector.details                      ? 
_diffrn_detector.detector                     PIXEL 
_diffrn_detector.diffrn_id                    1 
_diffrn_detector.type                         'DECTRIS PILATUS3 S 6M' 
_diffrn_detector.area_resol_mean              ? 
_diffrn_detector.dtime                        ? 
_diffrn_detector.pdbx_frames_total            ? 
_diffrn_detector.pdbx_collection_time_total   ? 
_diffrn_detector.pdbx_collection_date         2018-05-18 
_diffrn_detector.pdbx_frequency               ? 
# 
_diffrn_radiation.collimation                      ? 
_diffrn_radiation.diffrn_id                        1 
_diffrn_radiation.filter_edge                      ? 
_diffrn_radiation.inhomogeneity                    ? 
_diffrn_radiation.monochromator                    ? 
_diffrn_radiation.polarisn_norm                    ? 
_diffrn_radiation.polarisn_ratio                   ? 
_diffrn_radiation.probe                            ? 
_diffrn_radiation.type                             ? 
_diffrn_radiation.xray_symbol                      ? 
_diffrn_radiation.wavelength_id                    1 
_diffrn_radiation.pdbx_monochromatic_or_laue_m_l   M 
_diffrn_radiation.pdbx_wavelength_list             ? 
_diffrn_radiation.pdbx_wavelength                  ? 
_diffrn_radiation.pdbx_diffrn_protocol             'SINGLE WAVELENGTH' 
_diffrn_radiation.pdbx_analyzer                    ? 
_diffrn_radiation.pdbx_scattering_type             x-ray 
# 
_diffrn_radiation_wavelength.id           1 
_diffrn_radiation_wavelength.wavelength   0.91973 
_diffrn_radiation_wavelength.wt           1.0 
# 
_diffrn_source.current                     ? 
_diffrn_source.details                     ? 
_diffrn_source.diffrn_id                   1 
_diffrn_source.power                       ? 
_diffrn_source.size                        ? 
_diffrn_source.source                      SYNCHROTRON 
_diffrn_source.target                      ? 
_diffrn_source.type                        'PHOTON FACTORY BEAMLINE BL-5A' 
_diffrn_source.voltage                     ? 
_diffrn_source.take-off_angle              ? 
_diffrn_source.pdbx_wavelength_list        0.91973 
_diffrn_source.pdbx_wavelength             ? 
_diffrn_source.pdbx_synchrotron_beamline   BL-5A 
_diffrn_source.pdbx_synchrotron_site       'Photon Factory' 
# 
_reflns.B_iso_Wilson_estimate                          41.924 
_reflns.entry_id                                       7XKM 
_reflns.data_reduction_details                         ? 
_reflns.data_reduction_method                          ? 
_reflns.d_resolution_high                              2.790 
_reflns.d_resolution_low                               36.960 
_reflns.details                                        ? 
_reflns.limit_h_max                                    ? 
_reflns.limit_h_min                                    ? 
_reflns.limit_k_max                                    ? 
_reflns.limit_k_min                                    ? 
_reflns.limit_l_max                                    ? 
_reflns.limit_l_min                                    ? 
_reflns.number_all                                     ? 
_reflns.number_obs                                     10286 
_reflns.observed_criterion                             ? 
_reflns.observed_criterion_F_max                       ? 
_reflns.observed_criterion_F_min                       ? 
_reflns.observed_criterion_I_max                       ? 
_reflns.observed_criterion_I_min                       ? 
_reflns.observed_criterion_sigma_F                     ? 
_reflns.observed_criterion_sigma_I                     ? 
_reflns.percent_possible_obs                           99.900 
_reflns.R_free_details                                 ? 
_reflns.Rmerge_F_all                                   ? 
_reflns.Rmerge_F_obs                                   ? 
_reflns.Friedel_coverage                               ? 
_reflns.number_gt                                      ? 
_reflns.threshold_expression                           ? 
_reflns.pdbx_redundancy                                21.109 
_reflns.pdbx_Rmerge_I_obs                              0.115 
_reflns.pdbx_Rmerge_I_all                              ? 
_reflns.pdbx_Rsym_value                                ? 
_reflns.pdbx_netI_over_av_sigmaI                       ? 
_reflns.pdbx_netI_over_sigmaI                          22.550 
_reflns.pdbx_res_netI_over_av_sigmaI_2                 ? 
_reflns.pdbx_res_netI_over_sigmaI_2                    ? 
_reflns.pdbx_chi_squared                               1.275 
_reflns.pdbx_scaling_rejects                           ? 
_reflns.pdbx_d_res_high_opt                            ? 
_reflns.pdbx_d_res_low_opt                             ? 
_reflns.pdbx_d_res_opt_method                          ? 
_reflns.phase_calculation_details                      ? 
_reflns.pdbx_Rrim_I_all                                0.117 
_reflns.pdbx_Rpim_I_all                                ? 
_reflns.pdbx_d_opt                                     ? 
_reflns.pdbx_number_measured_all                       ? 
_reflns.pdbx_diffrn_id                                 1 
_reflns.pdbx_ordinal                                   1 
_reflns.pdbx_CC_half                                   1.000 
_reflns.pdbx_CC_star                                   ? 
_reflns.pdbx_R_split                                   ? 
_reflns.pdbx_aniso_diffraction_limit_axis_1_ortho[1]   ? 
_reflns.pdbx_aniso_diffraction_limit_axis_1_ortho[2]   ? 
_reflns.pdbx_aniso_diffraction_limit_axis_1_ortho[3]   ? 
_reflns.pdbx_aniso_diffraction_limit_axis_2_ortho[1]   ? 
_reflns.pdbx_aniso_diffraction_limit_axis_2_ortho[2]   ? 
_reflns.pdbx_aniso_diffraction_limit_axis_2_ortho[3]   ? 
_reflns.pdbx_aniso_diffraction_limit_axis_3_ortho[1]   ? 
_reflns.pdbx_aniso_diffraction_limit_axis_3_ortho[2]   ? 
_reflns.pdbx_aniso_diffraction_limit_axis_3_ortho[3]   ? 
_reflns.pdbx_aniso_diffraction_limit_1                 ? 
_reflns.pdbx_aniso_diffraction_limit_2                 ? 
_reflns.pdbx_aniso_diffraction_limit_3                 ? 
_reflns.pdbx_aniso_B_tensor_eigenvector_1_ortho[1]     ? 
_reflns.pdbx_aniso_B_tensor_eigenvector_1_ortho[2]     ? 
_reflns.pdbx_aniso_B_tensor_eigenvector_1_ortho[3]     ? 
_reflns.pdbx_aniso_B_tensor_eigenvector_2_ortho[1]     ? 
_reflns.pdbx_aniso_B_tensor_eigenvector_2_ortho[2]     ? 
_reflns.pdbx_aniso_B_tensor_eigenvector_2_ortho[3]     ? 
_reflns.pdbx_aniso_B_tensor_eigenvector_3_ortho[1]     ? 
_reflns.pdbx_aniso_B_tensor_eigenvector_3_ortho[2]     ? 
_reflns.pdbx_aniso_B_tensor_eigenvector_3_ortho[3]     ? 
_reflns.pdbx_aniso_B_tensor_eigenvalue_1               ? 
_reflns.pdbx_aniso_B_tensor_eigenvalue_2               ? 
_reflns.pdbx_aniso_B_tensor_eigenvalue_3               ? 
_reflns.pdbx_orthogonalization_convention              ? 
_reflns.pdbx_percent_possible_ellipsoidal              ? 
_reflns.pdbx_percent_possible_spherical                ? 
_reflns.pdbx_percent_possible_ellipsoidal_anomalous    ? 
_reflns.pdbx_percent_possible_spherical_anomalous      ? 
_reflns.pdbx_redundancy_anomalous                      ? 
_reflns.pdbx_CC_half_anomalous                         ? 
_reflns.pdbx_absDiff_over_sigma_anomalous              ? 
_reflns.pdbx_percent_possible_anomalous                ? 
_reflns.pdbx_observed_signal_threshold                 ? 
_reflns.pdbx_signal_type                               ? 
_reflns.pdbx_signal_details                            ? 
_reflns.pdbx_signal_software_id                        ? 
_reflns.pdbx_CC_split_method                           ? 
# 
loop_
_reflns_shell.d_res_high 
_reflns_shell.d_res_low 
_reflns_shell.meanI_over_sigI_all 
_reflns_shell.meanI_over_sigI_obs 
_reflns_shell.number_measured_all 
_reflns_shell.number_measured_obs 
_reflns_shell.number_possible 
_reflns_shell.number_unique_all 
_reflns_shell.number_unique_obs 
_reflns_shell.percent_possible_all 
_reflns_shell.percent_possible_obs 
_reflns_shell.Rmerge_F_all 
_reflns_shell.Rmerge_F_obs 
_reflns_shell.Rmerge_I_all 
_reflns_shell.Rmerge_I_obs 
_reflns_shell.meanI_over_sigI_gt 
_reflns_shell.meanI_over_uI_all 
_reflns_shell.meanI_over_uI_gt 
_reflns_shell.number_measured_gt 
_reflns_shell.number_unique_gt 
_reflns_shell.percent_possible_gt 
_reflns_shell.Rmerge_F_gt 
_reflns_shell.Rmerge_I_gt 
_reflns_shell.pdbx_redundancy 
_reflns_shell.pdbx_Rsym_value 
_reflns_shell.pdbx_chi_squared 
_reflns_shell.pdbx_netI_over_sigmaI_all 
_reflns_shell.pdbx_netI_over_sigmaI_obs 
_reflns_shell.pdbx_Rrim_I_all 
_reflns_shell.pdbx_Rpim_I_all 
_reflns_shell.pdbx_rejects 
_reflns_shell.pdbx_ordinal 
_reflns_shell.pdbx_diffrn_id 
_reflns_shell.pdbx_CC_half 
_reflns_shell.pdbx_CC_star 
_reflns_shell.pdbx_R_split 
_reflns_shell.pdbx_percent_possible_ellipsoidal 
_reflns_shell.pdbx_percent_possible_spherical 
_reflns_shell.pdbx_percent_possible_ellipsoidal_anomalous 
_reflns_shell.pdbx_percent_possible_spherical_anomalous 
_reflns_shell.pdbx_redundancy_anomalous 
_reflns_shell.pdbx_CC_half_anomalous 
_reflns_shell.pdbx_absDiff_over_sigma_anomalous 
_reflns_shell.pdbx_percent_possible_anomalous 
2.800  2.870  ? 10.430 ? 15001 767 ? 764 99.600  ? ? ? ? 0.257 ? ? ? ? ? ? ? ? 19.635 ? ? ? ? 0.264 ? ? 1  1 0.997 ? ? ? ? ? ? ? ? 
? ? 
2.870  2.950  ? 9.070  ? 15715 723 ? 723 100.000 ? ? ? ? 0.344 ? ? ? ? ? ? ? ? 21.736 ? ? ? ? 0.352 ? ? 2  1 0.994 ? ? ? ? ? ? ? ? 
? ? 
2.950  3.030  ? 10.920 ? 15900 731 ? 731 100.000 ? ? ? ? 0.291 ? ? ? ? ? ? ? ? 21.751 ? ? ? ? 0.298 ? ? 3  1 0.995 ? ? ? ? ? ? ? ? 
? ? 
3.030  3.130  ? 12.780 ? 14879 691 ? 691 100.000 ? ? ? ? 0.239 ? ? ? ? ? ? ? ? 21.533 ? ? ? ? 0.244 ? ? 4  1 0.996 ? ? ? ? ? ? ? ? 
? ? 
3.130  3.230  ? 14.010 ? 14768 687 ? 687 100.000 ? ? ? ? 0.208 ? ? ? ? ? ? ? ? 21.496 ? ? ? ? 0.213 ? ? 5  1 0.998 ? ? ? ? ? ? ? ? 
? ? 
3.230  3.340  ? 13.600 ? 14000 652 ? 652 100.000 ? ? ? ? 0.222 ? ? ? ? ? ? ? ? 21.472 ? ? ? ? 0.227 ? ? 6  1 0.997 ? ? ? ? ? ? ? ? 
? ? 
3.340  3.470  ? 13.530 ? 13197 638 ? 638 100.000 ? ? ? ? 0.239 ? ? ? ? ? ? ? ? 20.685 ? ? ? ? 0.245 ? ? 7  1 0.996 ? ? ? ? ? ? ? ? 
? ? 
3.470  3.610  ? 17.750 ? 12222 609 ? 609 100.000 ? ? ? ? 0.166 ? ? ? ? ? ? ? ? 20.069 ? ? ? ? 0.170 ? ? 8  1 0.998 ? ? ? ? ? ? ? ? 
? ? 
3.610  3.770  ? 20.400 ? 11823 577 ? 577 100.000 ? ? ? ? 0.148 ? ? ? ? ? ? ? ? 20.490 ? ? ? ? 0.151 ? ? 9  1 0.999 ? ? ? ? ? ? ? ? 
? ? 
3.770  3.950  ? 24.030 ? 12452 570 ? 570 100.000 ? ? ? ? 0.135 ? ? ? ? ? ? ? ? 21.846 ? ? ? ? 0.138 ? ? 10 1 0.999 ? ? ? ? ? ? ? ? 
? ? 
3.950  4.170  ? 26.480 ? 11757 534 ? 534 100.000 ? ? ? ? 0.119 ? ? ? ? ? ? ? ? 22.017 ? ? ? ? 0.122 ? ? 11 1 0.999 ? ? ? ? ? ? ? ? 
? ? 
4.170  4.420  ? 25.690 ? 10852 497 ? 497 100.000 ? ? ? ? 0.125 ? ? ? ? ? ? ? ? 21.835 ? ? ? ? 0.128 ? ? 12 1 0.999 ? ? ? ? ? ? ? ? 
? ? 
4.420  4.720  ? 27.510 ? 10270 476 ? 476 100.000 ? ? ? ? 0.119 ? ? ? ? ? ? ? ? 21.576 ? ? ? ? 0.122 ? ? 13 1 0.999 ? ? ? ? ? ? ? ? 
? ? 
4.720  5.100  ? 24.360 ? 9014  443 ? 442 99.800  ? ? ? ? 0.136 ? ? ? ? ? ? ? ? 20.394 ? ? ? ? 0.140 ? ? 14 1 0.998 ? ? ? ? ? ? ? ? 
? ? 
5.100  5.590  ? 31.100 ? 8053  405 ? 405 100.000 ? ? ? ? 0.103 ? ? ? ? ? ? ? ? 19.884 ? ? ? ? 0.106 ? ? 15 1 0.999 ? ? ? ? ? ? ? ? 
? ? 
5.590  6.250  ? 37.350 ? 7728  359 ? 359 100.000 ? ? ? ? 0.087 ? ? ? ? ? ? ? ? 21.526 ? ? ? ? 0.089 ? ? 16 1 0.999 ? ? ? ? ? ? ? ? 
? ? 
6.250  7.220  ? 52.780 ? 7156  328 ? 328 100.000 ? ? ? ? 0.057 ? ? ? ? ? ? ? ? 21.817 ? ? ? ? 0.058 ? ? 17 1 1.000 ? ? ? ? ? ? ? ? 
? ? 
7.220  8.840  ? 65.590 ? 5677  272 ? 272 100.000 ? ? ? ? 0.040 ? ? ? ? ? ? ? ? 20.871 ? ? ? ? 0.041 ? ? 18 1 1.000 ? ? ? ? ? ? ? ? 
? ? 
8.840  12.500 ? 70.670 ? 4153  214 ? 214 100.000 ? ? ? ? 0.035 ? ? ? ? ? ? ? ? 19.407 ? ? ? ? 0.036 ? ? 19 1 1.000 ? ? ? ? ? ? ? ? 
? ? 
12.500 36.960 ? 86.290 ? 2512  119 ? 117 98.300  ? ? ? ? 0.026 ? ? ? ? ? ? ? ? 21.470 ? ? ? ? 0.027 ? ? 20 1 1.000 ? ? ? ? ? ? ? ? 
? ? 
# 
_refine.aniso_B[1][1]                            ? 
_refine.aniso_B[1][2]                            ? 
_refine.aniso_B[1][3]                            ? 
_refine.aniso_B[2][2]                            ? 
_refine.aniso_B[2][3]                            ? 
_refine.aniso_B[3][3]                            ? 
_refine.B_iso_max                                98.150 
_refine.B_iso_mean                               46.1664 
_refine.B_iso_min                                30.370 
_refine.correlation_coeff_Fo_to_Fc               ? 
_refine.correlation_coeff_Fo_to_Fc_free          ? 
_refine.details                                  ? 
_refine.diff_density_max                         ? 
_refine.diff_density_max_esd                     ? 
_refine.diff_density_min                         ? 
_refine.diff_density_min_esd                     ? 
_refine.diff_density_rms                         ? 
_refine.diff_density_rms_esd                     ? 
_refine.entry_id                                 7XKM 
_refine.pdbx_refine_id                           'X-RAY DIFFRACTION' 
_refine.ls_abs_structure_details                 ? 
_refine.ls_abs_structure_Flack                   ? 
_refine.ls_abs_structure_Flack_esd               ? 
_refine.ls_abs_structure_Rogers                  ? 
_refine.ls_abs_structure_Rogers_esd              ? 
_refine.ls_d_res_high                            2.7900 
_refine.ls_d_res_low                             36.9600 
_refine.ls_extinction_coef                       ? 
_refine.ls_extinction_coef_esd                   ? 
_refine.ls_extinction_expression                 ? 
_refine.ls_extinction_method                     ? 
_refine.ls_goodness_of_fit_all                   ? 
_refine.ls_goodness_of_fit_all_esd               ? 
_refine.ls_goodness_of_fit_obs                   ? 
_refine.ls_goodness_of_fit_obs_esd               ? 
_refine.ls_hydrogen_treatment                    ? 
_refine.ls_matrix_type                           ? 
_refine.ls_number_constraints                    ? 
_refine.ls_number_parameters                     ? 
_refine.ls_number_reflns_all                     ? 
_refine.ls_number_reflns_obs                     10274 
_refine.ls_number_reflns_R_free                  1037 
_refine.ls_number_reflns_R_work                  9237 
_refine.ls_number_restraints                     ? 
_refine.ls_percent_reflns_obs                    99.7800 
_refine.ls_percent_reflns_R_free                 10.0900 
_refine.ls_R_factor_all                          ? 
_refine.ls_R_factor_obs                          0.1901 
_refine.ls_R_factor_R_free                       0.2170 
_refine.ls_R_factor_R_free_error                 ? 
_refine.ls_R_factor_R_free_error_details         ? 
_refine.ls_R_factor_R_work                       0.1869 
_refine.ls_R_Fsqd_factor_obs                     ? 
_refine.ls_R_I_factor_obs                        ? 
_refine.ls_redundancy_reflns_all                 ? 
_refine.ls_redundancy_reflns_obs                 ? 
_refine.ls_restrained_S_all                      ? 
_refine.ls_restrained_S_obs                      ? 
_refine.ls_shift_over_esd_max                    ? 
_refine.ls_shift_over_esd_mean                   ? 
_refine.ls_structure_factor_coef                 ? 
_refine.ls_weighting_details                     ? 
_refine.ls_weighting_scheme                      ? 
_refine.ls_wR_factor_all                         ? 
_refine.ls_wR_factor_obs                         ? 
_refine.ls_wR_factor_R_free                      ? 
_refine.ls_wR_factor_R_work                      ? 
_refine.occupancy_max                            ? 
_refine.occupancy_min                            ? 
_refine.solvent_model_details                    'FLAT BULK SOLVENT MODEL' 
_refine.solvent_model_param_bsol                 ? 
_refine.solvent_model_param_ksol                 ? 
_refine.pdbx_R_complete                          ? 
_refine.ls_R_factor_gt                           ? 
_refine.ls_goodness_of_fit_gt                    ? 
_refine.ls_goodness_of_fit_ref                   ? 
_refine.ls_shift_over_su_max                     ? 
_refine.ls_shift_over_su_max_lt                  ? 
_refine.ls_shift_over_su_mean                    ? 
_refine.ls_shift_over_su_mean_lt                 ? 
_refine.pdbx_ls_sigma_I                          ? 
_refine.pdbx_ls_sigma_F                          1.360 
_refine.pdbx_ls_sigma_Fsqd                       ? 
_refine.pdbx_data_cutoff_high_absF               ? 
_refine.pdbx_data_cutoff_high_rms_absF           ? 
_refine.pdbx_data_cutoff_low_absF                ? 
_refine.pdbx_isotropic_thermal_model             ? 
_refine.pdbx_ls_cross_valid_method               THROUGHOUT 
_refine.pdbx_method_to_determine_struct          SAD 
_refine.pdbx_starting_model                      ? 
_refine.pdbx_stereochemistry_target_values       ML 
_refine.pdbx_R_Free_selection_details            ? 
_refine.pdbx_stereochem_target_val_spec_case     ? 
_refine.pdbx_overall_ESU_R                       ? 
_refine.pdbx_overall_ESU_R_Free                  ? 
_refine.pdbx_solvent_vdw_probe_radii             1.1100 
_refine.pdbx_solvent_ion_probe_radii             ? 
_refine.pdbx_solvent_shrinkage_radii             0.9000 
_refine.pdbx_real_space_R                        ? 
_refine.pdbx_density_correlation                 ? 
_refine.pdbx_pd_number_of_powder_patterns        ? 
_refine.pdbx_pd_number_of_points                 ? 
_refine.pdbx_pd_meas_number_of_points            ? 
_refine.pdbx_pd_proc_ls_prof_R_factor            ? 
_refine.pdbx_pd_proc_ls_prof_wR_factor           ? 
_refine.pdbx_pd_Marquardt_correlation_coeff      ? 
_refine.pdbx_pd_Fsqrd_R_factor                   ? 
_refine.pdbx_pd_ls_matrix_band_width             ? 
_refine.pdbx_overall_phase_error                 26.9000 
_refine.pdbx_overall_SU_R_free_Cruickshank_DPI   ? 
_refine.pdbx_overall_SU_R_free_Blow_DPI          ? 
_refine.pdbx_overall_SU_R_Blow_DPI               ? 
_refine.pdbx_TLS_residual_ADP_flag               ? 
_refine.pdbx_diffrn_id                           1 
_refine.overall_SU_B                             ? 
_refine.overall_SU_ML                            0.2400 
_refine.overall_SU_R_Cruickshank_DPI             ? 
_refine.overall_SU_R_free                        ? 
_refine.overall_FOM_free_R_set                   ? 
_refine.overall_FOM_work_R_set                   ? 
_refine.pdbx_average_fsc_overall                 ? 
_refine.pdbx_average_fsc_work                    ? 
_refine.pdbx_average_fsc_free                    ? 
# 
_refine_hist.pdbx_refine_id                   'X-RAY DIFFRACTION' 
_refine_hist.cycle_id                         final 
_refine_hist.details                          ? 
_refine_hist.d_res_high                       2.7900 
_refine_hist.d_res_low                        36.9600 
_refine_hist.number_atoms_solvent             6 
_refine_hist.number_atoms_total               985 
_refine_hist.number_reflns_all                ? 
_refine_hist.number_reflns_obs                ? 
_refine_hist.number_reflns_R_free             ? 
_refine_hist.number_reflns_R_work             ? 
_refine_hist.R_factor_all                     ? 
_refine_hist.R_factor_obs                     ? 
_refine_hist.R_factor_R_free                  ? 
_refine_hist.R_factor_R_work                  ? 
_refine_hist.pdbx_number_residues_total       48 
_refine_hist.pdbx_B_iso_mean_ligand           49.77 
_refine_hist.pdbx_B_iso_mean_solvent          34.19 
_refine_hist.pdbx_number_atoms_protein        0 
_refine_hist.pdbx_number_atoms_nucleic_acid   956 
_refine_hist.pdbx_number_atoms_ligand         23 
_refine_hist.pdbx_number_atoms_lipid          ? 
_refine_hist.pdbx_number_atoms_carb           ? 
_refine_hist.pdbx_pseudo_atom_details         ? 
# 
loop_
_refine_ls_shell.pdbx_refine_id 
_refine_ls_shell.d_res_high 
_refine_ls_shell.d_res_low 
_refine_ls_shell.number_reflns_all 
_refine_ls_shell.number_reflns_obs 
_refine_ls_shell.number_reflns_R_free 
_refine_ls_shell.number_reflns_R_work 
_refine_ls_shell.percent_reflns_obs 
_refine_ls_shell.percent_reflns_R_free 
_refine_ls_shell.R_factor_all 
_refine_ls_shell.R_factor_obs 
_refine_ls_shell.R_factor_R_free 
_refine_ls_shell.R_factor_R_free_error 
_refine_ls_shell.R_factor_R_work 
_refine_ls_shell.redundancy_reflns_all 
_refine_ls_shell.redundancy_reflns_obs 
_refine_ls_shell.wR_factor_all 
_refine_ls_shell.wR_factor_obs 
_refine_ls_shell.wR_factor_R_free 
_refine_ls_shell.wR_factor_R_work 
_refine_ls_shell.pdbx_R_complete 
_refine_ls_shell.pdbx_total_number_of_bins_used 
_refine_ls_shell.pdbx_phase_error 
_refine_ls_shell.pdbx_fsc_work 
_refine_ls_shell.pdbx_fsc_free 
'X-RAY DIFFRACTION' 2.7900 2.9400  1450 . 144 1306 99.0000  . . . 0.2294 0.0000 0.1939 . . . . . . . 7 . . . 
'X-RAY DIFFRACTION' 2.9400 3.1300  1473 . 144 1329 100.0000 . . . 0.2571 0.0000 0.1846 . . . . . . . 7 . . . 
'X-RAY DIFFRACTION' 3.1300 3.3700  1484 . 153 1331 100.0000 . . . 0.2417 0.0000 0.1999 . . . . . . . 7 . . . 
'X-RAY DIFFRACTION' 3.3700 3.7100  1452 . 153 1299 100.0000 . . . 0.2814 0.0000 0.1973 . . . . . . . 7 . . . 
'X-RAY DIFFRACTION' 3.7100 4.2400  1478 . 153 1325 100.0000 . . . 0.1767 0.0000 0.1823 . . . . . . . 7 . . . 
'X-RAY DIFFRACTION' 4.2400 5.3400  1461 . 140 1321 100.0000 . . . 0.2608 0.0000 0.2061 . . . . . . . 7 . . . 
'X-RAY DIFFRACTION' 5.3400 36.9600 1476 . 150 1326 100.0000 . . . 0.1584 0.0000 0.1670 . . . . . . . 7 . . . 
# 
_struct.entry_id                     7XKM 
_struct.title                        'Crystal structure of DNA-Ag(I) rod comprising a one-dimensional array of 11 silver ions' 
_struct.pdbx_model_details           ? 
_struct.pdbx_formula_weight          ? 
_struct.pdbx_formula_weight_method   ? 
_struct.pdbx_model_type_details      ? 
_struct.pdbx_CASP_flag               N 
# 
_struct_keywords.entry_id        7XKM 
_struct_keywords.text            'DNA, Silver, Rod' 
_struct_keywords.pdbx_keywords   DNA 
# 
loop_
_struct_asym.id 
_struct_asym.pdbx_blank_PDB_chainid_flag 
_struct_asym.pdbx_modified 
_struct_asym.entity_id 
_struct_asym.details 
A  N N 1 ? 
B  N N 1 ? 
C  N N 1 ? 
D  N N 1 ? 
E  N N 2 ? 
F  N N 2 ? 
G  N N 2 ? 
H  N N 2 ? 
I  N N 2 ? 
J  N N 2 ? 
K  N N 2 ? 
L  N N 2 ? 
M  N N 2 ? 
N  N N 2 ? 
O  N N 2 ? 
P  N N 2 ? 
Q  N N 2 ? 
R  N N 2 ? 
S  N N 2 ? 
T  N N 2 ? 
U  N N 2 ? 
V  N N 2 ? 
W  N N 2 ? 
X  N N 2 ? 
Y  N N 2 ? 
Z  N N 2 ? 
AA N N 2 ? 
BA N N 3 ? 
CA N N 3 ? 
DA N N 3 ? 
EA N N 3 ? 
# 
_struct_ref.id                         1 
_struct_ref.db_name                    PDB 
_struct_ref.db_code                    7XKM 
_struct_ref.pdbx_db_accession          7XKM 
_struct_ref.pdbx_db_isoform            ? 
_struct_ref.entity_id                  1 
_struct_ref.pdbx_seq_one_letter_code   ? 
_struct_ref.pdbx_align_begin           1 
# 
loop_
_struct_ref_seq.align_id 
_struct_ref_seq.ref_id 
_struct_ref_seq.pdbx_PDB_id_code 
_struct_ref_seq.pdbx_strand_id 
_struct_ref_seq.seq_align_beg 
_struct_ref_seq.pdbx_seq_align_beg_ins_code 
_struct_ref_seq.seq_align_end 
_struct_ref_seq.pdbx_seq_align_end_ins_code 
_struct_ref_seq.pdbx_db_accession 
_struct_ref_seq.db_align_beg 
_struct_ref_seq.pdbx_db_align_beg_ins_code 
_struct_ref_seq.db_align_end 
_struct_ref_seq.pdbx_db_align_end_ins_code 
_struct_ref_seq.pdbx_auth_seq_align_beg 
_struct_ref_seq.pdbx_auth_seq_align_end 
1 1 7XKM A 1 ? 12 ? 7XKM 1 ? 12 ? 1 12 
2 1 7XKM B 1 ? 12 ? 7XKM 1 ? 12 ? 1 12 
3 1 7XKM C 1 ? 12 ? 7XKM 1 ? 12 ? 1 12 
4 1 7XKM D 1 ? 12 ? 7XKM 1 ? 12 ? 1 12 
# 
_pdbx_struct_assembly.id                   1 
_pdbx_struct_assembly.details              author_defined_assembly 
_pdbx_struct_assembly.method_details       ? 
_pdbx_struct_assembly.oligomeric_details   tetrameric 
_pdbx_struct_assembly.oligomeric_count     4 
# 
loop_
_pdbx_struct_assembly_prop.biol_id 
_pdbx_struct_assembly_prop.type 
_pdbx_struct_assembly_prop.value 
_pdbx_struct_assembly_prop.details 
1 'ABSA (A^2)' 12380 ? 
1 MORE         -129  ? 
1 'SSA (A^2)'  5190  ? 
# 
_pdbx_struct_assembly_gen.assembly_id       1 
_pdbx_struct_assembly_gen.oper_expression   1 
_pdbx_struct_assembly_gen.asym_id_list      A,B,C,D,E,F,G,H,I,J,K,L,M,N,O,P,Q,R,S,T,U,V,W,X,Y,Z,AA,BA,CA,DA,EA 
# 
_pdbx_struct_assembly_auth_evidence.id                     1 
_pdbx_struct_assembly_auth_evidence.assembly_id            1 
_pdbx_struct_assembly_auth_evidence.experimental_support   'mass spectrometry' 
_pdbx_struct_assembly_auth_evidence.details                ? 
# 
_pdbx_struct_oper_list.id                   1 
_pdbx_struct_oper_list.type                 'identity operation' 
_pdbx_struct_oper_list.name                 1_555 
_pdbx_struct_oper_list.symmetry_operation   x,y,z 
_pdbx_struct_oper_list.matrix[1][1]         1.0000000000 
_pdbx_struct_oper_list.matrix[1][2]         0.0000000000 
_pdbx_struct_oper_list.matrix[1][3]         0.0000000000 
_pdbx_struct_oper_list.vector[1]            0.0000000000 
_pdbx_struct_oper_list.matrix[2][1]         0.0000000000 
_pdbx_struct_oper_list.matrix[2][2]         1.0000000000 
_pdbx_struct_oper_list.matrix[2][3]         0.0000000000 
_pdbx_struct_oper_list.vector[2]            0.0000000000 
_pdbx_struct_oper_list.matrix[3][1]         0.0000000000 
_pdbx_struct_oper_list.matrix[3][2]         0.0000000000 
_pdbx_struct_oper_list.matrix[3][3]         1.0000000000 
_pdbx_struct_oper_list.vector[3]            0.0000000000 
# 
loop_
_struct_conn.id 
_struct_conn.conn_type_id 
_struct_conn.pdbx_leaving_atom_flag 
_struct_conn.pdbx_PDB_id 
_struct_conn.ptnr1_label_asym_id 
_struct_conn.ptnr1_label_comp_id 
_struct_conn.ptnr1_label_seq_id 
_struct_conn.ptnr1_label_atom_id 
_struct_conn.pdbx_ptnr1_label_alt_id 
_struct_conn.pdbx_ptnr1_PDB_ins_code 
_struct_conn.pdbx_ptnr1_standard_comp_id 
_struct_conn.ptnr1_symmetry 
_struct_conn.ptnr2_label_asym_id 
_struct_conn.ptnr2_label_comp_id 
_struct_conn.ptnr2_label_seq_id 
_struct_conn.ptnr2_label_atom_id 
_struct_conn.pdbx_ptnr2_label_alt_id 
_struct_conn.pdbx_ptnr2_PDB_ins_code 
_struct_conn.ptnr1_auth_asym_id 
_struct_conn.ptnr1_auth_comp_id 
_struct_conn.ptnr1_auth_seq_id 
_struct_conn.ptnr2_auth_asym_id 
_struct_conn.ptnr2_auth_comp_id 
_struct_conn.ptnr2_auth_seq_id 
_struct_conn.ptnr2_symmetry 
_struct_conn.pdbx_ptnr3_label_atom_id 
_struct_conn.pdbx_ptnr3_label_seq_id 
_struct_conn.pdbx_ptnr3_label_comp_id 
_struct_conn.pdbx_ptnr3_label_asym_id 
_struct_conn.pdbx_ptnr3_label_alt_id 
_struct_conn.pdbx_ptnr3_PDB_ins_code 
_struct_conn.details 
_struct_conn.pdbx_dist_value 
_struct_conn.pdbx_value_order 
_struct_conn.pdbx_role 
covale1  covale both ? A DC  5  "O3'" ? ? ? 1_555  A  BRU 6  P  ? ? A DC  5   A BRU 6   1_555 ? ? ? ? ? ? ?                1.601 ? 
? 
covale2  covale both ? A BRU 6  "O3'" ? ? ? 1_555  A  DC  7  P  ? ? A BRU 6   A DC  7   1_555 ? ? ? ? ? ? ?                1.600 ? 
? 
covale3  covale both ? A DC  7  "O3'" ? ? ? 1_555  A  BRU 8  P  ? ? A DC  7   A BRU 8   1_555 ? ? ? ? ? ? ?                1.603 ? 
? 
covale4  covale both ? A BRU 8  "O3'" ? ? ? 1_555  A  DC  9  P  ? ? A BRU 8   A DC  9   1_555 ? ? ? ? ? ? ?                1.610 ? 
? 
covale5  covale both ? B DC  5  "O3'" ? ? ? 1_555  B  BRU 6  P  ? ? B DC  5   B BRU 6   1_555 ? ? ? ? ? ? ?                1.599 ? 
? 
covale6  covale both ? B BRU 6  "O3'" ? ? ? 1_555  B  DC  7  P  ? ? B BRU 6   B DC  7   1_555 ? ? ? ? ? ? ?                1.603 ? 
? 
covale7  covale both ? B DC  7  "O3'" ? ? ? 1_555  B  BRU 8  P  ? ? B DC  7   B BRU 8   1_555 ? ? ? ? ? ? ?                1.607 ? 
? 
covale8  covale both ? B BRU 8  "O3'" ? ? ? 1_555  B  DC  9  P  ? ? B BRU 8   B DC  9   1_555 ? ? ? ? ? ? ?                1.604 ? 
? 
covale9  covale both ? C DC  5  "O3'" ? ? ? 1_555  C  BRU 6  P  ? ? C DC  5   C BRU 6   1_555 ? ? ? ? ? ? ?                1.604 ? 
? 
covale10 covale both ? C BRU 6  "O3'" ? ? ? 1_555  C  DC  7  P  ? ? C BRU 6   C DC  7   1_555 ? ? ? ? ? ? ?                1.601 ? 
? 
covale11 covale both ? C DC  7  "O3'" ? ? ? 1_555  C  BRU 8  P  ? ? C DC  7   C BRU 8   1_555 ? ? ? ? ? ? ?                1.601 ? 
? 
covale12 covale both ? C BRU 8  "O3'" ? ? ? 1_555  C  DC  9  P  ? ? C BRU 8   C DC  9   1_555 ? ? ? ? ? ? ?                1.605 ? 
? 
covale13 covale both ? D DC  5  "O3'" ? ? ? 1_555  D  BRU 6  P  ? ? D DC  5   D BRU 6   1_555 ? ? ? ? ? ? ?                1.602 ? 
? 
covale14 covale both ? D BRU 6  "O3'" ? ? ? 1_555  D  DC  7  P  ? ? D BRU 6   D DC  7   1_555 ? ? ? ? ? ? ?                1.606 ? 
? 
covale15 covale both ? D DC  7  "O3'" ? ? ? 1_555  D  BRU 8  P  ? ? D DC  7   D BRU 8   1_555 ? ? ? ? ? ? ?                1.603 ? 
? 
covale16 covale both ? D BRU 8  "O3'" ? ? ? 1_555  D  DC  9  P  ? ? D BRU 8   D DC  9   1_555 ? ? ? ? ? ? ?                1.606 ? 
? 
metalc1  metalc ?    ? A DC  1  N3    ? ? ? 1_555  N  AG  .  AG ? ? A DC  1   B AG  101 1_555 ? ? ? ? ? ? ?                2.210 ? 
? 
metalc2  metalc ?    ? A DG  2  N7    ? ? ? 1_555  O  AG  .  AG ? ? A DG  2   B AG  102 1_555 ? ? ? ? ? ? ?                2.183 ? 
? 
metalc3  metalc ?    ? A DC  3  N3    ? ? ? 1_555  E  AG  .  AG ? ? A DC  3   A AG  101 1_555 ? ? ? ? ? ? ?                2.186 ? 
? 
metalc4  metalc ?    ? A DG  4  N7    ? ? ? 1_555  F  AG  .  AG ? ? A DG  4   A AG  102 1_555 ? ? ? ? ? ? ?                2.241 ? 
? 
metalc5  metalc ?    ? A DC  5  N3    ? ? ? 1_555  P  AG  .  AG ? ? A DC  5   B AG  103 1_555 ? ? ? ? ? ? ?                2.128 ? 
? 
metalc6  metalc ?    ? A BRU 6  N3    ? ? ? 1_555  G  AG  .  AG ? ? A BRU 6   A AG  103 1_555 ? ? ? ? ? ? ?                1.918 ? 
? 
metalc7  metalc ?    ? A DC  7  N3    ? ? ? 1_555  H  AG  .  AG ? ? A DC  7   A AG  104 1_555 ? ? ? ? ? ? ?                2.060 ? 
? 
metalc8  metalc ?    ? A BRU 8  N3    ? ? ? 1_555  I  AG  .  AG ? ? A BRU 8   A AG  105 1_555 ? ? ? ? ? ? ?                1.948 ? 
? 
metalc9  metalc ?    ? A BRU 8  O2    ? ? ? 1_555  I  AG  .  AG ? ? A BRU 8   A AG  105 1_555 ? ? ? ? ? ? ?                2.696 ? 
? 
metalc10 metalc ?    ? A DC  9  N3    ? ? ? 1_555  J  AG  .  AG ? ? A DC  9   A AG  106 1_555 ? ? ? ? ? ? ?                2.023 ? 
? 
metalc11 metalc ?    ? A DG  10 N7    ? ? ? 1_555  K  AG  .  AG ? ? A DG  10  A AG  107 1_555 ? ? ? ? ? ? ?                2.071 ? 
? 
metalc12 metalc ?    ? A DC  11 N3    ? ? ? 1_555  L  AG  .  AG ? ? A DC  11  A AG  108 1_555 ? ? ? ? ? ? ?                2.101 ? 
? 
metalc13 metalc ?    ? E AG  .  AG    ? ? ? 1_555  B  DC  9  N3 ? ? A AG  101 B DC  9   1_555 ? ? ? ? ? ? ?                2.222 ? 
? 
metalc14 metalc ?    ? F AG  .  AG    ? ? ? 1_555  B  BRU 8  N3 ? ? A AG  102 B BRU 8   1_555 ? ? ? ? ? ? ?                1.919 ? 
? 
metalc15 metalc ?    ? G AG  .  AG    ? ? ? 1_555  B  BRU 6  N3 ? ? A AG  103 B BRU 6   1_555 ? ? ? ? ? ? ?                1.904 ? 
? 
metalc16 metalc ?    ? H AG  .  AG    ? ? ? 1_555  B  DC  5  N3 ? ? A AG  104 B DC  5   1_555 ? ? ? ? ? ? ?                2.038 ? 
? 
metalc17 metalc ?    ? I AG  .  AG    ? ? ? 1_555  B  DG  4  N7 ? ? A AG  105 B DG  4   1_555 ? ? ? ? ? ? ?                2.022 ? 
? 
metalc18 metalc ?    ? J AG  .  AG    ? ? ? 1_555  B  DC  3  N3 ? ? A AG  106 B DC  3   1_555 ? ? ? ? ? ? ?                2.100 ? 
? 
metalc19 metalc ?    ? K AG  .  AG    ? ? ? 1_555  B  DG  2  N7 ? ? A AG  107 B DG  2   1_555 ? ? ? ? ? ? ?                2.159 ? 
? 
metalc20 metalc ?    ? L AG  .  AG    ? ? ? 1_555  B  DC  1  N3 ? ? A AG  108 B DC  1   1_555 ? ? ? ? ? ? ?                2.114 ? 
? 
metalc21 metalc ?    ? B DC  7  N3    ? ? ? 1_555  P  AG  .  AG ? ? B DC  7   B AG  103 1_555 ? ? ? ? ? ? ?                2.142 ? 
? 
metalc22 metalc ?    ? B DG  10 N7    ? ? ? 1_555  O  AG  .  AG ? ? B DG  10  B AG  102 1_555 ? ? ? ? ? ? ?                2.002 ? 
? 
metalc23 metalc ?    ? B DC  11 N3    ? ? ? 1_555  N  AG  .  AG ? ? B DC  11  B AG  101 1_555 ? ? ? ? ? ? ?                2.207 ? 
? 
metalc24 metalc ?    ? N AG  .  AG    ? ? ? 12_666 D  DG  12 O6 ? ? B AG  101 D DG  12  1_555 ? ? ? ? ? ? ?                2.680 ? 
? 
metalc25 metalc ?    ? C DC  1  N3    ? ? ? 1_555  AA AG  .  AG ? ? C DC  1   D AG  105 1_555 ? ? ? ? ? ? ?                2.052 ? 
? 
metalc26 metalc ?    ? C DG  2  N7    ? ? ? 1_555  V  AG  .  AG ? ? C DG  2   C AG  106 1_555 ? ? ? ? ? ? ?                2.009 ? 
? 
metalc27 metalc ?    ? C DC  3  N3    ? ? ? 1_555  U  AG  .  AG ? ? C DC  3   C AG  105 1_555 ? ? ? ? ? ? ?                2.296 ? 
? 
metalc28 metalc ?    ? C DG  4  N7    ? ? ? 1_555  Z  AG  .  AG ? ? C DG  4   D AG  104 1_555 ? ? ? ? ? ? ?                2.141 ? 
? 
metalc29 metalc ?    ? C DC  5  N3    ? ? ? 1_555  Y  AG  .  AG ? ? C DC  5   D AG  103 1_555 ? ? ? ? ? ? ?                2.010 ? 
? 
metalc30 metalc ?    ? C BRU 6  N3    ? ? ? 1_555  T  AG  .  AG ? ? C BRU 6   C AG  104 1_555 ? ? ? ? ? ? ?                1.877 ? 
? 
metalc31 metalc ?    ? C DC  7  N3    ? ? ? 1_555  S  AG  .  AG ? ? C DC  7   C AG  103 1_555 ? ? ? ? ? ? ?                2.153 ? 
? 
metalc32 metalc ?    ? C BRU 8  N3    ? ? ? 1_555  R  AG  .  AG ? ? C BRU 8   C AG  102 1_555 ? ? ? ? ? ? ?                1.909 ? 
? 
metalc33 metalc ?    ? C DC  9  N3    ? ? ? 1_555  X  AG  .  AG ? ? C DC  9   D AG  102 1_555 ? ? ? ? ? ? ?                1.984 ? 
? 
metalc34 metalc ?    ? C DG  10 N7    ? ? ? 1_555  W  AG  .  AG ? ? C DG  10  D AG  101 1_555 ? ? ? ? ? ? ?                2.172 ? 
? 
metalc35 metalc ?    ? C DC  11 N3    ? ? ? 1_555  Q  AG  .  AG ? ? C DC  11  C AG  101 1_555 ? ? ? ? ? ? ?                2.210 ? 
? 
metalc36 metalc ?    ? Q AG  .  AG    ? ? ? 1_555  D  DC  1  N3 ? ? C AG  101 D DC  1   1_555 ? ? ? ? ? ? ?                2.083 ? 
? 
metalc37 metalc ?    ? R AG  .  AG    ? ? ? 1_555  D  DG  4  N7 ? ? C AG  102 D DG  4   1_555 ? ? ? ? ? ? ?                2.166 ? 
? 
metalc38 metalc ?    ? S AG  .  AG    ? ? ? 1_555  D  DC  5  N3 ? ? C AG  103 D DC  5   1_555 ? ? ? ? ? ? ?                2.140 ? 
? 
metalc39 metalc ?    ? T AG  .  AG    ? ? ? 1_555  D  BRU 6  N3 ? ? C AG  104 D BRU 6   1_555 ? ? ? ? ? ? ?                1.939 ? 
? 
metalc40 metalc ?    ? U AG  .  AG    ? ? ? 1_555  D  DC  9  N3 ? ? C AG  105 D DC  9   1_555 ? ? ? ? ? ? ?                2.000 ? 
? 
metalc41 metalc ?    ? V AG  .  AG    ? ? ? 1_555  D  DG  10 N7 ? ? C AG  106 D DG  10  1_555 ? ? ? ? ? ? ?                2.053 ? 
? 
metalc42 metalc ?    ? D DG  2  N7    ? ? ? 1_555  W  AG  .  AG ? ? D DG  2   D AG  101 1_555 ? ? ? ? ? ? ?                2.177 ? 
? 
metalc43 metalc ?    ? D DC  3  N3    ? ? ? 1_555  X  AG  .  AG ? ? D DC  3   D AG  102 1_555 ? ? ? ? ? ? ?                2.137 ? 
? 
metalc44 metalc ?    ? D DC  7  N3    ? ? ? 1_555  Y  AG  .  AG ? ? D DC  7   D AG  103 1_555 ? ? ? ? ? ? ?                1.998 ? 
? 
metalc45 metalc ?    ? D BRU 8  N3    ? ? ? 1_555  Z  AG  .  AG ? ? D BRU 8   D AG  104 1_555 ? ? ? ? ? ? ?                1.947 ? 
? 
metalc46 metalc ?    ? D DC  11 N3    ? ? ? 1_555  AA AG  .  AG ? ? D DC  11  D AG  105 1_555 ? ? ? ? ? ? ?                2.076 ? 
? 
hydrog1  hydrog ?    ? A DC  1  N4    ? ? ? 1_555  B  DG  10 O6 ? ? A DC  1   B DG  10  1_555 ? ? ? ? ? ? 'DC-DG PAIR'     ?     ? 
? 
hydrog2  hydrog ?    ? A DG  2  O6    ? ? ? 1_555  B  DC  9  N4 ? ? A DG  2   B DC  9   1_555 ? ? ? ? ? ? 'DG-DC PAIR'     ?     ? 
? 
hydrog3  hydrog ?    ? A DC  3  N4    ? ? ? 1_555  B  BRU 8  O4 ? ? A DC  3   B BRU 8   1_555 ? ? ? ? ? ? 'DC-BRU MISPAIR' ?     ? 
? 
hydrog4  hydrog ?    ? A DG  4  O6    ? ? ? 1_555  B  DC  7  N4 ? ? A DG  4   B DC  7   1_555 ? ? ? ? ? ? 'DG-DC PAIR'     ?     ? 
? 
hydrog5  hydrog ?    ? A DC  5  N4    ? ? ? 1_555  B  BRU 6  O4 ? ? A DC  5   B BRU 6   1_555 ? ? ? ? ? ? 'DC-BRU MISPAIR' ?     ? 
? 
hydrog6  hydrog ?    ? A BRU 6  O4    ? ? ? 1_555  B  DC  5  N4 ? ? A BRU 6   B DC  5   1_555 ? ? ? ? ? ? 'BRU-DC MISPAIR' ?     ? 
? 
hydrog7  hydrog ?    ? A DC  7  N4    ? ? ? 1_555  B  DG  4  O6 ? ? A DC  7   B DG  4   1_555 ? ? ? ? ? ? 'DC-DG PAIR'     ?     ? 
? 
hydrog8  hydrog ?    ? A BRU 8  O4    ? ? ? 1_555  B  DC  3  N4 ? ? A BRU 8   B DC  3   1_555 ? ? ? ? ? ? 'BRU-DC MISPAIR' ?     ? 
? 
hydrog9  hydrog ?    ? A DC  9  N4    ? ? ? 1_555  B  DG  2  O6 ? ? A DC  9   B DG  2   1_555 ? ? ? ? ? ? 'DC-DG PAIR'     ?     ? 
? 
hydrog10 hydrog ?    ? A DG  10 O6    ? ? ? 1_555  B  DC  1  N4 ? ? A DG  10  B DC  1   1_555 ? ? ? ? ? ? 'DG-DC PAIR'     ?     ? 
? 
hydrog11 hydrog ?    ? A DG  12 O6    ? ? ? 1_555  C  DG  12 N1 ? ? A DG  12  C DG  12  1_555 ? ? ? ? ? ? 'DG-DG MISPAIR'  ?     ? 
? 
hydrog12 hydrog ?    ? C DC  1  N4    ? ? ? 1_555  D  DG  10 O6 ? ? C DC  1   D DG  10  1_555 ? ? ? ? ? ? 'DC-DG PAIR'     ?     ? 
? 
hydrog13 hydrog ?    ? C DG  2  O6    ? ? ? 1_555  D  DC  9  N4 ? ? C DG  2   D DC  9   1_555 ? ? ? ? ? ? 'DG-DC PAIR'     ?     ? 
? 
hydrog14 hydrog ?    ? C DC  3  N4    ? ? ? 1_555  D  BRU 8  O4 ? ? C DC  3   D BRU 8   1_555 ? ? ? ? ? ? 'DC-BRU MISPAIR' ?     ? 
? 
hydrog15 hydrog ?    ? C DG  4  O6    ? ? ? 1_555  D  DC  7  N4 ? ? C DG  4   D DC  7   1_555 ? ? ? ? ? ? 'DG-DC PAIR'     ?     ? 
? 
hydrog16 hydrog ?    ? C DC  5  N4    ? ? ? 1_555  D  BRU 6  O4 ? ? C DC  5   D BRU 6   1_555 ? ? ? ? ? ? 'DC-BRU MISPAIR' ?     ? 
? 
hydrog17 hydrog ?    ? C BRU 6  O4    ? ? ? 1_555  D  DC  5  N4 ? ? C BRU 6   D DC  5   1_555 ? ? ? ? ? ? 'BRU-DC MISPAIR' ?     ? 
? 
hydrog18 hydrog ?    ? C DC  7  N4    ? ? ? 1_555  D  DG  4  O6 ? ? C DC  7   D DG  4   1_555 ? ? ? ? ? ? 'DC-DG PAIR'     ?     ? 
? 
hydrog19 hydrog ?    ? C DC  9  N4    ? ? ? 1_555  D  DG  2  O6 ? ? C DC  9   D DG  2   1_555 ? ? ? ? ? ? 'DC-DG PAIR'     ?     ? 
? 
hydrog20 hydrog ?    ? C DG  10 O6    ? ? ? 1_555  D  DC  1  N4 ? ? C DG  10  D DC  1   1_555 ? ? ? ? ? ? 'DG-DC PAIR'     ?     ? 
? 
# 
loop_
_struct_conn_type.id 
_struct_conn_type.criteria 
_struct_conn_type.reference 
covale ? ? 
metalc ? ? 
hydrog ? ? 
# 
loop_
_pdbx_struct_conn_angle.id 
_pdbx_struct_conn_angle.ptnr1_label_atom_id 
_pdbx_struct_conn_angle.ptnr1_label_alt_id 
_pdbx_struct_conn_angle.ptnr1_label_asym_id 
_pdbx_struct_conn_angle.ptnr1_label_comp_id 
_pdbx_struct_conn_angle.ptnr1_label_seq_id 
_pdbx_struct_conn_angle.ptnr1_auth_atom_id 
_pdbx_struct_conn_angle.ptnr1_auth_asym_id 
_pdbx_struct_conn_angle.ptnr1_auth_comp_id 
_pdbx_struct_conn_angle.ptnr1_auth_seq_id 
_pdbx_struct_conn_angle.ptnr1_PDB_ins_code 
_pdbx_struct_conn_angle.ptnr1_symmetry 
_pdbx_struct_conn_angle.ptnr2_label_atom_id 
_pdbx_struct_conn_angle.ptnr2_label_alt_id 
_pdbx_struct_conn_angle.ptnr2_label_asym_id 
_pdbx_struct_conn_angle.ptnr2_label_comp_id 
_pdbx_struct_conn_angle.ptnr2_label_seq_id 
_pdbx_struct_conn_angle.ptnr2_auth_atom_id 
_pdbx_struct_conn_angle.ptnr2_auth_asym_id 
_pdbx_struct_conn_angle.ptnr2_auth_comp_id 
_pdbx_struct_conn_angle.ptnr2_auth_seq_id 
_pdbx_struct_conn_angle.ptnr2_PDB_ins_code 
_pdbx_struct_conn_angle.ptnr2_symmetry 
_pdbx_struct_conn_angle.ptnr3_label_atom_id 
_pdbx_struct_conn_angle.ptnr3_label_alt_id 
_pdbx_struct_conn_angle.ptnr3_label_asym_id 
_pdbx_struct_conn_angle.ptnr3_label_comp_id 
_pdbx_struct_conn_angle.ptnr3_label_seq_id 
_pdbx_struct_conn_angle.ptnr3_auth_atom_id 
_pdbx_struct_conn_angle.ptnr3_auth_asym_id 
_pdbx_struct_conn_angle.ptnr3_auth_comp_id 
_pdbx_struct_conn_angle.ptnr3_auth_seq_id 
_pdbx_struct_conn_angle.ptnr3_PDB_ins_code 
_pdbx_struct_conn_angle.ptnr3_symmetry 
_pdbx_struct_conn_angle.value 
_pdbx_struct_conn_angle.value_esd 
1  N3 ? A DC  1  ? A DC  1  ? 1_555 AG ? N  AG . ? B AG 101 ? 1_555 N3 ? B DC  11 ? B DC  11 ? 1_555 177.9 ? 
2  N3 ? A DC  1  ? A DC  1  ? 1_555 AG ? N  AG . ? B AG 101 ? 1_555 O6 ? D DG  12 ? D DG  12 ? 1_555 97.1  ? 
3  N3 ? B DC  11 ? B DC  11 ? 1_555 AG ? N  AG . ? B AG 101 ? 1_555 O6 ? D DG  12 ? D DG  12 ? 1_555 83.5  ? 
4  N7 ? A DG  2  ? A DG  2  ? 1_555 AG ? O  AG . ? B AG 102 ? 1_555 N7 ? B DG  10 ? B DG  10 ? 1_555 167.6 ? 
5  N3 ? A DC  3  ? A DC  3  ? 1_555 AG ? E  AG . ? A AG 101 ? 1_555 N3 ? B DC  9  ? B DC  9  ? 1_555 172.5 ? 
6  N7 ? A DG  4  ? A DG  4  ? 1_555 AG ? F  AG . ? A AG 102 ? 1_555 N3 ? B BRU 8  ? B BRU 8  ? 1_555 172.6 ? 
7  N3 ? A DC  5  ? A DC  5  ? 1_555 AG ? P  AG . ? B AG 103 ? 1_555 N3 ? B DC  7  ? B DC  7  ? 1_555 172.1 ? 
8  N3 ? A BRU 6  ? A BRU 6  ? 1_555 AG ? G  AG . ? A AG 103 ? 1_555 N3 ? B BRU 6  ? B BRU 6  ? 1_555 171.1 ? 
9  N3 ? A DC  7  ? A DC  7  ? 1_555 AG ? H  AG . ? A AG 104 ? 1_555 N3 ? B DC  5  ? B DC  5  ? 1_555 176.2 ? 
10 N3 ? A BRU 8  ? A BRU 8  ? 1_555 AG ? I  AG . ? A AG 105 ? 1_555 O2 ? A BRU 8  ? A BRU 8  ? 1_555 57.1  ? 
11 N3 ? A BRU 8  ? A BRU 8  ? 1_555 AG ? I  AG . ? A AG 105 ? 1_555 N7 ? B DG  4  ? B DG  4  ? 1_555 168.2 ? 
12 O2 ? A BRU 8  ? A BRU 8  ? 1_555 AG ? I  AG . ? A AG 105 ? 1_555 N7 ? B DG  4  ? B DG  4  ? 1_555 122.8 ? 
13 N3 ? A DC  9  ? A DC  9  ? 1_555 AG ? J  AG . ? A AG 106 ? 1_555 N3 ? B DC  3  ? B DC  3  ? 1_555 177.1 ? 
14 N7 ? A DG  10 ? A DG  10 ? 1_555 AG ? K  AG . ? A AG 107 ? 1_555 N7 ? B DG  2  ? B DG  2  ? 1_555 175.3 ? 
15 N3 ? A DC  11 ? A DC  11 ? 1_555 AG ? L  AG . ? A AG 108 ? 1_555 N3 ? B DC  1  ? B DC  1  ? 1_555 168.7 ? 
16 N3 ? C DC  1  ? C DC  1  ? 1_555 AG ? AA AG . ? D AG 105 ? 1_555 N3 ? D DC  11 ? D DC  11 ? 1_555 175.1 ? 
17 N7 ? C DG  2  ? C DG  2  ? 1_555 AG ? V  AG . ? C AG 106 ? 1_555 N7 ? D DG  10 ? D DG  10 ? 1_555 163.6 ? 
18 N3 ? C DC  3  ? C DC  3  ? 1_555 AG ? U  AG . ? C AG 105 ? 1_555 N3 ? D DC  9  ? D DC  9  ? 1_555 173.8 ? 
19 N7 ? C DG  4  ? C DG  4  ? 1_555 AG ? Z  AG . ? D AG 104 ? 1_555 N3 ? D BRU 8  ? D BRU 8  ? 1_555 169.9 ? 
20 N3 ? C DC  5  ? C DC  5  ? 1_555 AG ? Y  AG . ? D AG 103 ? 1_555 N3 ? D DC  7  ? D DC  7  ? 1_555 169.6 ? 
21 N3 ? C BRU 6  ? C BRU 6  ? 1_555 AG ? T  AG . ? C AG 104 ? 1_555 N3 ? D BRU 6  ? D BRU 6  ? 1_555 167.2 ? 
22 N3 ? C DC  7  ? C DC  7  ? 1_555 AG ? S  AG . ? C AG 103 ? 1_555 N3 ? D DC  5  ? D DC  5  ? 1_555 175.7 ? 
23 N3 ? C BRU 8  ? C BRU 8  ? 1_555 AG ? R  AG . ? C AG 102 ? 1_555 N7 ? D DG  4  ? D DG  4  ? 1_555 170.5 ? 
24 N3 ? C DC  9  ? C DC  9  ? 1_555 AG ? X  AG . ? D AG 102 ? 1_555 N3 ? D DC  3  ? D DC  3  ? 1_555 177.0 ? 
25 N7 ? C DG  10 ? C DG  10 ? 1_555 AG ? W  AG . ? D AG 101 ? 1_555 N7 ? D DG  2  ? D DG  2  ? 1_555 170.2 ? 
26 N3 ? C DC  11 ? C DC  11 ? 1_555 AG ? Q  AG . ? C AG 101 ? 1_555 N3 ? D DC  1  ? D DC  1  ? 1_555 164.9 ? 
# 
loop_
_pdbx_validate_rmsd_angle.id 
_pdbx_validate_rmsd_angle.PDB_model_num 
_pdbx_validate_rmsd_angle.auth_atom_id_1 
_pdbx_validate_rmsd_angle.auth_asym_id_1 
_pdbx_validate_rmsd_angle.auth_comp_id_1 
_pdbx_validate_rmsd_angle.auth_seq_id_1 
_pdbx_validate_rmsd_angle.PDB_ins_code_1 
_pdbx_validate_rmsd_angle.label_alt_id_1 
_pdbx_validate_rmsd_angle.auth_atom_id_2 
_pdbx_validate_rmsd_angle.auth_asym_id_2 
_pdbx_validate_rmsd_angle.auth_comp_id_2 
_pdbx_validate_rmsd_angle.auth_seq_id_2 
_pdbx_validate_rmsd_angle.PDB_ins_code_2 
_pdbx_validate_rmsd_angle.label_alt_id_2 
_pdbx_validate_rmsd_angle.auth_atom_id_3 
_pdbx_validate_rmsd_angle.auth_asym_id_3 
_pdbx_validate_rmsd_angle.auth_comp_id_3 
_pdbx_validate_rmsd_angle.auth_seq_id_3 
_pdbx_validate_rmsd_angle.PDB_ins_code_3 
_pdbx_validate_rmsd_angle.label_alt_id_3 
_pdbx_validate_rmsd_angle.angle_value 
_pdbx_validate_rmsd_angle.angle_target_value 
_pdbx_validate_rmsd_angle.angle_deviation 
_pdbx_validate_rmsd_angle.angle_standard_deviation 
_pdbx_validate_rmsd_angle.linker_flag 
1  1 "O4'" A DG 4  ? ? "C1'" A DG 4  ? ? N9    A DG 4  ? ? 111.29 108.30 2.99  0.30 N 
2  1 "O4'" A DC 7  ? ? "C1'" A DC 7  ? ? N1    A DC 7  ? ? 110.74 108.30 2.44  0.30 N 
3  1 "O4'" B DG 2  ? ? "C1'" B DG 2  ? ? N9    B DG 2  ? ? 110.40 108.30 2.10  0.30 N 
4  1 "O4'" B DC 3  ? ? "C4'" B DC 3  ? ? "C3'" B DC 3  ? ? 101.89 104.50 -2.61 0.40 N 
5  1 "O4'" B DC 3  ? ? "C1'" B DC 3  ? ? N1    B DC 3  ? ? 110.20 108.30 1.90  0.30 N 
6  1 "O4'" B DC 9  ? ? "C1'" B DC 9  ? ? N1    B DC 9  ? ? 110.18 108.30 1.88  0.30 N 
7  1 "O4'" B DG 10 ? ? "C1'" B DG 10 ? ? N9    B DG 10 ? ? 110.45 108.30 2.15  0.30 N 
8  1 "O4'" C DG 2  ? ? "C1'" C DG 2  ? ? N9    C DG 2  ? ? 110.60 108.30 2.30  0.30 N 
9  1 "O4'" C DG 4  ? ? "C1'" C DG 4  ? ? N9    C DG 4  ? ? 110.56 108.30 2.26  0.30 N 
10 1 "O4'" D DG 2  ? ? "C1'" D DG 2  ? ? N9    D DG 2  ? ? 110.80 108.30 2.50  0.30 N 
# 
_pdbx_entry_details.entry_id                 7XKM 
_pdbx_entry_details.nonpolymer_details       ? 
_pdbx_entry_details.sequence_details         ? 
_pdbx_entry_details.compound_details         ? 
_pdbx_entry_details.source_details           ? 
_pdbx_entry_details.has_ligand_of_interest   Y 
# 
loop_
_chem_comp_atom.comp_id 
_chem_comp_atom.atom_id 
_chem_comp_atom.type_symbol 
_chem_comp_atom.pdbx_aromatic_flag 
_chem_comp_atom.pdbx_stereo_config 
_chem_comp_atom.pdbx_ordinal 
AG  AG     AG N N 1   
BRU N1     N  N N 2   
BRU C2     C  N N 3   
BRU N3     N  N N 4   
BRU C4     C  N N 5   
BRU C5     C  N N 6   
BRU C6     C  N N 7   
BRU O2     O  N N 8   
BRU O4     O  N N 9   
BRU BR     BR N N 10  
BRU "C1'"  C  N R 11  
BRU "C2'"  C  N N 12  
BRU "C3'"  C  N S 13  
BRU "C4'"  C  N R 14  
BRU "O3'"  O  N N 15  
BRU "O4'"  O  N N 16  
BRU "C5'"  C  N N 17  
BRU "O5'"  O  N N 18  
BRU P      P  N N 19  
BRU OP1    O  N N 20  
BRU OP2    O  N N 21  
BRU OP3    O  N N 22  
BRU HN3    H  N N 23  
BRU H6     H  N N 24  
BRU "H1'"  H  N N 25  
BRU "H2'"  H  N N 26  
BRU "H2''" H  N N 27  
BRU "H3'"  H  N N 28  
BRU "H4'"  H  N N 29  
BRU "HO3'" H  N N 30  
BRU "H5'"  H  N N 31  
BRU "H5''" H  N N 32  
BRU HOP2   H  N N 33  
BRU HOP3   H  N N 34  
DC  OP3    O  N N 35  
DC  P      P  N N 36  
DC  OP1    O  N N 37  
DC  OP2    O  N N 38  
DC  "O5'"  O  N N 39  
DC  "C5'"  C  N N 40  
DC  "C4'"  C  N R 41  
DC  "O4'"  O  N N 42  
DC  "C3'"  C  N S 43  
DC  "O3'"  O  N N 44  
DC  "C2'"  C  N N 45  
DC  "C1'"  C  N R 46  
DC  N1     N  N N 47  
DC  C2     C  N N 48  
DC  O2     O  N N 49  
DC  N3     N  N N 50  
DC  C4     C  N N 51  
DC  N4     N  N N 52  
DC  C5     C  N N 53  
DC  C6     C  N N 54  
DC  HOP3   H  N N 55  
DC  HOP2   H  N N 56  
DC  "H5'"  H  N N 57  
DC  "H5''" H  N N 58  
DC  "H4'"  H  N N 59  
DC  "H3'"  H  N N 60  
DC  "HO3'" H  N N 61  
DC  "H2'"  H  N N 62  
DC  "H2''" H  N N 63  
DC  "H1'"  H  N N 64  
DC  H41    H  N N 65  
DC  H42    H  N N 66  
DC  H5     H  N N 67  
DC  H6     H  N N 68  
DG  OP3    O  N N 69  
DG  P      P  N N 70  
DG  OP1    O  N N 71  
DG  OP2    O  N N 72  
DG  "O5'"  O  N N 73  
DG  "C5'"  C  N N 74  
DG  "C4'"  C  N R 75  
DG  "O4'"  O  N N 76  
DG  "C3'"  C  N S 77  
DG  "O3'"  O  N N 78  
DG  "C2'"  C  N N 79  
DG  "C1'"  C  N R 80  
DG  N9     N  Y N 81  
DG  C8     C  Y N 82  
DG  N7     N  Y N 83  
DG  C5     C  Y N 84  
DG  C6     C  N N 85  
DG  O6     O  N N 86  
DG  N1     N  N N 87  
DG  C2     C  N N 88  
DG  N2     N  N N 89  
DG  N3     N  N N 90  
DG  C4     C  Y N 91  
DG  HOP3   H  N N 92  
DG  HOP2   H  N N 93  
DG  "H5'"  H  N N 94  
DG  "H5''" H  N N 95  
DG  "H4'"  H  N N 96  
DG  "H3'"  H  N N 97  
DG  "HO3'" H  N N 98  
DG  "H2'"  H  N N 99  
DG  "H2''" H  N N 100 
DG  "H1'"  H  N N 101 
DG  H8     H  N N 102 
DG  H1     H  N N 103 
DG  H21    H  N N 104 
DG  H22    H  N N 105 
HOH O      O  N N 106 
HOH H1     H  N N 107 
HOH H2     H  N N 108 
# 
loop_
_chem_comp_bond.comp_id 
_chem_comp_bond.atom_id_1 
_chem_comp_bond.atom_id_2 
_chem_comp_bond.value_order 
_chem_comp_bond.pdbx_aromatic_flag 
_chem_comp_bond.pdbx_stereo_config 
_chem_comp_bond.pdbx_ordinal 
BRU N1    C2     sing N N 1   
BRU N1    C6     sing N N 2   
BRU N1    "C1'"  sing N N 3   
BRU C2    N3     sing N N 4   
BRU C2    O2     doub N N 5   
BRU N3    C4     sing N N 6   
BRU N3    HN3    sing N N 7   
BRU C4    C5     sing N N 8   
BRU C4    O4     doub N N 9   
BRU C5    C6     doub N N 10  
BRU C5    BR     sing N N 11  
BRU C6    H6     sing N N 12  
BRU "C1'" "C2'"  sing N N 13  
BRU "C1'" "O4'"  sing N N 14  
BRU "C1'" "H1'"  sing N N 15  
BRU "C2'" "C3'"  sing N N 16  
BRU "C2'" "H2'"  sing N N 17  
BRU "C2'" "H2''" sing N N 18  
BRU "C3'" "C4'"  sing N N 19  
BRU "C3'" "O3'"  sing N N 20  
BRU "C3'" "H3'"  sing N N 21  
BRU "C4'" "O4'"  sing N N 22  
BRU "C4'" "C5'"  sing N N 23  
BRU "C4'" "H4'"  sing N N 24  
BRU "O3'" "HO3'" sing N N 25  
BRU "C5'" "O5'"  sing N N 26  
BRU "C5'" "H5'"  sing N N 27  
BRU "C5'" "H5''" sing N N 28  
BRU "O5'" P      sing N N 29  
BRU P     OP1    doub N N 30  
BRU P     OP2    sing N N 31  
BRU P     OP3    sing N N 32  
BRU OP2   HOP2   sing N N 33  
BRU OP3   HOP3   sing N N 34  
DC  OP3   P      sing N N 35  
DC  OP3   HOP3   sing N N 36  
DC  P     OP1    doub N N 37  
DC  P     OP2    sing N N 38  
DC  P     "O5'"  sing N N 39  
DC  OP2   HOP2   sing N N 40  
DC  "O5'" "C5'"  sing N N 41  
DC  "C5'" "C4'"  sing N N 42  
DC  "C5'" "H5'"  sing N N 43  
DC  "C5'" "H5''" sing N N 44  
DC  "C4'" "O4'"  sing N N 45  
DC  "C4'" "C3'"  sing N N 46  
DC  "C4'" "H4'"  sing N N 47  
DC  "O4'" "C1'"  sing N N 48  
DC  "C3'" "O3'"  sing N N 49  
DC  "C3'" "C2'"  sing N N 50  
DC  "C3'" "H3'"  sing N N 51  
DC  "O3'" "HO3'" sing N N 52  
DC  "C2'" "C1'"  sing N N 53  
DC  "C2'" "H2'"  sing N N 54  
DC  "C2'" "H2''" sing N N 55  
DC  "C1'" N1     sing N N 56  
DC  "C1'" "H1'"  sing N N 57  
DC  N1    C2     sing N N 58  
DC  N1    C6     sing N N 59  
DC  C2    O2     doub N N 60  
DC  C2    N3     sing N N 61  
DC  N3    C4     doub N N 62  
DC  C4    N4     sing N N 63  
DC  C4    C5     sing N N 64  
DC  N4    H41    sing N N 65  
DC  N4    H42    sing N N 66  
DC  C5    C6     doub N N 67  
DC  C5    H5     sing N N 68  
DC  C6    H6     sing N N 69  
DG  OP3   P      sing N N 70  
DG  OP3   HOP3   sing N N 71  
DG  P     OP1    doub N N 72  
DG  P     OP2    sing N N 73  
DG  P     "O5'"  sing N N 74  
DG  OP2   HOP2   sing N N 75  
DG  "O5'" "C5'"  sing N N 76  
DG  "C5'" "C4'"  sing N N 77  
DG  "C5'" "H5'"  sing N N 78  
DG  "C5'" "H5''" sing N N 79  
DG  "C4'" "O4'"  sing N N 80  
DG  "C4'" "C3'"  sing N N 81  
DG  "C4'" "H4'"  sing N N 82  
DG  "O4'" "C1'"  sing N N 83  
DG  "C3'" "O3'"  sing N N 84  
DG  "C3'" "C2'"  sing N N 85  
DG  "C3'" "H3'"  sing N N 86  
DG  "O3'" "HO3'" sing N N 87  
DG  "C2'" "C1'"  sing N N 88  
DG  "C2'" "H2'"  sing N N 89  
DG  "C2'" "H2''" sing N N 90  
DG  "C1'" N9     sing N N 91  
DG  "C1'" "H1'"  sing N N 92  
DG  N9    C8     sing Y N 93  
DG  N9    C4     sing Y N 94  
DG  C8    N7     doub Y N 95  
DG  C8    H8     sing N N 96  
DG  N7    C5     sing Y N 97  
DG  C5    C6     sing N N 98  
DG  C5    C4     doub Y N 99  
DG  C6    O6     doub N N 100 
DG  C6    N1     sing N N 101 
DG  N1    C2     sing N N 102 
DG  N1    H1     sing N N 103 
DG  C2    N2     sing N N 104 
DG  C2    N3     doub N N 105 
DG  N2    H21    sing N N 106 
DG  N2    H22    sing N N 107 
DG  N3    C4     sing N N 108 
HOH O     H1     sing N N 109 
HOH O     H2     sing N N 110 
# 
_ndb_struct_conf_na.entry_id   7XKM 
_ndb_struct_conf_na.feature    'double helix' 
# 
loop_
_ndb_struct_na_base_pair.model_number 
_ndb_struct_na_base_pair.i_label_asym_id 
_ndb_struct_na_base_pair.i_label_comp_id 
_ndb_struct_na_base_pair.i_label_seq_id 
_ndb_struct_na_base_pair.i_symmetry 
_ndb_struct_na_base_pair.j_label_asym_id 
_ndb_struct_na_base_pair.j_label_comp_id 
_ndb_struct_na_base_pair.j_label_seq_id 
_ndb_struct_na_base_pair.j_symmetry 
_ndb_struct_na_base_pair.shear 
_ndb_struct_na_base_pair.stretch 
_ndb_struct_na_base_pair.stagger 
_ndb_struct_na_base_pair.buckle 
_ndb_struct_na_base_pair.propeller 
_ndb_struct_na_base_pair.opening 
_ndb_struct_na_base_pair.pair_number 
_ndb_struct_na_base_pair.pair_name 
_ndb_struct_na_base_pair.i_auth_asym_id 
_ndb_struct_na_base_pair.i_auth_seq_id 
_ndb_struct_na_base_pair.i_PDB_ins_code 
_ndb_struct_na_base_pair.j_auth_asym_id 
_ndb_struct_na_base_pair.j_auth_seq_id 
_ndb_struct_na_base_pair.j_PDB_ins_code 
_ndb_struct_na_base_pair.hbond_type_28 
_ndb_struct_na_base_pair.hbond_type_12 
1 A DC  1  1_555 B DG  10 1_555 0.190  3.149  -0.358 -33.908 -15.231 -113.701 1  A_DC1:DG10_B  A 1  ? B 10 ? ? ? 
1 A DG  2  1_555 B DC  9  1_555 0.069  -3.520 0.999  25.529  16.407  121.025  2  A_DG2:DC9_B   A 2  ? B 9  ? ? ? 
1 A DC  3  1_555 B BRU 8  1_555 0.473  -0.651 -2.199 -1.707  -28.696 -24.653  3  A_DC3:BRU8_B  A 3  ? B 8  ? ? ? 
1 A DG  4  1_555 B DC  7  1_555 -0.426 -2.961 0.767  30.513  18.035  110.029  4  A_DG4:DC7_B   A 4  ? B 7  ? ? ? 
1 A DC  5  1_555 B BRU 6  1_555 0.203  -0.553 -1.846 2.386   -42.390 -20.149  5  A_DC5:BRU6_B  A 5  ? B 6  ? ? ? 
1 A BRU 6  1_555 B DC  5  1_555 -0.362 -0.614 -2.070 3.412   -37.496 -22.103  6  A_BRU6:DC5_B  A 6  ? B 5  ? ? ? 
1 A DC  7  1_555 B DG  4  1_555 -0.210 3.015  -1.103 -22.706 -33.015 -114.421 7  A_DC7:DG4_B   A 7  ? B 4  ? ? ? 
1 A BRU 8  1_555 B DC  3  1_555 -0.687 -0.485 -1.742 6.186   -37.898 -19.405  8  A_BRU8:DC3_B  A 8  ? B 3  ? ? ? 
1 A DC  9  1_555 B DG  2  1_555 -0.127 3.515  -0.652 -30.243 -29.061 -109.483 9  A_DC9:DG2_B   A 9  ? B 2  ? ? ? 
1 A DG  10 1_555 B DC  1  1_555 0.195  -3.416 0.550  27.580  10.482  124.178  10 A_DG10:DC1_B  A 10 ? B 1  ? ? ? 
1 A DG  12 1_555 C DG  12 1_555 -1.900 1.118  -1.237 10.873  -43.549 -10.813  11 A_DG12:DG12_C A 12 ? C 12 ? ? 1 
1 D DC  1  1_555 C DG  10 1_555 -0.487 3.942  -0.669 -26.142 -21.102 -126.931 12 D_DC1:DG10_C  D 1  ? C 10 ? ? ? 
1 D DG  2  1_555 C DC  9  1_555 0.392  -3.412 0.343  29.863  20.952  123.852  13 D_DG2:DC9_C   D 2  ? C 9  ? ? ? 
1 C DC  7  1_555 D DG  4  1_555 0.029  3.078  -0.902 -27.721 -21.831 -113.519 14 C_DC7:DG4_D   C 7  ? D 4  ? ? ? 
1 C BRU 6  1_555 D DC  5  1_555 -0.368 -0.551 -1.828 -3.816  -37.807 -15.575  15 C_BRU6:DC5_D  C 6  ? D 5  ? ? ? 
1 D BRU 6  1_555 C DC  5  1_555 -0.239 -0.359 -2.230 -4.970  -49.582 -29.731  16 D_BRU6:DC5_C  D 6  ? C 5  ? ? ? 
1 D DC  7  1_555 C DG  4  1_555 0.014  3.246  -0.953 -29.096 -27.546 -111.387 17 D_DC7:DG4_C   D 7  ? C 4  ? ? ? 
1 D BRU 8  1_555 C DC  3  1_555 -1.284 -0.158 -1.967 12.625  -34.547 -24.566  18 D_BRU8:DC3_C  D 8  ? C 3  ? ? ? 
1 D DC  9  1_555 C DG  2  1_555 -0.292 3.073  -0.883 -28.265 -16.505 -122.367 19 D_DC9:DG2_C   D 9  ? C 2  ? ? ? 
1 D DG  10 1_555 C DC  1  1_555 0.101  -3.129 0.669  33.404  22.070  117.353  20 D_DG10:DC1_C  D 10 ? C 1  ? ? ? 
# 
loop_
_ndb_struct_na_base_pair_step.model_number 
_ndb_struct_na_base_pair_step.i_label_asym_id_1 
_ndb_struct_na_base_pair_step.i_label_comp_id_1 
_ndb_struct_na_base_pair_step.i_label_seq_id_1 
_ndb_struct_na_base_pair_step.i_symmetry_1 
_ndb_struct_na_base_pair_step.j_label_asym_id_1 
_ndb_struct_na_base_pair_step.j_label_comp_id_1 
_ndb_struct_na_base_pair_step.j_label_seq_id_1 
_ndb_struct_na_base_pair_step.j_symmetry_1 
_ndb_struct_na_base_pair_step.i_label_asym_id_2 
_ndb_struct_na_base_pair_step.i_label_comp_id_2 
_ndb_struct_na_base_pair_step.i_label_seq_id_2 
_ndb_struct_na_base_pair_step.i_symmetry_2 
_ndb_struct_na_base_pair_step.j_label_asym_id_2 
_ndb_struct_na_base_pair_step.j_label_comp_id_2 
_ndb_struct_na_base_pair_step.j_label_seq_id_2 
_ndb_struct_na_base_pair_step.j_symmetry_2 
_ndb_struct_na_base_pair_step.shift 
_ndb_struct_na_base_pair_step.slide 
_ndb_struct_na_base_pair_step.rise 
_ndb_struct_na_base_pair_step.tilt 
_ndb_struct_na_base_pair_step.roll 
_ndb_struct_na_base_pair_step.twist 
_ndb_struct_na_base_pair_step.x_displacement 
_ndb_struct_na_base_pair_step.y_displacement 
_ndb_struct_na_base_pair_step.helical_rise 
_ndb_struct_na_base_pair_step.inclination 
_ndb_struct_na_base_pair_step.tip 
_ndb_struct_na_base_pair_step.helical_twist 
_ndb_struct_na_base_pair_step.step_number 
_ndb_struct_na_base_pair_step.step_name 
_ndb_struct_na_base_pair_step.i_auth_asym_id_1 
_ndb_struct_na_base_pair_step.i_auth_seq_id_1 
_ndb_struct_na_base_pair_step.i_PDB_ins_code_1 
_ndb_struct_na_base_pair_step.j_auth_asym_id_1 
_ndb_struct_na_base_pair_step.j_auth_seq_id_1 
_ndb_struct_na_base_pair_step.j_PDB_ins_code_1 
_ndb_struct_na_base_pair_step.i_auth_asym_id_2 
_ndb_struct_na_base_pair_step.i_auth_seq_id_2 
_ndb_struct_na_base_pair_step.i_PDB_ins_code_2 
_ndb_struct_na_base_pair_step.j_auth_asym_id_2 
_ndb_struct_na_base_pair_step.j_auth_seq_id_2 
_ndb_struct_na_base_pair_step.j_PDB_ins_code_2 
1 A DC  1  1_555 B DG  10 1_555 A DG  2  1_555 B DC  9  1_555 -3.981 -1.593 1.359  -154.344 88.524   -117.994 0.717   -2.129 
-0.206 -44.336 -77.300 -178.933 1  AA_DC1DG2:DC9DG10_BB   A 1  ? B 10 ? A 2  ? B 9  ? 
1 A DG  2  1_555 B DC  9  1_555 A DC  3  1_555 B BRU 8  1_555 1.808  2.224  1.765  -122.210 116.857  72.158   0.589   -1.457 1.229 
59.974  62.722  171.186  2  AA_DG2DC3:BRU8DC9_BB   A 2  ? B 9  ? A 3  ? B 8  ? 
1 A DC  3  1_555 B BRU 8  1_555 A DG  4  1_555 B DC  7  1_555 -1.377 3.388  -1.442 176.472  -24.458  -137.703 -1.721  -0.885 
-0.685 12.238  88.297  -179.336 3  AA_DC3DG4:DC7BRU8_BB   A 3  ? B 8  ? A 4  ? B 7  ? 
1 A DG  4  1_555 B DC  7  1_555 A DC  5  1_555 B BRU 6  1_555 -2.866 -0.867 -1.668 128.991  -121.692 -0.897   0.368   -1.502 1.477 
61.753  65.457  -177.335 4  AA_DG4DC5:BRU6DC7_BB   A 4  ? B 7  ? A 5  ? B 6  ? 
1 A DC  5  1_555 B BRU 6  1_555 A BRU 6  1_555 B DC  5  1_555 -0.143 -0.016 2.793  1.019    -0.813   39.409   0.058   0.314  2.789 
-1.205  -1.510  39.430   5  AA_DC5BRU6:DC5BRU6_BB  A 5  ? B 6  ? A 6  ? B 5  ? 
1 A BRU 6  1_555 B DC  5  1_555 A DC  7  1_555 B DG  4  1_555 1.365  -1.588 2.400  1.165    2.400    81.246   -1.264  -1.026 2.377 
1.843   -0.894  81.282   6  AA_BRU6DC7:DG4DC5_BB   A 6  ? B 5  ? A 7  ? B 4  ? 
1 A DC  7  1_555 B DG  4  1_555 A BRU 8  1_555 B DC  3  1_555 -0.426 2.058  3.402  -2.473   2.570    -12.812  -11.513 -4.365 2.803 
-11.235 -10.811 -13.297  7  AA_DC7BRU8:DC3DG4_BB   A 7  ? B 4  ? A 8  ? B 3  ? 
1 A BRU 8  1_555 B DC  3  1_555 A DC  9  1_555 B DG  2  1_555 1.457  -1.619 2.411  1.065    -3.530   89.561   -1.095  -1.017 2.474 
-2.505  -0.756  89.620   8  AA_BRU8DC9:DG2DC3_BB   A 8  ? B 3  ? A 9  ? B 2  ? 
1 A DC  9  1_555 B DG  2  1_555 A DG  10 1_555 B DC  1  1_555 1.408  3.453  -3.042 154.913  -87.445  -11.004  -2.367  -0.429 0.177 
44.191  78.287  -177.899 9  AA_DC9DG10:DC1DG2_BB   A 9  ? B 2  ? A 10 ? B 1  ? 
1 A DG  10 1_555 B DC  1  1_555 A DG  12 1_555 C DG  12 1_555 0.405  4.894  0.640  -107.657 119.398  -55.158  -2.015  0.619  
-2.673 -63.510 -57.265 -162.970 10 AA_DG10DG12:DG12DC1_CB A 10 ? B 1  ? A 12 ? C 12 ? 
1 A DG  12 1_555 C DG  12 1_555 D DC  1  1_555 C DG  10 1_555 3.888  -1.249 4.037  -13.259  2.281    112.152  -0.781  -2.516 3.707 
1.372   7.973   112.682  11 AD_DG12DC1:DG10DG12_CC A 12 ? C 12 ? D 1  ? C 10 ? 
1 D DC  1  1_555 C DG  10 1_555 D DG  2  1_555 C DC  9  1_555 1.305  3.609  -2.698 159.280  -82.147  -18.567  -2.320  -0.346 0.053 
41.224  79.932  -179.226 12 DD_DC1DG2:DC9DG10_CC   D 1  ? C 10 ? D 2  ? C 9  ? 
1 D DG  2  1_555 C DC  9  1_555 C DC  7  1_555 D DG  4  1_555 -1.769 0.255  -5.845 7.820    2.148    -72.136  -0.091  -1.949 
-5.660 -1.819  6.620   -72.529  13 DC_DG2DC7:DG4DC9_DC    D 2  ? C 9  ? C 7  ? D 4  ? 
1 C DC  7  1_555 D DG  4  1_555 C BRU 6  1_555 D DC  5  1_555 -1.250 1.355  -2.326 -2.883   -2.828   -85.064  -1.048  -0.877 
-2.322 2.090   -2.131  -85.142  14 CC_DC7BRU6:DC5DG4_DD   C 7  ? D 4  ? C 6  ? D 5  ? 
1 C BRU 6  1_555 D DC  5  1_555 D BRU 6  1_555 C DC  5  1_555 -1.136 -2.938 -0.587 167.539  -54.867  99.846   -1.534  0.370  
-0.556 -27.569 -84.183 177.615  15 CD_BRU6BRU6:DC5DC5_CD  C 6  ? D 5  ? D 6  ? C 5  ? 
1 D BRU 6  1_555 C DC  5  1_555 D DC  7  1_555 C DG  4  1_555 1.503  -1.873 2.174  1.918    0.701    86.838   -1.372  -1.065 2.188 
0.510   -1.395  86.858   16 DD_BRU6DC7:DG4DC5_CC   D 6  ? C 5  ? D 7  ? C 4  ? 
1 D DC  7  1_555 C DG  4  1_555 D BRU 8  1_555 C DC  3  1_555 -0.617 1.928  2.953  -2.130   -0.259   -20.161  -5.372  -2.619 2.897 
0.736   -6.061  -20.274  17 DD_DC7BRU8:DC3DG4_CC   D 7  ? C 4  ? D 8  ? C 3  ? 
1 D BRU 8  1_555 C DC  3  1_555 D DC  9  1_555 C DG  2  1_555 1.289  -1.602 3.033  -1.128   -2.710   93.852   -1.050  -0.901 3.056 
-1.854  0.772   93.888   18 DD_BRU8DC9:DG2DC3_CC   D 8  ? C 3  ? D 9  ? C 2  ? 
1 D DC  9  1_555 C DG  2  1_555 D DG  10 1_555 C DC  1  1_555 -0.824 4.434  -0.412 151.216  -87.409  -169.358 -2.223  -0.423 
-0.138 43.710  75.618  -179.505 19 DD_DC9DG10:DC1DG2_CC   D 9  ? C 2  ? D 10 ? C 1  ? 
# 
_pdbx_audit_support.funding_organization   'Japan Society for the Promotion of Science (JSPS)' 
_pdbx_audit_support.country                Japan 
_pdbx_audit_support.grant_number           17H03033 
_pdbx_audit_support.ordinal                1 
# 
_pdbx_entity_instance_feature.ordinal        1 
_pdbx_entity_instance_feature.comp_id        AG 
_pdbx_entity_instance_feature.asym_id        ? 
_pdbx_entity_instance_feature.seq_num        ? 
_pdbx_entity_instance_feature.auth_comp_id   AG 
_pdbx_entity_instance_feature.auth_asym_id   ? 
_pdbx_entity_instance_feature.auth_seq_num   ? 
_pdbx_entity_instance_feature.feature_type   'SUBJECT OF INVESTIGATION' 
_pdbx_entity_instance_feature.details        ? 
# 
_atom_sites.entry_id                    7XKM 
_atom_sites.Cartn_transf_matrix[1][1]   ? 
_atom_sites.Cartn_transf_matrix[1][2]   ? 
_atom_sites.Cartn_transf_matrix[1][3]   ? 
_atom_sites.Cartn_transf_matrix[2][1]   ? 
_atom_sites.Cartn_transf_matrix[2][2]   ? 
_atom_sites.Cartn_transf_matrix[2][3]   ? 
_atom_sites.Cartn_transf_matrix[3][1]   ? 
_atom_sites.Cartn_transf_matrix[3][2]   ? 
_atom_sites.Cartn_transf_matrix[3][3]   ? 
_atom_sites.Cartn_transf_vector[1]      ? 
_atom_sites.Cartn_transf_vector[2]      ? 
_atom_sites.Cartn_transf_vector[3]      ? 
_atom_sites.fract_transf_matrix[1][1]   0.01232729 
_atom_sites.fract_transf_matrix[1][2]   -0.00523471 
_atom_sites.fract_transf_matrix[1][3]   0.00654606 
_atom_sites.fract_transf_matrix[2][1]   0.01339045 
_atom_sites.fract_transf_matrix[2][2]   0.00496467 
_atom_sites.fract_transf_matrix[2][3]   -0.00427395 
_atom_sites.fract_transf_matrix[3][1]   -0.00042530 
_atom_sites.fract_transf_matrix[3][2]   0.00589441 
_atom_sites.fract_transf_matrix[3][3]   0.00551452 
_atom_sites.fract_transf_vector[1]      0.454552 
_atom_sites.fract_transf_vector[2]      0.517761 
_atom_sites.fract_transf_vector[3]      0.562021 
_atom_sites.solution_primary            ? 
_atom_sites.solution_secondary          ? 
_atom_sites.solution_hydrogens          ? 
_atom_sites.special_details             ? 
# 
loop_
_atom_type.symbol 
AG 
BR 
C  
N  
O  
P  
# 
loop_
_atom_site.group_PDB 
_atom_site.id 
_atom_site.type_symbol 
_atom_site.label_atom_id 
_atom_site.label_alt_id 
_atom_site.label_comp_id 
_atom_site.label_asym_id 
_atom_site.label_entity_id 
_atom_site.label_seq_id 
_atom_site.pdbx_PDB_ins_code 
_atom_site.Cartn_x 
_atom_site.Cartn_y 
_atom_site.Cartn_z 
_atom_site.occupancy 
_atom_site.B_iso_or_equiv 
_atom_site.pdbx_formal_charge 
_atom_site.auth_seq_id 
_atom_site.auth_comp_id 
_atom_site.auth_asym_id 
_atom_site.auth_atom_id 
_atom_site.pdbx_PDB_model_num 
ATOM   1   O  "O5'" . DC  A  1 1  ? -25.146 10.269  -19.406 1.00 39.14 ? 1   DC  A "O5'" 1 
ATOM   2   C  "C5'" . DC  A  1 1  ? -25.975 11.416  -19.472 1.00 39.09 ? 1   DC  A "C5'" 1 
ATOM   3   C  "C4'" . DC  A  1 1  ? -26.133 12.024  -18.100 1.00 35.73 ? 1   DC  A "C4'" 1 
ATOM   4   O  "O4'" . DC  A  1 1  ? -27.087 11.242  -17.354 1.00 38.52 ? 1   DC  A "O4'" 1 
ATOM   5   C  "C3'" . DC  A  1 1  ? -24.859 12.029  -17.272 1.00 37.33 ? 1   DC  A "C3'" 1 
ATOM   6   O  "O3'" . DC  A  1 1  ? -24.166 13.244  -17.482 1.00 38.53 ? 1   DC  A "O3'" 1 
ATOM   7   C  "C2'" . DC  A  1 1  ? -25.373 11.916  -15.835 1.00 38.71 ? 1   DC  A "C2'" 1 
ATOM   8   C  "C1'" . DC  A  1 1  ? -26.683 11.141  -15.995 1.00 42.87 ? 1   DC  A "C1'" 1 
ATOM   9   N  N1    . DC  A  1 1  ? -26.609 9.680   -15.615 1.00 38.41 ? 1   DC  A N1    1 
ATOM   10  C  C2    . DC  A  1 1  ? -26.891 9.301   -14.306 1.00 40.17 ? 1   DC  A C2    1 
ATOM   11  O  O2    . DC  A  1 1  ? -27.161 10.181  -13.474 1.00 42.77 ? 1   DC  A O2    1 
ATOM   12  N  N3    . DC  A  1 1  ? -26.857 7.978   -13.980 1.00 40.91 ? 1   DC  A N3    1 
ATOM   13  C  C4    . DC  A  1 1  ? -26.558 7.068   -14.908 1.00 38.31 ? 1   DC  A C4    1 
ATOM   14  N  N4    . DC  A  1 1  ? -26.525 5.788   -14.537 1.00 38.28 ? 1   DC  A N4    1 
ATOM   15  C  C5    . DC  A  1 1  ? -26.277 7.435   -16.252 1.00 35.39 ? 1   DC  A C5    1 
ATOM   16  C  C6    . DC  A  1 1  ? -26.316 8.739   -16.560 1.00 37.73 ? 1   DC  A C6    1 
ATOM   17  P  P     . DG  A  1 2  ? -22.647 13.436  -16.982 1.00 48.52 ? 2   DG  A P     1 
ATOM   18  O  OP1   . DG  A  1 2  ? -22.176 14.708  -17.571 1.00 41.30 ? 2   DG  A OP1   1 
ATOM   19  O  OP2   . DG  A  1 2  ? -21.875 12.186  -17.179 1.00 42.11 ? 2   DG  A OP2   1 
ATOM   20  O  "O5'" . DG  A  1 2  ? -22.792 13.659  -15.408 1.00 44.59 ? 2   DG  A "O5'" 1 
ATOM   21  C  "C5'" . DG  A  1 2  ? -23.560 14.740  -14.930 1.00 39.44 ? 2   DG  A "C5'" 1 
ATOM   22  C  "C4'" . DG  A  1 2  ? -23.652 14.683  -13.426 1.00 43.74 ? 2   DG  A "C4'" 1 
ATOM   23  O  "O4'" . DG  A  1 2  ? -24.340 13.470  -13.021 1.00 43.19 ? 2   DG  A "O4'" 1 
ATOM   24  C  "C3'" . DG  A  1 2  ? -22.305 14.666  -12.693 1.00 42.98 ? 2   DG  A "C3'" 1 
ATOM   25  O  "O3'" . DG  A  1 2  ? -22.400 15.491  -11.560 1.00 49.51 ? 2   DG  A "O3'" 1 
ATOM   26  C  "C2'" . DG  A  1 2  ? -22.155 13.206  -12.296 1.00 41.37 ? 2   DG  A "C2'" 1 
ATOM   27  C  "C1'" . DG  A  1 2  ? -23.600 12.865  -11.986 1.00 43.54 ? 2   DG  A "C1'" 1 
ATOM   28  N  N9    . DG  A  1 2  ? -23.890 11.427  -11.950 1.00 39.69 ? 2   DG  A N9    1 
ATOM   29  C  C8    . DG  A  1 2  ? -24.502 10.739  -10.930 1.00 42.06 ? 2   DG  A C8    1 
ATOM   30  N  N7    . DG  A  1 2  ? -24.624 9.465   -11.161 1.00 39.94 ? 2   DG  A N7    1 
ATOM   31  C  C5    . DG  A  1 2  ? -24.064 9.296   -12.415 1.00 37.54 ? 2   DG  A C5    1 
ATOM   32  C  C6    . DG  A  1 2  ? -23.910 8.124   -13.182 1.00 39.79 ? 2   DG  A C6    1 
ATOM   33  O  O6    . DG  A  1 2  ? -24.272 6.969   -12.892 1.00 43.58 ? 2   DG  A O6    1 
ATOM   34  N  N1    . DG  A  1 2  ? -23.275 8.380   -14.400 1.00 35.34 ? 2   DG  A N1    1 
ATOM   35  C  C2    . DG  A  1 2  ? -22.853 9.622   -14.813 1.00 40.02 ? 2   DG  A C2    1 
ATOM   36  N  N2    . DG  A  1 2  ? -22.267 9.690   -16.022 1.00 38.21 ? 2   DG  A N2    1 
ATOM   37  N  N3    . DG  A  1 2  ? -22.988 10.726  -14.094 1.00 42.54 ? 2   DG  A N3    1 
ATOM   38  C  C4    . DG  A  1 2  ? -23.601 10.489  -12.912 1.00 38.62 ? 2   DG  A C4    1 
ATOM   39  P  P     . DC  A  1 3  ? -21.178 15.629  -10.537 1.00 51.17 ? 3   DC  A P     1 
ATOM   40  O  OP1   . DC  A  1 3  ? -21.420 16.846  -9.730  1.00 53.44 ? 3   DC  A OP1   1 
ATOM   41  O  OP2   . DC  A  1 3  ? -19.925 15.456  -11.317 1.00 60.81 ? 3   DC  A OP2   1 
ATOM   42  O  "O5'" . DC  A  1 3  ? -21.353 14.388  -9.547  1.00 45.97 ? 3   DC  A "O5'" 1 
ATOM   43  C  "C5'" . DC  A  1 3  ? -22.493 14.303  -8.717  1.00 46.00 ? 3   DC  A "C5'" 1 
ATOM   44  C  "C4'" . DC  A  1 3  ? -22.507 13.003  -7.926  1.00 43.92 ? 3   DC  A "C4'" 1 
ATOM   45  O  "O4'" . DC  A  1 3  ? -22.597 11.886  -8.818  1.00 43.53 ? 3   DC  A "O4'" 1 
ATOM   46  C  "C3'" . DC  A  1 3  ? -21.280 12.750  -7.061  1.00 44.51 ? 3   DC  A "C3'" 1 
ATOM   47  O  "O3'" . DC  A  1 3  ? -21.621 13.080  -5.720  1.00 51.51 ? 3   DC  A "O3'" 1 
ATOM   48  C  "C2'" . DC  A  1 3  ? -20.971 11.236  -7.249  1.00 42.92 ? 3   DC  A "C2'" 1 
ATOM   49  C  "C1'" . DC  A  1 3  ? -22.077 10.743  -8.184  1.00 42.03 ? 3   DC  A "C1'" 1 
ATOM   50  N  N1    . DC  A  1 3  ? -21.625 9.809   -9.286  1.00 42.50 ? 3   DC  A N1    1 
ATOM   51  C  C2    . DC  A  1 3  ? -22.174 8.507   -9.387  1.00 38.86 ? 3   DC  A C2    1 
ATOM   52  O  O2    . DC  A  1 3  ? -22.971 8.116   -8.536  1.00 39.71 ? 3   DC  A O2    1 
ATOM   53  N  N3    . DC  A  1 3  ? -21.787 7.709   -10.417 1.00 36.52 ? 3   DC  A N3    1 
ATOM   54  C  C4    . DC  A  1 3  ? -20.921 8.171   -11.334 1.00 40.85 ? 3   DC  A C4    1 
ATOM   55  N  N4    . DC  A  1 3  ? -20.573 7.350   -12.335 1.00 43.04 ? 3   DC  A N4    1 
ATOM   56  C  C5    . DC  A  1 3  ? -20.368 9.492   -11.259 1.00 35.72 ? 3   DC  A C5    1 
ATOM   57  C  C6    . DC  A  1 3  ? -20.754 10.271  -10.241 1.00 36.52 ? 3   DC  A C6    1 
ATOM   58  P  P     . DG  A  1 4  ? -20.633 12.813  -4.480  1.00 57.03 ? 4   DG  A P     1 
ATOM   59  O  OP1   . DG  A  1 4  ? -21.273 13.470  -3.309  1.00 51.49 ? 4   DG  A OP1   1 
ATOM   60  O  OP2   . DG  A  1 4  ? -19.230 13.138  -4.862  1.00 49.18 ? 4   DG  A OP2   1 
ATOM   61  O  "O5'" . DG  A  1 4  ? -20.792 11.252  -4.190  1.00 44.93 ? 4   DG  A "O5'" 1 
ATOM   62  C  "C5'" . DG  A  1 4  ? -21.506 10.841  -3.047  1.00 47.64 ? 4   DG  A "C5'" 1 
ATOM   63  C  "C4'" . DG  A  1 4  ? -21.703 9.340   -3.030  1.00 47.75 ? 4   DG  A "C4'" 1 
ATOM   64  O  "O4'" . DG  A  1 4  ? -21.653 8.796   -4.384  1.00 49.34 ? 4   DG  A "O4'" 1 
ATOM   65  C  "C3'" . DG  A  1 4  ? -20.661 8.556   -2.231  1.00 46.08 ? 4   DG  A "C3'" 1 
ATOM   66  O  "O3'" . DG  A  1 4  ? -21.338 7.616   -1.405  1.00 47.12 ? 4   DG  A "O3'" 1 
ATOM   67  C  "C2'" . DG  A  1 4  ? -19.850 7.860   -3.329  1.00 47.50 ? 4   DG  A "C2'" 1 
ATOM   68  C  "C1'" . DG  A  1 4  ? -20.958 7.580   -4.316  1.00 46.36 ? 4   DG  A "C1'" 1 
ATOM   69  N  N9    . DG  A  1 4  ? -20.532 7.130   -5.657  1.00 41.68 ? 4   DG  A N9    1 
ATOM   70  C  C8    . DG  A  1 4  ? -20.977 6.003   -6.306  1.00 43.12 ? 4   DG  A C8    1 
ATOM   71  N  N7    . DG  A  1 4  ? -20.445 5.828   -7.481  1.00 39.54 ? 4   DG  A N7    1 
ATOM   72  C  C5    . DG  A  1 4  ? -19.591 6.896   -7.632  1.00 36.20 ? 4   DG  A C5    1 
ATOM   73  C  C6    . DG  A  1 4  ? -18.745 7.222   -8.716  1.00 39.65 ? 4   DG  A C6    1 
ATOM   74  O  O6    . DG  A  1 4  ? -18.593 6.597   -9.780  1.00 38.79 ? 4   DG  A O6    1 
ATOM   75  N  N1    . DG  A  1 4  ? -18.028 8.402   -8.478  1.00 37.11 ? 4   DG  A N1    1 
ATOM   76  C  C2    . DG  A  1 4  ? -18.131 9.160   -7.329  1.00 39.82 ? 4   DG  A C2    1 
ATOM   77  N  N2    . DG  A  1 4  ? -17.361 10.255  -7.265  1.00 37.81 ? 4   DG  A N2    1 
ATOM   78  N  N3    . DG  A  1 4  ? -18.930 8.859   -6.300  1.00 43.96 ? 4   DG  A N3    1 
ATOM   79  C  C4    . DG  A  1 4  ? -19.626 7.717   -6.519  1.00 39.02 ? 4   DG  A C4    1 
ATOM   80  P  P     . DC  A  1 5  ? -20.518 6.603   -0.472  1.00 58.24 ? 5   DC  A P     1 
ATOM   81  O  OP1   . DC  A  1 5  ? -21.362 6.176   0.673   1.00 55.95 ? 5   DC  A OP1   1 
ATOM   82  O  OP2   . DC  A  1 5  ? -19.179 7.228   -0.258  1.00 50.30 ? 5   DC  A OP2   1 
ATOM   83  O  "O5'" . DC  A  1 5  ? -20.381 5.313   -1.379  1.00 46.24 ? 5   DC  A "O5'" 1 
ATOM   84  C  "C5'" . DC  A  1 5  ? -21.505 4.786   -1.990  1.00 41.57 ? 5   DC  A "C5'" 1 
ATOM   85  C  "C4'" . DC  A  1 5  ? -21.111 3.596   -2.828  1.00 47.40 ? 5   DC  A "C4'" 1 
ATOM   86  O  "O4'" . DC  A  1 5  ? -20.479 4.044   -4.067  1.00 51.34 ? 5   DC  A "O4'" 1 
ATOM   87  C  "C3'" . DC  A  1 5  ? -20.105 2.653   -2.161  1.00 41.21 ? 5   DC  A "C3'" 1 
ATOM   88  O  "O3'" . DC  A  1 5  ? -20.538 1.342   -2.350  1.00 43.34 ? 5   DC  A "O3'" 1 
ATOM   89  C  "C2'" . DC  A  1 5  ? -18.804 2.925   -2.930  1.00 46.41 ? 5   DC  A "C2'" 1 
ATOM   90  C  "C1'" . DC  A  1 5  ? -19.352 3.233   -4.312  1.00 41.86 ? 5   DC  A "C1'" 1 
ATOM   91  N  N1    . DC  A  1 5  ? -18.415 3.971   -5.192  1.00 35.90 ? 5   DC  A N1    1 
ATOM   92  C  C2    . DC  A  1 5  ? -18.232 3.552   -6.529  1.00 38.21 ? 5   DC  A C2    1 
ATOM   93  O  O2    . DC  A  1 5  ? -18.848 2.564   -6.954  1.00 35.82 ? 5   DC  A O2    1 
ATOM   94  N  N3    . DC  A  1 5  ? -17.381 4.249   -7.322  1.00 36.20 ? 5   DC  A N3    1 
ATOM   95  C  C4    . DC  A  1 5  ? -16.726 5.304   -6.844  1.00 35.34 ? 5   DC  A C4    1 
ATOM   96  N  N4    . DC  A  1 5  ? -15.893 5.942   -7.667  1.00 33.99 ? 5   DC  A N4    1 
ATOM   97  C  C5    . DC  A  1 5  ? -16.897 5.747   -5.492  1.00 38.18 ? 5   DC  A C5    1 
ATOM   98  C  C6    . DC  A  1 5  ? -17.747 5.056   -4.708  1.00 37.89 ? 5   DC  A C6    1 
HETATM 99  N  N1    . BRU A  1 6  ? -16.228 0.167   -5.706  1.00 43.29 ? 6   BRU A N1    1 
HETATM 100 C  C2    . BRU A  1 6  ? -15.803 0.718   -7.019  1.00 40.14 ? 6   BRU A C2    1 
HETATM 101 N  N3    . BRU A  1 6  ? -15.061 2.010   -7.070  1.00 36.89 ? 6   BRU A N3    1 
HETATM 102 C  C4    . BRU A  1 6  ? -14.762 2.750   -5.862  1.00 37.85 ? 6   BRU A C4    1 
HETATM 103 C  C5    . BRU A  1 6  ? -15.215 2.170   -4.578  1.00 35.65 ? 6   BRU A C5    1 
HETATM 104 C  C6    . BRU A  1 6  ? -15.938 0.895   -4.498  1.00 39.25 ? 6   BRU A C6    1 
HETATM 105 O  O2    . BRU A  1 6  ? -16.037 0.136   -8.031  1.00 41.97 ? 6   BRU A O2    1 
HETATM 106 O  O4    . BRU A  1 6  ? -14.157 3.783   -5.917  1.00 35.05 ? 6   BRU A O4    1 
HETATM 107 BR BR    . BRU A  1 6  ? -14.851 3.094   -2.909  1.00 75.07 ? 6   BRU A BR    1 
HETATM 108 C  "C1'" . BRU A  1 6  ? -16.985 -1.101  -5.637  1.00 46.03 ? 6   BRU A "C1'" 1 
HETATM 109 C  "C2'" . BRU A  1 6  ? -16.707 -1.928  -4.326  1.00 45.86 ? 6   BRU A "C2'" 1 
HETATM 110 C  "C3'" . BRU A  1 6  ? -18.028 -2.653  -4.077  1.00 49.15 ? 6   BRU A "C3'" 1 
HETATM 111 C  "C4'" . BRU A  1 6  ? -18.993 -1.917  -4.660  1.00 49.23 ? 6   BRU A "C4'" 1 
HETATM 112 O  "O3'" . BRU A  1 6  ? -18.064 -3.967  -4.765  1.00 52.94 ? 6   BRU A "O3'" 1 
HETATM 113 O  "O4'" . BRU A  1 6  ? -18.248 -0.777  -5.530  1.00 49.69 ? 6   BRU A "O4'" 1 
HETATM 114 C  "C5'" . BRU A  1 6  ? -19.867 -1.299  -3.648  1.00 43.93 ? 6   BRU A "C5'" 1 
HETATM 115 O  "O5'" . BRU A  1 6  ? -19.053 -0.726  -2.643  1.00 48.32 ? 6   BRU A "O5'" 1 
HETATM 116 P  P     . BRU A  1 6  ? -19.903 0.140   -1.503  1.00 55.05 ? 6   BRU A P     1 
HETATM 117 O  OP1   . BRU A  1 6  ? -21.050 -0.689  -0.974  1.00 43.43 ? 6   BRU A OP1   1 
HETATM 118 O  OP2   . BRU A  1 6  ? -19.005 0.681   -0.403  1.00 47.85 ? 6   BRU A OP2   1 
ATOM   119 P  P     . DC  A  1 7  ? -16.987 -5.095  -4.407  1.00 58.74 ? 7   DC  A P     1 
ATOM   120 O  OP1   . DC  A  1 7  ? -17.525 -6.417  -4.819  1.00 54.96 ? 7   DC  A OP1   1 
ATOM   121 O  OP2   . DC  A  1 7  ? -16.539 -4.851  -3.012  1.00 51.05 ? 7   DC  A OP2   1 
ATOM   122 O  "O5'" . DC  A  1 7  ? -15.790 -4.773  -5.401  1.00 47.32 ? 7   DC  A "O5'" 1 
ATOM   123 C  "C5'" . DC  A  1 7  ? -15.968 -4.979  -6.764  1.00 44.79 ? 7   DC  A "C5'" 1 
ATOM   124 C  "C4'" . DC  A  1 7  ? -14.767 -4.475  -7.518  1.00 48.48 ? 7   DC  A "C4'" 1 
ATOM   125 O  "O4'" . DC  A  1 7  ? -14.580 -3.050  -7.266  1.00 49.70 ? 7   DC  A "O4'" 1 
ATOM   126 C  "C3'" . DC  A  1 7  ? -13.451 -5.146  -7.122  1.00 47.79 ? 7   DC  A "C3'" 1 
ATOM   127 O  "O3'" . DC  A  1 7  ? -12.807 -5.627  -8.274  1.00 52.28 ? 7   DC  A "O3'" 1 
ATOM   128 C  "C2'" . DC  A  1 7  ? -12.656 -4.008  -6.489  1.00 47.87 ? 7   DC  A "C2'" 1 
ATOM   129 C  "C1'" . DC  A  1 7  ? -13.209 -2.810  -7.227  1.00 43.26 ? 7   DC  A "C1'" 1 
ATOM   130 N  N1    . DC  A  1 7  ? -12.917 -1.517  -6.542  1.00 43.17 ? 7   DC  A N1    1 
ATOM   131 C  C2    . DC  A  1 7  ? -12.565 -0.380  -7.302  1.00 41.35 ? 7   DC  A C2    1 
ATOM   132 O  O2    . DC  A  1 7  ? -12.546 -0.448  -8.538  1.00 38.20 ? 7   DC  A O2    1 
ATOM   133 N  N3    . DC  A  1 7  ? -12.264 0.769   -6.655  1.00 38.80 ? 7   DC  A N3    1 
ATOM   134 C  C4    . DC  A  1 7  ? -12.275 0.812   -5.324  1.00 42.79 ? 7   DC  A C4    1 
ATOM   135 N  N4    . DC  A  1 7  ? -11.956 1.972   -4.741  1.00 41.23 ? 7   DC  A N4    1 
ATOM   136 C  C5    . DC  A  1 7  ? -12.612 -0.332  -4.532  1.00 41.37 ? 7   DC  A C5    1 
ATOM   137 C  C6    . DC  A  1 7  ? -12.914 -1.465  -5.176  1.00 41.32 ? 7   DC  A C6    1 
HETATM 138 N  N1    . BRU A  1 8  ? -9.172  -2.282  -8.768  1.00 39.14 ? 8   BRU A N1    1 
HETATM 139 C  C2    . BRU A  1 8  ? -8.955  -0.818  -8.693  1.00 38.57 ? 8   BRU A C2    1 
HETATM 140 N  N3    . BRU A  1 8  ? -8.975  -0.127  -7.368  1.00 38.57 ? 8   BRU A N3    1 
HETATM 141 C  C4    . BRU A  1 8  ? -9.203  -0.897  -6.167  1.00 45.89 ? 8   BRU A C4    1 
HETATM 142 C  C5    . BRU A  1 8  ? -9.427  -2.348  -6.292  1.00 44.56 ? 8   BRU A C5    1 
HETATM 143 C  C6    . BRU A  1 8  ? -9.424  -3.044  -7.583  1.00 43.59 ? 8   BRU A C6    1 
HETATM 144 O  O2    . BRU A  1 8  ? -8.747  -0.183  -9.672  1.00 39.92 ? 8   BRU A O2    1 
HETATM 145 O  O4    . BRU A  1 8  ? -9.198  -0.373  -5.100  1.00 50.51 ? 8   BRU A O4    1 
HETATM 146 BR BR    . BRU A  1 8  ? -9.752  -3.398  -4.706  1.00 85.29 ? 8   BRU A BR    1 
HETATM 147 C  "C1'" . BRU A  1 8  ? -9.211  -3.015  -10.029 1.00 45.18 ? 8   BRU A "C1'" 1 
HETATM 148 C  "C2'" . BRU A  1 8  ? -8.256  -4.256  -10.045 1.00 43.78 ? 8   BRU A "C2'" 1 
HETATM 149 C  "C3'" . BRU A  1 8  ? -8.991  -5.247  -10.960 1.00 49.19 ? 8   BRU A "C3'" 1 
HETATM 150 C  "C4'" . BRU A  1 8  ? -10.285 -4.843  -11.027 1.00 42.22 ? 8   BRU A "C4'" 1 
HETATM 151 O  "O3'" . BRU A  1 8  ? -8.383  -5.217  -12.323 1.00 51.59 ? 8   BRU A "O3'" 1 
HETATM 152 O  "O4'" . BRU A  1 8  ? -10.390 -3.583  -10.034 1.00 47.51 ? 8   BRU A "O4'" 1 
HETATM 153 C  "C5'" . BRU A  1 8  ? -11.298 -5.856  -10.616 1.00 44.67 ? 8   BRU A "C5'" 1 
HETATM 154 O  "O5'" . BRU A  1 8  ? -10.872 -6.715  -9.561  1.00 56.10 ? 8   BRU A "O5'" 1 
HETATM 155 P  P     . BRU A  1 8  ? -11.811 -6.881  -8.191  1.00 48.95 ? 8   BRU A P     1 
HETATM 156 O  OP1   . BRU A  1 8  ? -12.656 -8.133  -8.202  1.00 41.09 ? 8   BRU A OP1   1 
HETATM 157 O  OP2   . BRU A  1 8  ? -10.909 -6.731  -6.976  1.00 48.97 ? 8   BRU A OP2   1 
ATOM   158 P  P     . DC  A  1 9  ? -6.812  -5.502  -12.527 1.00 53.02 ? 9   DC  A P     1 
ATOM   159 O  OP1   . DC  A  1 9  ? -6.562  -5.744  -13.968 1.00 54.69 ? 9   DC  A OP1   1 
ATOM   160 O  OP2   . DC  A  1 9  ? -6.383  -6.485  -11.503 1.00 52.91 ? 9   DC  A OP2   1 
ATOM   161 O  "O5'" . DC  A  1 9  ? -6.120  -4.104  -12.189 1.00 55.68 ? 9   DC  A "O5'" 1 
ATOM   162 C  "C5'" . DC  A  1 9  ? -5.848  -3.174  -13.220 1.00 48.76 ? 9   DC  A "C5'" 1 
ATOM   163 C  "C4'" . DC  A  1 9  ? -5.293  -1.892  -12.632 1.00 47.86 ? 9   DC  A "C4'" 1 
ATOM   164 O  "O4'" . DC  A  1 9  ? -6.023  -1.556  -11.437 1.00 48.54 ? 9   DC  A "O4'" 1 
ATOM   165 C  "C3'" . DC  A  1 9  ? -3.873  -1.986  -12.152 1.00 49.93 ? 9   DC  A "C3'" 1 
ATOM   166 O  "O3'" . DC  A  1 9  ? -2.976  -1.770  -13.230 1.00 54.66 ? 9   DC  A "O3'" 1 
ATOM   167 C  "C2'" . DC  A  1 9  ? -3.790  -0.855  -11.110 1.00 50.70 ? 9   DC  A "C2'" 1 
ATOM   168 C  "C1'" . DC  A  1 9  ? -5.237  -0.682  -10.651 1.00 44.17 ? 9   DC  A "C1'" 1 
ATOM   169 N  N1    . DC  A  1 9  ? -5.474  -0.991  -9.198  1.00 44.08 ? 9   DC  A N1    1 
ATOM   170 C  C2    . DC  A  1 9  ? -5.735  0.049   -8.290  1.00 42.37 ? 9   DC  A C2    1 
ATOM   171 O  O2    . DC  A  1 9  ? -5.738  1.215   -8.685  1.00 45.89 ? 9   DC  A O2    1 
ATOM   172 N  N3    . DC  A  1 9  ? -5.969  -0.253  -6.993  1.00 38.30 ? 9   DC  A N3    1 
ATOM   173 C  C4    . DC  A  1 9  ? -5.952  -1.509  -6.586  1.00 40.40 ? 9   DC  A C4    1 
ATOM   174 N  N4    . DC  A  1 9  ? -6.187  -1.742  -5.292  1.00 48.96 ? 9   DC  A N4    1 
ATOM   175 C  C5    . DC  A  1 9  ? -5.698  -2.589  -7.482  1.00 42.95 ? 9   DC  A C5    1 
ATOM   176 C  C6    . DC  A  1 9  ? -5.467  -2.287  -8.771  1.00 47.33 ? 9   DC  A C6    1 
ATOM   177 P  P     . DG  A  1 10 ? -1.411  -2.094  -13.032 1.00 62.11 ? 10  DG  A P     1 
ATOM   178 O  OP1   . DG  A  1 10 ? -0.780  -2.188  -14.367 1.00 61.36 ? 10  DG  A OP1   1 
ATOM   179 O  OP2   . DG  A  1 10 ? -1.327  -3.266  -12.124 1.00 63.43 ? 10  DG  A OP2   1 
ATOM   180 O  "O5'" . DG  A  1 10 ? -0.852  -0.805  -12.239 1.00 51.93 ? 10  DG  A "O5'" 1 
ATOM   181 C  "C5'" . DG  A  1 10 ? -0.726  0.438   -12.923 1.00 54.07 ? 10  DG  A "C5'" 1 
ATOM   182 C  "C4'" . DG  A  1 10 ? -0.633  1.622   -11.963 1.00 54.29 ? 10  DG  A "C4'" 1 
ATOM   183 O  "O4'" . DG  A  1 10 ? -1.524  1.453   -10.834 1.00 56.67 ? 10  DG  A "O4'" 1 
ATOM   184 C  "C3'" . DG  A  1 10 ? 0.751   1.898   -11.352 1.00 52.83 ? 10  DG  A "C3'" 1 
ATOM   185 O  "O3'" . DG  A  1 10 ? 1.089   3.245   -11.598 1.00 63.09 ? 10  DG  A "O3'" 1 
ATOM   186 C  "C2'" . DG  A  1 10 ? 0.529   1.670   -9.862  1.00 50.19 ? 10  DG  A "C2'" 1 
ATOM   187 C  "C1'" . DG  A  1 10 ? -0.917  2.090   -9.744  1.00 51.60 ? 10  DG  A "C1'" 1 
ATOM   188 N  N9    . DG  A  1 10 ? -1.550  1.657   -8.513  1.00 46.28 ? 10  DG  A N9    1 
ATOM   189 C  C8    . DG  A  1 10 ? -2.034  2.456   -7.496  1.00 44.29 ? 10  DG  A C8    1 
ATOM   190 N  N7    . DG  A  1 10 ? -2.543  1.776   -6.506  1.00 39.67 ? 10  DG  A N7    1 
ATOM   191 C  C5    . DG  A  1 10 ? -2.380  0.449   -6.889  1.00 40.63 ? 10  DG  A C5    1 
ATOM   192 C  C6    . DG  A  1 10 ? -2.726  -0.736  -6.216  1.00 41.38 ? 10  DG  A C6    1 
ATOM   193 O  O6    . DG  A  1 10 ? -3.271  -0.852  -5.113  1.00 45.61 ? 10  DG  A O6    1 
ATOM   194 N  N1    . DG  A  1 10 ? -2.378  -1.876  -6.956  1.00 41.38 ? 10  DG  A N1    1 
ATOM   195 C  C2    . DG  A  1 10 ? -1.767  -1.855  -8.194  1.00 40.40 ? 10  DG  A C2    1 
ATOM   196 N  N2    . DG  A  1 10 ? -1.513  -3.043  -8.762  1.00 36.09 ? 10  DG  A N2    1 
ATOM   197 N  N3    . DG  A  1 10 ? -1.434  -0.743  -8.834  1.00 43.21 ? 10  DG  A N3    1 
ATOM   198 C  C4    . DG  A  1 10 ? -1.768  0.364   -8.124  1.00 44.10 ? 10  DG  A C4    1 
ATOM   199 P  P     . DC  A  1 11 ? 2.403   3.893   -10.942 1.00 63.42 ? 11  DC  A P     1 
ATOM   200 O  OP1   . DC  A  1 11 ? 2.689   5.145   -11.680 1.00 52.34 ? 11  DC  A OP1   1 
ATOM   201 O  OP2   . DC  A  1 11 ? 3.426   2.816   -10.850 1.00 58.72 ? 11  DC  A OP2   1 
ATOM   202 O  "O5'" . DC  A  1 11 ? 1.932   4.282   -9.460  1.00 57.86 ? 11  DC  A "O5'" 1 
ATOM   203 C  "C5'" . DC  A  1 11 ? 1.339   5.543   -9.200  1.00 53.30 ? 11  DC  A "C5'" 1 
ATOM   204 C  "C4'" . DC  A  1 11 ? 1.038   5.678   -7.721  1.00 50.66 ? 11  DC  A "C4'" 1 
ATOM   205 O  "O4'" . DC  A  1 11 ? 0.359   4.501   -7.277  1.00 47.72 ? 11  DC  A "O4'" 1 
ATOM   206 C  "C3'" . DC  A  1 11 ? 2.265   5.743   -6.843  1.00 53.30 ? 11  DC  A "C3'" 1 
ATOM   207 O  "O3'" . DC  A  1 11 ? 2.682   7.090   -6.699  1.00 50.62 ? 11  DC  A "O3'" 1 
ATOM   208 C  "C2'" . DC  A  1 11 ? 1.804   5.117   -5.507  1.00 48.98 ? 11  DC  A "C2'" 1 
ATOM   209 C  "C1'" . DC  A  1 11 ? 0.512   4.383   -5.880  1.00 48.56 ? 11  DC  A "C1'" 1 
ATOM   210 N  N1    . DC  A  1 11 ? 0.457   2.899   -5.530  1.00 48.25 ? 11  DC  A N1    1 
ATOM   211 C  C2    . DC  A  1 11 ? -0.369  2.453   -4.480  1.00 42.65 ? 11  DC  A C2    1 
ATOM   212 O  O2    . DC  A  1 11 ? -1.001  3.277   -3.804  1.00 46.73 ? 11  DC  A O2    1 
ATOM   213 N  N3    . DC  A  1 11 ? -0.445  1.134   -4.230  1.00 37.63 ? 11  DC  A N3    1 
ATOM   214 C  C4    . DC  A  1 11 ? 0.241   0.270   -4.967  1.00 39.06 ? 11  DC  A C4    1 
ATOM   215 N  N4    . DC  A  1 11 ? 0.133   -1.028  -4.661  1.00 41.98 ? 11  DC  A N4    1 
ATOM   216 C  C5    . DC  A  1 11 ? 1.070   0.688   -6.043  1.00 38.40 ? 11  DC  A C5    1 
ATOM   217 C  C6    . DC  A  1 11 ? 1.143   1.997   -6.295  1.00 46.02 ? 11  DC  A C6    1 
ATOM   218 P  P     . DG  A  1 12 ? 4.176   7.416   -6.195  1.00 70.28 ? 12  DG  A P     1 
ATOM   219 O  OP1   . DG  A  1 12 ? 4.850   8.244   -7.228  1.00 60.18 ? 12  DG  A OP1   1 
ATOM   220 O  OP2   . DG  A  1 12 ? 4.838   6.146   -5.763  1.00 54.42 ? 12  DG  A OP2   1 
ATOM   221 O  "O5'" . DG  A  1 12 ? 3.909   8.328   -4.905  1.00 62.13 ? 12  DG  A "O5'" 1 
ATOM   222 C  "C5'" . DG  A  1 12 ? 2.577   8.481   -4.406  1.00 48.42 ? 12  DG  A "C5'" 1 
ATOM   223 C  "C4'" . DG  A  1 12 ? 2.568   8.439   -2.894  1.00 51.04 ? 12  DG  A "C4'" 1 
ATOM   224 O  "O4'" . DG  A  1 12 ? 1.975   7.188   -2.453  1.00 51.24 ? 12  DG  A "O4'" 1 
ATOM   225 C  "C3'" . DG  A  1 12 ? 3.954   8.483   -2.241  1.00 59.14 ? 12  DG  A "C3'" 1 
ATOM   226 O  "O3'" . DG  A  1 12 ? 3.862   9.119   -0.963  1.00 58.21 ? 12  DG  A "O3'" 1 
ATOM   227 C  "C2'" . DG  A  1 12 ? 4.282   6.998   -2.099  1.00 54.37 ? 12  DG  A "C2'" 1 
ATOM   228 C  "C1'" . DG  A  1 12 ? 2.914   6.463   -1.685  1.00 49.58 ? 12  DG  A "C1'" 1 
ATOM   229 N  N9    . DG  A  1 12 ? 2.728   5.023   -1.910  1.00 44.29 ? 12  DG  A N9    1 
ATOM   230 C  C8    . DG  A  1 12 ? 3.545   4.173   -2.619  1.00 44.96 ? 12  DG  A C8    1 
ATOM   231 N  N7    . DG  A  1 12 ? 3.120   2.933   -2.631  1.00 44.22 ? 12  DG  A N7    1 
ATOM   232 C  C5    . DG  A  1 12 ? 1.949   2.968   -1.883  1.00 43.17 ? 12  DG  A C5    1 
ATOM   233 C  C6    . DG  A  1 12 ? 1.042   1.924   -1.541  1.00 44.90 ? 12  DG  A C6    1 
ATOM   234 O  O6    . DG  A  1 12 ? 1.096   0.724   -1.844  1.00 43.64 ? 12  DG  A O6    1 
ATOM   235 N  N1    . DG  A  1 12 ? -0.020  2.390   -0.773  1.00 47.78 ? 12  DG  A N1    1 
ATOM   236 C  C2    . DG  A  1 12 ? -0.188  3.698   -0.378  1.00 53.43 ? 12  DG  A C2    1 
ATOM   237 N  N2    . DG  A  1 12 ? -1.280  3.966   0.366   1.00 51.95 ? 12  DG  A N2    1 
ATOM   238 N  N3    . DG  A  1 12 ? 0.658   4.681   -0.687  1.00 52.43 ? 12  DG  A N3    1 
ATOM   239 C  C4    . DG  A  1 12 ? 1.699   4.244   -1.431  1.00 43.81 ? 12  DG  A C4    1 
ATOM   240 O  "O5'" . DC  B  1 1  ? -5.798  -2.395  4.090   1.00 61.04 ? 1   DC  B "O5'" 1 
ATOM   241 C  "C5'" . DC  B  1 1  ? -6.291  -1.137  3.643   1.00 55.57 ? 1   DC  B "C5'" 1 
ATOM   242 C  "C4'" . DC  B  1 1  ? -5.261  -0.031  3.845   1.00 55.63 ? 1   DC  B "C4'" 1 
ATOM   243 O  "O4'" . DC  B  1 1  ? -3.995  -0.417  3.250   1.00 53.68 ? 1   DC  B "O4'" 1 
ATOM   244 C  "C3'" . DC  B  1 1  ? -5.654  1.310   3.232   1.00 59.21 ? 1   DC  B "C3'" 1 
ATOM   245 O  "O3'" . DC  B  1 1  ? -5.948  2.240   4.270   1.00 61.49 ? 1   DC  B "O3'" 1 
ATOM   246 C  "C2'" . DC  B  1 1  ? -4.445  1.755   2.395   1.00 51.40 ? 1   DC  B "C2'" 1 
ATOM   247 C  "C1'" . DC  B  1 1  ? -3.610  0.491   2.241   1.00 49.04 ? 1   DC  B "C1'" 1 
ATOM   248 N  N1    . DC  B  1 1  ? -3.718  -0.202  0.903   1.00 47.60 ? 1   DC  B N1    1 
ATOM   249 C  C2    . DC  B  1 1  ? -3.126  0.363   -0.235  1.00 48.93 ? 1   DC  B C2    1 
ATOM   250 O  O2    . DC  B  1 1  ? -2.555  1.461   -0.142  1.00 49.37 ? 1   DC  B O2    1 
ATOM   251 N  N3    . DC  B  1 1  ? -3.203  -0.308  -1.418  1.00 47.54 ? 1   DC  B N3    1 
ATOM   252 C  C4    . DC  B  1 1  ? -3.828  -1.483  -1.485  1.00 46.54 ? 1   DC  B C4    1 
ATOM   253 N  N4    . DC  B  1 1  ? -3.883  -2.100  -2.671  1.00 45.89 ? 1   DC  B N4    1 
ATOM   254 C  C5    . DC  B  1 1  ? -4.424  -2.075  -0.342  1.00 48.75 ? 1   DC  B C5    1 
ATOM   255 C  C6    . DC  B  1 1  ? -4.337  -1.414  0.821   1.00 50.72 ? 1   DC  B C6    1 
ATOM   256 P  P     . DG  B  1 2  ? -7.103  3.328   4.051   1.00 65.58 ? 2   DG  B P     1 
ATOM   257 O  OP1   . DG  B  1 2  ? -7.277  4.135   5.289   1.00 61.40 ? 2   DG  B OP1   1 
ATOM   258 O  OP2   . DG  B  1 2  ? -8.229  2.591   3.421   1.00 61.08 ? 2   DG  B OP2   1 
ATOM   259 O  "O5'" . DG  B  1 2  ? -6.486  4.298   2.966   1.00 54.90 ? 2   DG  B "O5'" 1 
ATOM   260 C  "C5'" . DG  B  1 2  ? -5.378  5.087   3.297   1.00 54.01 ? 2   DG  B "C5'" 1 
ATOM   261 C  "C4'" . DG  B  1 2  ? -4.789  5.676   2.046   1.00 53.78 ? 2   DG  B "C4'" 1 
ATOM   262 O  "O4'" . DG  B  1 2  ? -4.467  4.594   1.130   1.00 52.61 ? 2   DG  B "O4'" 1 
ATOM   263 C  "C3'" . DG  B  1 2  ? -5.744  6.605   1.278   1.00 58.37 ? 2   DG  B "C3'" 1 
ATOM   264 O  "O3'" . DG  B  1 2  ? -5.120  7.858   1.014   1.00 61.37 ? 2   DG  B "O3'" 1 
ATOM   265 C  "C2'" . DG  B  1 2  ? -6.029  5.839   -0.017  1.00 55.38 ? 2   DG  B "C2'" 1 
ATOM   266 C  "C1'" . DG  B  1 2  ? -4.751  5.034   -0.168  1.00 54.59 ? 2   DG  B "C1'" 1 
ATOM   267 N  N9    . DG  B  1 2  ? -4.885  3.893   -1.076  1.00 49.44 ? 2   DG  B N9    1 
ATOM   268 C  C8    . DG  B  1 2  ? -4.210  3.700   -2.263  1.00 46.44 ? 2   DG  B C8    1 
ATOM   269 N  N7    . DG  B  1 2  ? -4.556  2.608   -2.883  1.00 44.65 ? 2   DG  B N7    1 
ATOM   270 C  C5    . DG  B  1 2  ? -5.534  2.051   -2.072  1.00 46.27 ? 2   DG  B C5    1 
ATOM   271 C  C6    . DG  B  1 2  ? -6.285  0.869   -2.240  1.00 49.55 ? 2   DG  B C6    1 
ATOM   272 O  O6    . DG  B  1 2  ? -6.225  0.054   -3.172  1.00 52.22 ? 2   DG  B O6    1 
ATOM   273 N  N1    . DG  B  1 2  ? -7.182  0.670   -1.185  1.00 48.87 ? 2   DG  B N1    1 
ATOM   274 C  C2    . DG  B  1 2  ? -7.328  1.515   -0.108  1.00 49.55 ? 2   DG  B C2    1 
ATOM   275 N  N2    . DG  B  1 2  ? -8.235  1.158   0.815   1.00 52.91 ? 2   DG  B N2    1 
ATOM   276 N  N3    . DG  B  1 2  ? -6.633  2.632   0.055   1.00 50.41 ? 2   DG  B N3    1 
ATOM   277 C  C4    . DG  B  1 2  ? -5.757  2.835   -0.960  1.00 47.70 ? 2   DG  B C4    1 
ATOM   278 P  P     . DC  B  1 3  ? -5.914  8.982   0.185   1.00 70.98 ? 3   DC  B P     1 
ATOM   279 O  OP1   . DC  B  1 3  ? -5.198  10.272  0.354   1.00 64.85 ? 3   DC  B OP1   1 
ATOM   280 O  OP2   . DC  B  1 3  ? -7.345  8.861   0.556   1.00 62.73 ? 3   DC  B OP2   1 
ATOM   281 O  "O5'" . DC  B  1 3  ? -5.789  8.506   -1.339  1.00 61.52 ? 3   DC  B "O5'" 1 
ATOM   282 C  "C5'" . DC  B  1 3  ? -4.703  8.934   -2.133  1.00 58.14 ? 3   DC  B "C5'" 1 
ATOM   283 C  "C4'" . DC  B  1 3  ? -4.776  8.335   -3.527  1.00 54.45 ? 3   DC  B "C4'" 1 
ATOM   284 O  "O4'" . DC  B  1 3  ? -4.676  6.888   -3.459  1.00 53.21 ? 3   DC  B "O4'" 1 
ATOM   285 C  "C3'" . DC  B  1 3  ? -6.086  8.524   -4.257  1.00 61.94 ? 3   DC  B "C3'" 1 
ATOM   286 O  "O3'" . DC  B  1 3  ? -6.308  9.908   -4.723  1.00 66.93 ? 3   DC  B "O3'" 1 
ATOM   287 C  "C2'" . DC  B  1 3  ? -5.918  7.512   -5.385  1.00 57.59 ? 3   DC  B "C2'" 1 
ATOM   288 C  "C1'" . DC  B  1 3  ? -5.242  6.348   -4.656  1.00 50.58 ? 3   DC  B "C1'" 1 
ATOM   289 N  N1    . DC  B  1 3  ? -6.189  5.231   -4.323  1.00 47.44 ? 3   DC  B N1    1 
ATOM   290 C  C2    . DC  B  1 3  ? -6.187  4.057   -5.102  1.00 47.08 ? 3   DC  B C2    1 
ATOM   291 O  O2    . DC  B  1 3  ? -5.397  3.955   -6.044  1.00 47.56 ? 3   DC  B O2    1 
ATOM   292 N  N3    . DC  B  1 3  ? -7.054  3.062   -4.796  1.00 44.01 ? 3   DC  B N3    1 
ATOM   293 C  C4    . DC  B  1 3  ? -7.900  3.200   -3.788  1.00 43.39 ? 3   DC  B C4    1 
ATOM   294 N  N4    . DC  B  1 3  ? -8.720  2.181   -3.529  1.00 47.72 ? 3   DC  B N4    1 
ATOM   295 C  C5    . DC  B  1 3  ? -7.932  4.383   -2.989  1.00 47.44 ? 3   DC  B C5    1 
ATOM   296 C  C6    . DC  B  1 3  ? -7.074  5.369   -3.294  1.00 48.59 ? 3   DC  B C6    1 
ATOM   297 P  P     . DG  B  1 4  ? -5.450  10.598  -5.897  1.00 61.64 ? 4   DG  B P     1 
ATOM   298 O  OP1   . DG  B  1 4  ? -4.024  10.326  -5.625  1.00 67.55 ? 4   DG  B OP1   1 
ATOM   299 O  OP2   . DG  B  1 4  ? -5.934  11.990  -6.024  1.00 49.25 ? 4   DG  B OP2   1 
ATOM   300 O  "O5'" . DG  B  1 4  ? -5.819  9.812   -7.238  1.00 53.39 ? 4   DG  B "O5'" 1 
ATOM   301 C  "C5'" . DG  B  1 4  ? -4.762  9.470   -8.113  1.00 52.00 ? 4   DG  B "C5'" 1 
ATOM   302 C  "C4'" . DG  B  1 4  ? -5.180  8.420   -9.111  1.00 48.89 ? 4   DG  B "C4'" 1 
ATOM   303 O  "O4'" . DG  B  1 4  ? -5.719  7.261   -8.443  1.00 53.51 ? 4   DG  B "O4'" 1 
ATOM   304 C  "C3'" . DG  B  1 4  ? -6.255  8.859   -10.096 1.00 49.44 ? 4   DG  B "C3'" 1 
ATOM   305 O  "O3'" . DG  B  1 4  ? -5.707  8.850   -11.389 1.00 51.82 ? 4   DG  B "O3'" 1 
ATOM   306 C  "C2'" . DG  B  1 4  ? -7.357  7.797   -9.943  1.00 46.70 ? 4   DG  B "C2'" 1 
ATOM   307 C  "C1'" . DG  B  1 4  ? -6.579  6.646   -9.352  1.00 46.88 ? 4   DG  B "C1'" 1 
ATOM   308 N  N9    . DG  B  1 4  ? -7.405  5.663   -8.668  1.00 43.49 ? 4   DG  B N9    1 
ATOM   309 C  C8    . DG  B  1 4  ? -7.493  4.321   -8.960  1.00 42.22 ? 4   DG  B C8    1 
ATOM   310 N  N7    . DG  B  1 4  ? -8.336  3.680   -8.199  1.00 39.79 ? 4   DG  B N7    1 
ATOM   311 C  C5    . DG  B  1 4  ? -8.846  4.656   -7.350  1.00 40.97 ? 4   DG  B C5    1 
ATOM   312 C  C6    . DG  B  1 4  ? -9.801  4.554   -6.310  1.00 41.15 ? 4   DG  B C6    1 
ATOM   313 O  O6    . DG  B  1 4  ? -10.409 3.551   -5.926  1.00 45.99 ? 4   DG  B O6    1 
ATOM   314 N  N1    . DG  B  1 4  ? -10.047 5.784   -5.703  1.00 43.24 ? 4   DG  B N1    1 
ATOM   315 C  C2    . DG  B  1 4  ? -9.442  6.969   -6.053  1.00 46.72 ? 4   DG  B C2    1 
ATOM   316 N  N2    . DG  B  1 4  ? -9.805  8.054   -5.346  1.00 43.21 ? 4   DG  B N2    1 
ATOM   317 N  N3    . DG  B  1 4  ? -8.537  7.082   -7.027  1.00 47.49 ? 4   DG  B N3    1 
ATOM   318 C  C4    . DG  B  1 4  ? -8.286  5.886   -7.628  1.00 44.76 ? 4   DG  B C4    1 
ATOM   319 P  P     . DC  B  1 5  ? -6.612  9.246   -12.654 1.00 61.08 ? 5   DC  B P     1 
ATOM   320 O  OP1   . DC  B  1 5  ? -5.704  9.434   -13.820 1.00 58.54 ? 5   DC  B OP1   1 
ATOM   321 O  OP2   . DC  B  1 5  ? -7.524  10.317  -12.179 1.00 53.87 ? 5   DC  B OP2   1 
ATOM   322 O  "O5'" . DC  B  1 5  ? -7.476  7.928   -12.938 1.00 52.14 ? 5   DC  B "O5'" 1 
ATOM   323 C  "C5'" . DC  B  1 5  ? -6.819  6.732   -13.301 1.00 44.86 ? 5   DC  B "C5'" 1 
ATOM   324 C  "C4'" . DC  B  1 5  ? -7.785  5.571   -13.312 1.00 43.37 ? 5   DC  B "C4'" 1 
ATOM   325 O  "O4'" . DC  B  1 5  ? -8.359  5.396   -12.008 1.00 44.40 ? 5   DC  B "O4'" 1 
ATOM   326 C  "C3'" . DC  B  1 5  ? -8.964  5.724   -14.270 1.00 44.24 ? 5   DC  B "C3'" 1 
ATOM   327 O  "O3'" . DC  B  1 5  ? -8.754  4.870   -15.382 1.00 45.01 ? 5   DC  B "O3'" 1 
ATOM   328 C  "C2'" . DC  B  1 5  ? -10.198 5.319   -13.435 1.00 43.77 ? 5   DC  B "C2'" 1 
ATOM   329 C  "C1'" . DC  B  1 5  ? -9.580  4.728   -12.172 1.00 42.85 ? 5   DC  B "C1'" 1 
ATOM   330 N  N1    . DC  B  1 5  ? -10.388 4.923   -10.925 1.00 40.43 ? 5   DC  B N1    1 
ATOM   331 C  C2    . DC  B  1 5  ? -10.844 3.802   -10.222 1.00 40.54 ? 5   DC  B C2    1 
ATOM   332 O  O2    . DC  B  1 5  ? -10.597 2.667   -10.666 1.00 40.81 ? 5   DC  B O2    1 
ATOM   333 N  N3    . DC  B  1 5  ? -11.547 3.988   -9.082  1.00 39.50 ? 5   DC  B N3    1 
ATOM   334 C  C4    . DC  B  1 5  ? -11.802 5.222   -8.641  1.00 41.92 ? 5   DC  B C4    1 
ATOM   335 N  N4    . DC  B  1 5  ? -12.509 5.346   -7.502  1.00 42.48 ? 5   DC  B N4    1 
ATOM   336 C  C5    . DC  B  1 5  ? -11.329 6.378   -9.335  1.00 38.52 ? 5   DC  B C5    1 
ATOM   337 C  C6    . DC  B  1 5  ? -10.633 6.183   -10.457 1.00 39.24 ? 5   DC  B C6    1 
HETATM 338 N  N1    . BRU B  1 6  ? -13.463 2.625   -12.806 1.00 39.78 ? 6   BRU B N1    1 
HETATM 339 C  C2    . BRU B  1 6  ? -13.943 2.331   -11.436 1.00 37.64 ? 6   BRU B C2    1 
HETATM 340 N  N3    . BRU B  1 6  ? -14.399 3.435   -10.542 1.00 36.51 ? 6   BRU B N3    1 
HETATM 341 C  C4    . BRU B  1 6  ? -14.392 4.802   -10.994 1.00 40.39 ? 6   BRU B C4    1 
HETATM 342 C  C5    . BRU B  1 6  ? -13.904 5.065   -12.364 1.00 42.96 ? 6   BRU B C5    1 
HETATM 343 C  C6    . BRU B  1 6  ? -13.433 3.989   -13.259 1.00 42.29 ? 6   BRU B C6    1 
HETATM 344 O  O2    . BRU B  1 6  ? -13.980 1.220   -11.033 1.00 37.55 ? 6   BRU B O2    1 
HETATM 345 O  O4    . BRU B  1 6  ? -14.780 5.669   -10.273 1.00 44.13 ? 6   BRU B O4    1 
HETATM 346 BR BR    . BRU B  1 6  ? -13.856 6.878   -13.050 1.00 65.06 ? 6   BRU B BR    1 
HETATM 347 C  "C1'" . BRU B  1 6  ? -12.969 1.550   -13.685 1.00 42.02 ? 6   BRU B "C1'" 1 
HETATM 348 C  "C2'" . BRU B  1 6  ? -13.390 1.676   -15.200 1.00 42.17 ? 6   BRU B "C2'" 1 
HETATM 349 C  "C3'" . BRU B  1 6  ? -12.240 1.010   -15.953 1.00 43.39 ? 6   BRU B "C3'" 1 
HETATM 350 C  "C4'" . BRU B  1 6  ? -11.167 1.125   -15.137 1.00 47.68 ? 6   BRU B "C4'" 1 
HETATM 351 O  "O3'" . BRU B  1 6  ? -12.425 -0.462  -16.131 1.00 43.76 ? 6   BRU B "O3'" 1 
HETATM 352 O  "O4'" . BRU B  1 6  ? -11.677 1.724   -13.723 1.00 43.90 ? 6   BRU B "O4'" 1 
HETATM 353 C  "C5'" . BRU B  1 6  ? -10.125 2.012   -15.699 1.00 42.70 ? 6   BRU B "C5'" 1 
HETATM 354 O  "O5'" . BRU B  1 6  ? -10.723 3.278   -15.671 1.00 49.15 ? 6   BRU B "O5'" 1 
HETATM 355 P  P     . BRU B  1 6  ? -9.941  4.544   -16.404 1.00 50.69 ? 6   BRU B P     1 
HETATM 356 O  OP1   . BRU B  1 6  ? -9.386  4.084   -17.727 1.00 38.15 ? 6   BRU B OP1   1 
HETATM 357 O  OP2   . BRU B  1 6  ? -10.877 5.739   -16.532 1.00 43.02 ? 6   BRU B OP2   1 
ATOM   358 P  P     . DC  B  1 7  ? -13.693 -1.055  -16.911 1.00 47.30 ? 7   DC  B P     1 
ATOM   359 O  OP1   . DC  B  1 7  ? -13.426 -2.498  -17.116 1.00 42.21 ? 7   DC  B OP1   1 
ATOM   360 O  OP2   . DC  B  1 7  ? -14.036 -0.175  -18.062 1.00 43.73 ? 7   DC  B OP2   1 
ATOM   361 O  "O5'" . DC  B  1 7  ? -14.860 -0.986  -15.821 1.00 40.82 ? 7   DC  B "O5'" 1 
ATOM   362 C  "C5'" . DC  B  1 7  ? -14.809 -1.865  -14.736 1.00 40.86 ? 7   DC  B "C5'" 1 
ATOM   363 C  "C4'" . DC  B  1 7  ? -15.955 -1.647  -13.760 1.00 39.78 ? 7   DC  B "C4'" 1 
ATOM   364 O  "O4'" . DC  B  1 7  ? -15.932 -0.311  -13.227 1.00 39.78 ? 7   DC  B "O4'" 1 
ATOM   365 C  "C3'" . DC  B  1 7  ? -17.368 -1.878  -14.297 1.00 38.20 ? 7   DC  B "C3'" 1 
ATOM   366 O  "O3'" . DC  B  1 7  ? -17.971 -2.874  -13.491 1.00 40.35 ? 7   DC  B "O3'" 1 
ATOM   367 C  "C2'" . DC  B  1 7  ? -18.046 -0.510  -14.103 1.00 42.60 ? 7   DC  B "C2'" 1 
ATOM   368 C  "C1'" . DC  B  1 7  ? -17.247 0.069   -12.950 1.00 38.23 ? 7   DC  B "C1'" 1 
ATOM   369 N  N1    . DC  B  1 7  ? -17.268 1.558   -12.852 1.00 35.19 ? 7   DC  B N1    1 
ATOM   370 C  C2    . DC  B  1 7  ? -17.463 2.163   -11.606 1.00 31.68 ? 7   DC  B C2    1 
ATOM   371 O  O2    . DC  B  1 7  ? -17.666 1.464   -10.621 1.00 34.87 ? 7   DC  B O2    1 
ATOM   372 N  N3    . DC  B  1 7  ? -17.438 3.505   -11.516 1.00 35.89 ? 7   DC  B N3    1 
ATOM   373 C  C4    . DC  B  1 7  ? -17.229 4.246   -12.601 1.00 40.76 ? 7   DC  B C4    1 
ATOM   374 N  N4    . DC  B  1 7  ? -17.228 5.567   -12.449 1.00 39.35 ? 7   DC  B N4    1 
ATOM   375 C  C5    . DC  B  1 7  ? -17.017 3.658   -13.891 1.00 39.49 ? 7   DC  B C5    1 
ATOM   376 C  C6    . DC  B  1 7  ? -17.034 2.319   -13.967 1.00 39.92 ? 7   DC  B C6    1 
HETATM 377 N  N1    . BRU B  1 8  ? -21.400 0.839   -11.161 1.00 36.32 ? 8   BRU B N1    1 
HETATM 378 C  C2    . BRU B  1 8  ? -21.201 1.988   -10.244 1.00 35.37 ? 8   BRU B C2    1 
HETATM 379 N  N3    . BRU B  1 8  ? -20.793 3.318   -10.769 1.00 34.08 ? 8   BRU B N3    1 
HETATM 380 C  C4    . BRU B  1 8  ? -20.597 3.517   -12.188 1.00 37.90 ? 8   BRU B C4    1 
HETATM 381 C  C5    . BRU B  1 8  ? -20.800 2.357   -13.094 1.00 38.43 ? 8   BRU B C5    1 
HETATM 382 C  C6    . BRU B  1 8  ? -21.196 1.022   -12.579 1.00 40.02 ? 8   BRU B C6    1 
HETATM 383 O  O2    . BRU B  1 8  ? -21.366 1.858   -9.079  1.00 42.69 ? 8   BRU B O2    1 
HETATM 384 O  O4    . BRU B  1 8  ? -20.277 4.592   -12.592 1.00 38.55 ? 8   BRU B O4    1 
HETATM 385 BR BR    . BRU B  1 8  ? -20.543 2.570   -15.014 1.00 67.09 ? 8   BRU B BR    1 
HETATM 386 C  "C1'" . BRU B  1 8  ? -21.798 -0.465  -10.614 1.00 41.28 ? 8   BRU B "C1'" 1 
HETATM 387 C  "C2'" . BRU B  1 8  ? -22.361 -1.421  -11.733 1.00 39.94 ? 8   BRU B "C2'" 1 
HETATM 388 C  "C3'" . BRU B  1 8  ? -22.054 -2.759  -11.093 1.00 41.43 ? 8   BRU B "C3'" 1 
HETATM 389 C  "C4'" . BRU B  1 8  ? -20.783 -2.576  -10.713 1.00 43.60 ? 8   BRU B "C4'" 1 
HETATM 390 O  "O3'" . BRU B  1 8  ? -22.804 -2.835  -9.823  1.00 43.74 ? 8   BRU B "O3'" 1 
HETATM 391 O  "O4'" . BRU B  1 8  ? -20.741 -1.076  -10.121 1.00 45.95 ? 8   BRU B "O4'" 1 
HETATM 392 C  "C5'" . BRU B  1 8  ? -19.885 -2.610  -11.871 1.00 39.59 ? 8   BRU B "C5'" 1 
HETATM 393 O  "O5'" . BRU B  1 8  ? -20.188 -3.740  -12.654 1.00 42.94 ? 8   BRU B "O5'" 1 
HETATM 394 P  P     . BRU B  1 8  ? -19.213 -3.767  -13.985 1.00 46.19 ? 8   BRU B P     1 
HETATM 395 O  OP1   . BRU B  1 8  ? -18.771 -5.183  -14.268 1.00 44.37 ? 8   BRU B OP1   1 
HETATM 396 O  OP2   . BRU B  1 8  ? -19.933 -3.175  -15.188 1.00 50.37 ? 8   BRU B OP2   1 
ATOM   397 P  P     . DC  B  1 9  ? -24.126 -3.733  -9.694  1.00 52.22 ? 9   DC  B P     1 
ATOM   398 O  OP1   . DC  B  1 9  ? -23.802 -4.764  -8.685  1.00 47.29 ? 9   DC  B OP1   1 
ATOM   399 O  OP2   . DC  B  1 9  ? -24.581 -4.141  -11.053 1.00 51.03 ? 9   DC  B OP2   1 
ATOM   400 O  "O5'" . DC  B  1 9  ? -25.164 -2.720  -9.013  1.00 46.36 ? 9   DC  B "O5'" 1 
ATOM   401 C  "C5'" . DC  B  1 9  ? -25.054 -2.491  -7.625  1.00 43.58 ? 9   DC  B "C5'" 1 
ATOM   402 C  "C4'" . DC  B  1 9  ? -24.956 -1.015  -7.281  1.00 44.56 ? 9   DC  B "C4'" 1 
ATOM   403 O  "O4'" . DC  B  1 9  ? -24.190 -0.298  -8.261  1.00 46.45 ? 9   DC  B "O4'" 1 
ATOM   404 C  "C3'" . DC  B  1 9  ? -26.264 -0.259  -7.254  1.00 43.10 ? 9   DC  B "C3'" 1 
ATOM   405 O  "O3'" . DC  B  1 9  ? -26.924 -0.472  -6.031  1.00 45.32 ? 9   DC  B "O3'" 1 
ATOM   406 C  "C2'" . DC  B  1 9  ? -25.795 1.193   -7.359  1.00 46.12 ? 9   DC  B "C2'" 1 
ATOM   407 C  "C1'" . DC  B  1 9  ? -24.445 1.079   -8.045  1.00 42.33 ? 9   DC  B "C1'" 1 
ATOM   408 N  N1    . DC  B  1 9  ? -24.373 1.817   -9.321  1.00 42.20 ? 9   DC  B N1    1 
ATOM   409 C  C2    . DC  B  1 9  ? -24.001 3.157   -9.282  1.00 42.66 ? 9   DC  B C2    1 
ATOM   410 O  O2    . DC  B  1 9  ? -23.756 3.669   -8.180  1.00 47.13 ? 9   DC  B O2    1 
ATOM   411 N  N3    . DC  B  1 9  ? -23.902 3.852   -10.441 1.00 36.73 ? 9   DC  B N3    1 
ATOM   412 C  C4    . DC  B  1 9  ? -24.164 3.252   -11.594 1.00 35.81 ? 9   DC  B C4    1 
ATOM   413 N  N4    . DC  B  1 9  ? -24.042 3.975   -12.697 1.00 35.82 ? 9   DC  B N4    1 
ATOM   414 C  C5    . DC  B  1 9  ? -24.565 1.878   -11.664 1.00 34.73 ? 9   DC  B C5    1 
ATOM   415 C  C6    . DC  B  1 9  ? -24.655 1.201   -10.509 1.00 39.02 ? 9   DC  B C6    1 
ATOM   416 P  P     . DG  B  1 10 ? -28.415 0.083   -5.821  1.00 52.53 ? 10  DG  B P     1 
ATOM   417 O  OP1   . DG  B  1 10 ? -29.050 -0.687  -4.721  1.00 47.05 ? 10  DG  B OP1   1 
ATOM   418 O  OP2   . DG  B  1 10 ? -29.051 0.111   -7.164  1.00 42.73 ? 10  DG  B OP2   1 
ATOM   419 O  "O5'" . DG  B  1 10 ? -28.180 1.578   -5.300  1.00 43.58 ? 10  DG  B "O5'" 1 
ATOM   420 C  "C5'" . DG  B  1 10 ? -27.207 1.826   -4.298  1.00 40.32 ? 10  DG  B "C5'" 1 
ATOM   421 C  "C4'" . DG  B  1 10 ? -27.091 3.311   -4.047  1.00 48.37 ? 10  DG  B "C4'" 1 
ATOM   422 O  "O4'" . DG  B  1 10 ? -26.367 3.941   -5.151  1.00 56.16 ? 10  DG  B "O4'" 1 
ATOM   423 C  "C3'" . DG  B  1 10 ? -28.438 4.043   -3.949  1.00 46.91 ? 10  DG  B "C3'" 1 
ATOM   424 O  "O3'" . DG  B  1 10 ? -28.397 5.024   -2.901  1.00 51.97 ? 10  DG  B "O3'" 1 
ATOM   425 C  "C2'" . DG  B  1 10 ? -28.567 4.697   -5.315  1.00 47.23 ? 10  DG  B "C2'" 1 
ATOM   426 C  "C1'" . DG  B  1 10 ? -27.120 5.043   -5.610  1.00 48.66 ? 10  DG  B "C1'" 1 
ATOM   427 N  N9    . DG  B  1 10 ? -26.855 5.288   -7.023  1.00 40.76 ? 10  DG  B N9    1 
ATOM   428 C  C8    . DG  B  1 10 ? -26.193 6.368   -7.540  1.00 39.00 ? 10  DG  B C8    1 
ATOM   429 N  N7    . DG  B  1 10 ? -26.124 6.360   -8.834  1.00 38.88 ? 10  DG  B N7    1 
ATOM   430 C  C5    . DG  B  1 10 ? -26.799 5.208   -9.215  1.00 40.99 ? 10  DG  B C5    1 
ATOM   431 C  C6    . DG  B  1 10 ? -27.050 4.689   -10.509 1.00 42.35 ? 10  DG  B C6    1 
ATOM   432 O  O6    . DG  B  1 10 ? -26.704 5.168   -11.602 1.00 45.10 ? 10  DG  B O6    1 
ATOM   433 N  N1    . DG  B  1 10 ? -27.781 3.496   -10.468 1.00 38.81 ? 10  DG  B N1    1 
ATOM   434 C  C2    . DG  B  1 10 ? -28.207 2.882   -9.319  1.00 40.54 ? 10  DG  B C2    1 
ATOM   435 N  N2    . DG  B  1 10 ? -28.886 1.733   -9.482  1.00 34.09 ? 10  DG  B N2    1 
ATOM   436 N  N3    . DG  B  1 10 ? -27.981 3.361   -8.089  1.00 41.71 ? 10  DG  B N3    1 
ATOM   437 C  C4    . DG  B  1 10 ? -27.266 4.529   -8.117  1.00 41.62 ? 10  DG  B C4    1 
ATOM   438 P  P     . DC  B  1 11 ? -29.633 6.031   -2.665  1.00 61.66 ? 11  DC  B P     1 
ATOM   439 O  OP1   . DC  B  1 11 ? -29.607 6.433   -1.242  1.00 57.81 ? 11  DC  B OP1   1 
ATOM   440 O  OP2   . DC  B  1 11 ? -30.877 5.430   -3.241  1.00 49.86 ? 11  DC  B OP2   1 
ATOM   441 O  "O5'" . DC  B  1 11 ? -29.210 7.328   -3.510  1.00 56.14 ? 11  DC  B "O5'" 1 
ATOM   442 C  "C5'" . DC  B  1 11 ? -27.900 7.842   -3.380  1.00 53.71 ? 11  DC  B "C5'" 1 
ATOM   443 C  "C4'" . DC  B  1 11 ? -27.709 9.045   -4.278  1.00 55.99 ? 11  DC  B "C4'" 1 
ATOM   444 O  "O4'" . DC  B  1 11 ? -27.408 8.601   -5.614  1.00 52.90 ? 11  DC  B "O4'" 1 
ATOM   445 C  "C3'" . DC  B  1 11 ? -28.920 9.956   -4.382  1.00 55.61 ? 11  DC  B "C3'" 1 
ATOM   446 O  "O3'" . DC  B  1 11 ? -28.779 11.026  -3.415  1.00 55.66 ? 11  DC  B "O3'" 1 
ATOM   447 C  "C2'" . DC  B  1 11 ? -28.890 10.468  -5.844  1.00 51.36 ? 11  DC  B "C2'" 1 
ATOM   448 C  "C1'" . DC  B  1 11 ? -27.941 9.502   -6.570  1.00 50.43 ? 11  DC  B "C1'" 1 
ATOM   449 N  N1    . DC  B  1 11 ? -28.565 8.659   -7.658  1.00 46.70 ? 11  DC  B N1    1 
ATOM   450 C  C2    . DC  B  1 11 ? -28.093 8.764   -8.978  1.00 42.83 ? 11  DC  B C2    1 
ATOM   451 O  O2    . DC  B  1 11 ? -27.219 9.597   -9.243  1.00 41.62 ? 11  DC  B O2    1 
ATOM   452 N  N3    . DC  B  1 11 ? -28.623 7.956   -9.932  1.00 41.50 ? 11  DC  B N3    1 
ATOM   453 C  C4    . DC  B  1 11 ? -29.556 7.056   -9.604  1.00 42.58 ? 11  DC  B C4    1 
ATOM   454 N  N4    . DC  B  1 11 ? -30.052 6.281   -10.578 1.00 40.98 ? 11  DC  B N4    1 
ATOM   455 C  C5    . DC  B  1 11 ? -30.029 6.917   -8.262  1.00 41.16 ? 11  DC  B C5    1 
ATOM   456 C  C6    . DC  B  1 11 ? -29.502 7.720   -7.330  1.00 42.57 ? 11  DC  B C6    1 
ATOM   457 P  P     . DG  B  1 12 ? -29.926 12.139  -3.217  1.00 65.42 ? 12  DG  B P     1 
ATOM   458 O  OP1   . DG  B  1 12 ? -29.670 12.779  -1.905  1.00 57.50 ? 12  DG  B OP1   1 
ATOM   459 O  OP2   . DG  B  1 12 ? -31.255 11.537  -3.514  1.00 52.18 ? 12  DG  B OP2   1 
ATOM   460 O  "O5'" . DG  B  1 12 ? -29.621 13.205  -4.382  1.00 59.76 ? 12  DG  B "O5'" 1 
ATOM   461 C  "C5'" . DG  B  1 12 ? -28.309 13.789  -4.515  1.00 50.01 ? 12  DG  B "C5'" 1 
ATOM   462 C  "C4'" . DG  B  1 12 ? -28.295 14.904  -5.565  1.00 49.20 ? 12  DG  B "C4'" 1 
ATOM   463 O  "O4'" . DG  B  1 12 ? -28.489 14.336  -6.881  1.00 50.63 ? 12  DG  B "O4'" 1 
ATOM   464 C  "C3'" . DG  B  1 12 ? -29.382 15.978  -5.410  1.00 52.29 ? 12  DG  B "C3'" 1 
ATOM   465 O  "O3'" . DG  B  1 12 ? -28.912 17.260  -5.853  1.00 48.50 ? 12  DG  B "O3'" 1 
ATOM   466 C  "C2'" . DG  B  1 12 ? -30.523 15.464  -6.288  1.00 46.10 ? 12  DG  B "C2'" 1 
ATOM   467 C  "C1'" . DG  B  1 12 ? -29.800 14.633  -7.355  1.00 48.53 ? 12  DG  B "C1'" 1 
ATOM   468 N  N9    . DG  B  1 12 ? -30.483 13.376  -7.656  1.00 46.02 ? 12  DG  B N9    1 
ATOM   469 C  C8    . DG  B  1 12 ? -31.513 12.791  -6.942  1.00 46.90 ? 12  DG  B C8    1 
ATOM   470 N  N7    . DG  B  1 12 ? -31.926 11.663  -7.458  1.00 45.89 ? 12  DG  B N7    1 
ATOM   471 C  C5    . DG  B  1 12 ? -31.108 11.487  -8.579  1.00 44.37 ? 12  DG  B C5    1 
ATOM   472 C  C6    . DG  B  1 12 ? -31.086 10.443  -9.540  1.00 45.14 ? 12  DG  B C6    1 
ATOM   473 O  O6    . DG  B  1 12 ? -31.821 9.432   -9.591  1.00 48.63 ? 12  DG  B O6    1 
ATOM   474 N  N1    . DG  B  1 12 ? -30.100 10.660  -10.518 1.00 38.42 ? 12  DG  B N1    1 
ATOM   475 C  C2    . DG  B  1 12 ? -29.256 11.761  -10.550 1.00 42.78 ? 12  DG  B C2    1 
ATOM   476 N  N2    . DG  B  1 12 ? -28.359 11.813  -11.557 1.00 45.20 ? 12  DG  B N2    1 
ATOM   477 N  N3    . DG  B  1 12 ? -29.279 12.739  -9.656  1.00 38.57 ? 12  DG  B N3    1 
ATOM   478 C  C4    . DG  B  1 12 ? -30.221 12.538  -8.709  1.00 40.50 ? 12  DG  B C4    1 
ATOM   479 O  "O5'" . DC  C  1 1  ? 23.054  -15.830 13.574  1.00 48.16 ? 1   DC  C "O5'" 1 
ATOM   480 C  "C5'" . DC  C  1 1  ? 22.848  -16.455 14.847  1.00 42.61 ? 1   DC  C "C5'" 1 
ATOM   481 C  "C4'" . DC  C  1 1  ? 22.669  -15.414 15.943  1.00 40.12 ? 1   DC  C "C4'" 1 
ATOM   482 O  "O4'" . DC  C  1 1  ? 23.731  -14.442 15.872  1.00 39.42 ? 1   DC  C "O4'" 1 
ATOM   483 C  "C3'" . DC  C  1 1  ? 21.418  -14.580 15.825  1.00 42.25 ? 1   DC  C "C3'" 1 
ATOM   484 O  "O3'" . DC  C  1 1  ? 20.320  -15.278 16.375  1.00 38.42 ? 1   DC  C "O3'" 1 
ATOM   485 C  "C2'" . DC  C  1 1  ? 21.777  -13.317 16.630  1.00 38.12 ? 1   DC  C "C2'" 1 
ATOM   486 C  "C1'" . DC  C  1 1  ? 23.300  -13.229 16.464  1.00 34.84 ? 1   DC  C "C1'" 1 
ATOM   487 N  N1    . DC  C  1 1  ? 23.796  -12.119 15.606  1.00 37.58 ? 1   DC  C N1    1 
ATOM   488 C  C2    . DC  C  1 1  ? 23.992  -10.828 16.137  1.00 39.51 ? 1   DC  C C2    1 
ATOM   489 O  O2    . DC  C  1 1  ? 23.692  -10.604 17.319  1.00 38.24 ? 1   DC  C O2    1 
ATOM   490 N  N3    . DC  C  1 1  ? 24.502  -9.852  15.326  1.00 36.78 ? 1   DC  C N3    1 
ATOM   491 C  C4    . DC  C  1 1  ? 24.805  -10.126 14.052  1.00 37.47 ? 1   DC  C C4    1 
ATOM   492 N  N4    . DC  C  1 1  ? 25.273  -9.135  13.284  1.00 33.43 ? 1   DC  C N4    1 
ATOM   493 C  C5    . DC  C  1 1  ? 24.613  -11.428 13.503  1.00 42.58 ? 1   DC  C C5    1 
ATOM   494 C  C6    . DC  C  1 1  ? 24.127  -12.388 14.310  1.00 39.04 ? 1   DC  C C6    1 
ATOM   495 P  P     . DG  C  1 2  ? 18.856  -15.039 15.767  1.00 40.08 ? 2   DG  C P     1 
ATOM   496 O  OP1   . DG  C  1 2  ? 18.030  -16.206 16.138  1.00 45.87 ? 2   DG  C OP1   1 
ATOM   497 O  OP2   . DG  C  1 2  ? 19.012  -14.695 14.338  1.00 43.97 ? 2   DG  C OP2   1 
ATOM   498 O  "O5'" . DG  C  1 2  ? 18.343  -13.744 16.563  1.00 39.90 ? 2   DG  C "O5'" 1 
ATOM   499 C  "C5'" . DG  C  1 2  ? 18.533  -13.674 17.983  1.00 38.75 ? 2   DG  C "C5'" 1 
ATOM   500 C  "C4'" . DG  C  1 2  ? 18.187  -12.301 18.526  1.00 37.26 ? 2   DG  C "C4'" 1 
ATOM   501 O  "O4'" . DG  C  1 2  ? 19.273  -11.376 18.243  1.00 41.46 ? 2   DG  C "O4'" 1 
ATOM   502 C  "C3'" . DG  C  1 2  ? 16.920  -11.660 17.933  1.00 39.28 ? 2   DG  C "C3'" 1 
ATOM   503 O  "O3'" . DG  C  1 2  ? 16.195  -10.978 18.950  1.00 43.00 ? 2   DG  C "O3'" 1 
ATOM   504 C  "C2'" . DG  C  1 2  ? 17.488  -10.678 16.926  1.00 37.29 ? 2   DG  C "C2'" 1 
ATOM   505 C  "C1'" . DG  C  1 2  ? 18.715  -10.208 17.685  1.00 38.80 ? 2   DG  C "C1'" 1 
ATOM   506 N  N9    . DG  C  1 2  ? 19.700  -9.513  16.853  1.00 36.81 ? 2   DG  C N9    1 
ATOM   507 C  C8    . DG  C  1 2  ? 20.271  -8.296  17.121  1.00 37.95 ? 2   DG  C C8    1 
ATOM   508 N  N7    . DG  C  1 2  ? 21.098  -7.899  16.201  1.00 38.89 ? 2   DG  C N7    1 
ATOM   509 C  C5    . DG  C  1 2  ? 21.068  -8.905  15.248  1.00 36.40 ? 2   DG  C C5    1 
ATOM   510 C  C6    . DG  C  1 2  ? 21.763  -9.010  14.025  1.00 36.10 ? 2   DG  C C6    1 
ATOM   511 O  O6    . DG  C  1 2  ? 22.565  -8.204  13.530  1.00 36.63 ? 2   DG  C O6    1 
ATOM   512 N  N1    . DG  C  1 2  ? 21.450  -10.192 13.354  1.00 34.59 ? 2   DG  C N1    1 
ATOM   513 C  C2    . DG  C  1 2  ? 20.565  -11.140 13.808  1.00 36.61 ? 2   DG  C C2    1 
ATOM   514 N  N2    . DG  C  1 2  ? 20.382  -12.211 13.021  1.00 35.80 ? 2   DG  C N2    1 
ATOM   515 N  N3    . DG  C  1 2  ? 19.906  -11.050 14.958  1.00 36.71 ? 2   DG  C N3    1 
ATOM   516 C  C4    . DG  C  1 2  ? 20.205  -9.907  15.625  1.00 36.05 ? 2   DG  C C4    1 
ATOM   517 P  P     . DC  C  1 3  ? 14.921  -10.066 18.583  1.00 47.89 ? 3   DC  C P     1 
ATOM   518 O  OP1   . DC  C  1 3  ? 14.085  -9.931  19.807  1.00 37.80 ? 3   DC  C OP1   1 
ATOM   519 O  OP2   . DC  C  1 3  ? 14.315  -10.627 17.343  1.00 46.46 ? 3   DC  C OP2   1 
ATOM   520 O  "O5'" . DC  C  1 3  ? 15.566  -8.612  18.279  1.00 42.53 ? 3   DC  C "O5'" 1 
ATOM   521 C  "C5'" . DC  C  1 3  ? 16.176  -7.863  19.348  1.00 38.43 ? 3   DC  C "C5'" 1 
ATOM   522 C  "C4'" . DC  C  1 3  ? 16.805  -6.568  18.839  1.00 42.43 ? 3   DC  C "C4'" 1 
ATOM   523 O  "O4'" . DC  C  1 3  ? 17.773  -6.861  17.819  1.00 43.64 ? 3   DC  C "O4'" 1 
ATOM   524 C  "C3'" . DC  C  1 3  ? 15.846  -5.601  18.219  1.00 39.52 ? 3   DC  C "C3'" 1 
ATOM   525 O  "O3'" . DC  C  1 3  ? 15.536  -4.591  19.152  1.00 40.67 ? 3   DC  C "O3'" 1 
ATOM   526 C  "C2'" . DC  C  1 3  ? 16.590  -5.027  16.991  1.00 41.60 ? 3   DC  C "C2'" 1 
ATOM   527 C  "C1'" . DC  C  1 3  ? 17.884  -5.806  16.917  1.00 33.24 ? 3   DC  C "C1'" 1 
ATOM   528 N  N1    . DC  C  1 3  ? 18.134  -6.433  15.618  1.00 34.16 ? 3   DC  C N1    1 
ATOM   529 C  C2    . DC  C  1 3  ? 19.124  -5.938  14.757  1.00 39.54 ? 3   DC  C C2    1 
ATOM   530 O  O2    . DC  C  1 3  ? 19.772  -4.915  15.080  1.00 39.15 ? 3   DC  C O2    1 
ATOM   531 N  N3    . DC  C  1 3  ? 19.344  -6.591  13.579  1.00 37.55 ? 3   DC  C N3    1 
ATOM   532 C  C4    . DC  C  1 3  ? 18.645  -7.690  13.282  1.00 35.67 ? 3   DC  C C4    1 
ATOM   533 N  N4    . DC  C  1 3  ? 18.888  -8.302  12.120  1.00 38.59 ? 3   DC  C N4    1 
ATOM   534 C  C5    . DC  C  1 3  ? 17.657  -8.199  14.151  1.00 36.24 ? 3   DC  C C5    1 
ATOM   535 C  C6    . DC  C  1 3  ? 17.448  -7.555  15.300  1.00 36.87 ? 3   DC  C C6    1 
ATOM   536 P  P     . DG  C  1 4  ? 14.394  -3.519  18.786  1.00 54.67 ? 4   DG  C P     1 
ATOM   537 O  OP1   . DG  C  1 4  ? 13.997  -2.858  20.052  1.00 55.82 ? 4   DG  C OP1   1 
ATOM   538 O  OP2   . DG  C  1 4  ? 13.391  -4.192  17.927  1.00 38.35 ? 4   DG  C OP2   1 
ATOM   539 O  "O5'" . DG  C  1 4  ? 15.140  -2.478  17.829  1.00 40.47 ? 4   DG  C "O5'" 1 
ATOM   540 C  "C5'" . DG  C  1 4  ? 16.177  -1.687  18.323  1.00 34.95 ? 4   DG  C "C5'" 1 
ATOM   541 C  "C4'" . DG  C  1 4  ? 16.876  -0.964  17.185  1.00 44.94 ? 4   DG  C "C4'" 1 
ATOM   542 O  "O4'" . DG  C  1 4  ? 17.454  -1.915  16.240  1.00 45.75 ? 4   DG  C "O4'" 1 
ATOM   543 C  "C3'" . DG  C  1 4  ? 15.992  -0.032  16.340  1.00 42.16 ? 4   DG  C "C3'" 1 
ATOM   544 O  "O3'" . DG  C  1 4  ? 16.622  1.237   16.267  1.00 45.39 ? 4   DG  C "O3'" 1 
ATOM   545 C  "C2'" . DG  C  1 4  ? 15.977  -0.722  14.973  1.00 38.84 ? 4   DG  C "C2'" 1 
ATOM   546 C  "C1'" . DG  C  1 4  ? 17.359  -1.327  14.980  1.00 37.12 ? 4   DG  C "C1'" 1 
ATOM   547 N  N9    . DG  C  1 4  ? 17.620  -2.310  13.936  1.00 34.17 ? 4   DG  C N9    1 
ATOM   548 C  C8    . DG  C  1 4  ? 18.714  -2.330  13.104  1.00 35.97 ? 4   DG  C C8    1 
ATOM   549 N  N7    . DG  C  1 4  ? 18.697  -3.300  12.248  1.00 36.21 ? 4   DG  C N7    1 
ATOM   550 C  C5    . DG  C  1 4  ? 17.517  -3.974  12.519  1.00 35.60 ? 4   DG  C C5    1 
ATOM   551 C  C6    . DG  C  1 4  ? 16.962  -5.116  11.892  1.00 37.52 ? 4   DG  C C6    1 
ATOM   552 O  O6    . DG  C  1 4  ? 17.430  -5.772  10.952  1.00 37.51 ? 4   DG  C O6    1 
ATOM   553 N  N1    . DG  C  1 4  ? 15.738  -5.477  12.453  1.00 38.56 ? 4   DG  C N1    1 
ATOM   554 C  C2    . DG  C  1 4  ? 15.132  -4.815  13.497  1.00 41.95 ? 4   DG  C C2    1 
ATOM   555 N  N2    . DG  C  1 4  ? 13.960  -5.320  13.925  1.00 38.79 ? 4   DG  C N2    1 
ATOM   556 N  N3    . DG  C  1 4  ? 15.646  -3.731  14.092  1.00 42.81 ? 4   DG  C N3    1 
ATOM   557 C  C4    . DG  C  1 4  ? 16.835  -3.372  13.552  1.00 35.49 ? 4   DG  C C4    1 
ATOM   558 P  P     . DC  C  1 5  ? 15.944  2.465   15.472  1.00 56.43 ? 5   DC  C P     1 
ATOM   559 O  OP1   . DC  C  1 5  ? 16.417  3.715   16.126  1.00 49.22 ? 5   DC  C OP1   1 
ATOM   560 O  OP2   . DC  C  1 5  ? 14.483  2.210   15.322  1.00 50.64 ? 5   DC  C OP2   1 
ATOM   561 O  "O5'" . DC  C  1 5  ? 16.612  2.381   14.018  1.00 50.14 ? 5   DC  C "O5'" 1 
ATOM   562 C  "C5'" . DC  C  1 5  ? 18.011  2.577   13.870  1.00 45.40 ? 5   DC  C "C5'" 1 
ATOM   563 C  "C4'" . DC  C  1 5  ? 18.491  2.226   12.463  1.00 44.35 ? 5   DC  C "C4'" 1 
ATOM   564 O  "O4'" . DC  C  1 5  ? 18.163  0.861   12.143  1.00 43.63 ? 5   DC  C "O4'" 1 
ATOM   565 C  "C3'" . DC  C  1 5  ? 17.920  3.073   11.318  1.00 43.43 ? 5   DC  C "C3'" 1 
ATOM   566 O  "O3'" . DC  C  1 5  ? 18.995  3.723   10.668  1.00 54.06 ? 5   DC  C "O3'" 1 
ATOM   567 C  "C2'" . DC  C  1 5  ? 17.251  2.045   10.394  1.00 39.71 ? 5   DC  C "C2'" 1 
ATOM   568 C  "C1'" . DC  C  1 5  ? 17.987  0.773   10.761  1.00 42.27 ? 5   DC  C "C1'" 1 
ATOM   569 N  N1    . DC  C  1 5  ? 17.232  -0.492  10.451  1.00 41.82 ? 5   DC  C N1    1 
ATOM   570 C  C2    . DC  C  1 5  ? 17.849  -1.501  9.695   1.00 39.95 ? 5   DC  C C2    1 
ATOM   571 O  O2    . DC  C  1 5  ? 19.000  -1.330  9.282   1.00 47.14 ? 5   DC  C O2    1 
ATOM   572 N  N3    . DC  C  1 5  ? 17.164  -2.630  9.427   1.00 37.53 ? 5   DC  C N3    1 
ATOM   573 C  C4    . DC  C  1 5  ? 15.917  -2.782  9.866   1.00 41.59 ? 5   DC  C C4    1 
ATOM   574 N  N4    . DC  C  1 5  ? 15.289  -3.925  9.566   1.00 42.12 ? 5   DC  C N4    1 
ATOM   575 C  C5    . DC  C  1 5  ? 15.263  -1.778  10.646  1.00 40.27 ? 5   DC  C C5    1 
ATOM   576 C  C6    . DC  C  1 5  ? 15.953  -0.659  10.915  1.00 41.81 ? 5   DC  C C6    1 
HETATM 577 N  N1    . BRU C  1 6  ? 17.041  0.238   6.172   1.00 45.84 ? 6   BRU C N1    1 
HETATM 578 C  C2    . BRU C  1 6  ? 16.812  -1.226  5.916   1.00 42.90 ? 6   BRU C C2    1 
HETATM 579 N  N3    . BRU C  1 6  ? 15.605  -1.891  6.490   1.00 41.30 ? 6   BRU C N3    1 
HETATM 580 C  C4    . BRU C  1 6  ? 14.634  -1.165  7.287   1.00 47.38 ? 6   BRU C C4    1 
HETATM 581 C  C5    . BRU C  1 6  ? 14.887  0.281   7.528   1.00 46.67 ? 6   BRU C C5    1 
HETATM 582 C  C6    . BRU C  1 6  ? 16.085  0.967   6.978   1.00 42.68 ? 6   BRU C C6    1 
HETATM 583 O  O2    . BRU C  1 6  ? 17.546  -1.905  5.258   1.00 43.20 ? 6   BRU C O2    1 
HETATM 584 O  O4    . BRU C  1 6  ? 13.659  -1.727  7.713   1.00 46.14 ? 6   BRU C O4    1 
HETATM 585 BR BR    . BRU C  1 6  ? 13.611  1.292   8.607   1.00 72.58 ? 6   BRU C BR    1 
HETATM 586 C  "C1'" . BRU C  1 6  ? 18.246  0.945   5.661   1.00 51.07 ? 6   BRU C "C1'" 1 
HETATM 587 C  "C2'" . BRU C  1 6  ? 17.968  2.466   5.333   1.00 45.17 ? 6   BRU C "C2'" 1 
HETATM 588 C  "C3'" . BRU C  1 6  ? 19.283  3.167   5.681   1.00 50.68 ? 6   BRU C "C3'" 1 
HETATM 589 C  "C4'" . BRU C  1 6  ? 19.893  2.401   6.615   1.00 48.78 ? 6   BRU C "C4'" 1 
HETATM 590 O  "O3'" . BRU C  1 6  ? 20.250  3.137   4.557   1.00 50.80 ? 6   BRU C "O3'" 1 
HETATM 591 O  "O4'" . BRU C  1 6  ? 19.189  0.937   6.598   1.00 50.81 ? 6   BRU C "O4'" 1 
HETATM 592 C  "C5'" . BRU C  1 6  ? 19.883  3.022   7.961   1.00 42.85 ? 6   BRU C "C5'" 1 
HETATM 593 O  "O5'" . BRU C  1 6  ? 18.803  3.917   8.098   1.00 42.05 ? 6   BRU C "O5'" 1 
HETATM 594 P  P     . BRU C  1 6  ? 18.743  4.803   9.509   1.00 48.04 ? 6   BRU C P     1 
HETATM 595 O  OP1   . BRU C  1 6  ? 19.888  5.767   9.637   1.00 50.87 ? 6   BRU C OP1   1 
HETATM 596 O  OP2   . BRU C  1 6  ? 17.402  5.474   9.704   1.00 43.90 ? 6   BRU C OP2   1 
ATOM   597 P  P     . DC  C  1 7  ? 19.909  3.768   3.126   1.00 58.54 ? 7   DC  C P     1 
ATOM   598 O  OP1   . DC  C  1 7  ? 21.231  3.779   2.465   1.00 55.87 ? 7   DC  C OP1   1 
ATOM   599 O  OP2   . DC  C  1 7  ? 19.102  5.009   3.268   1.00 55.71 ? 7   DC  C OP2   1 
ATOM   600 O  "O5'" . DC  C  1 7  ? 19.040  2.641   2.387   1.00 51.93 ? 7   DC  C "O5'" 1 
ATOM   601 C  "C5'" . DC  C  1 7  ? 19.687  1.456   1.926   1.00 49.64 ? 7   DC  C "C5'" 1 
ATOM   602 C  "C4'" . DC  C  1 7  ? 18.697  0.509   1.267   1.00 49.69 ? 7   DC  C "C4'" 1 
ATOM   603 O  "O4'" . DC  C  1 7  ? 17.758  0.014   2.241   1.00 52.30 ? 7   DC  C "O4'" 1 
ATOM   604 C  "C3'" . DC  C  1 7  ? 17.855  1.121   0.151   1.00 51.43 ? 7   DC  C "C3'" 1 
ATOM   605 O  "O3'" . DC  C  1 7  ? 18.251  0.566   -1.086  1.00 53.84 ? 7   DC  C "O3'" 1 
ATOM   606 C  "C2'" . DC  C  1 7  ? 16.405  0.744   0.500   1.00 44.09 ? 7   DC  C "C2'" 1 
ATOM   607 C  "C1'" . DC  C  1 7  ? 16.564  -0.305  1.587   1.00 45.43 ? 7   DC  C "C1'" 1 
ATOM   608 N  N1    . DC  C  1 7  ? 15.480  -0.262  2.590   1.00 45.53 ? 7   DC  C N1    1 
ATOM   609 C  C2    . DC  C  1 7  ? 14.879  -1.461  3.040   1.00 42.99 ? 7   DC  C C2    1 
ATOM   610 O  O2    . DC  C  1 7  ? 15.259  -2.553  2.586   1.00 41.56 ? 7   DC  C O2    1 
ATOM   611 N  N3    . DC  C  1 7  ? 13.886  -1.383  3.955   1.00 39.72 ? 7   DC  C N3    1 
ATOM   612 C  C4    . DC  C  1 7  ? 13.493  -0.192  4.424   1.00 44.28 ? 7   DC  C C4    1 
ATOM   613 N  N4    . DC  C  1 7  ? 12.508  -0.175  5.322   1.00 46.69 ? 7   DC  C N4    1 
ATOM   614 C  C5    . DC  C  1 7  ? 14.092  1.029   3.986   1.00 42.03 ? 7   DC  C C5    1 
ATOM   615 C  C6    . DC  C  1 7  ? 15.067  0.949   3.074   1.00 43.39 ? 7   DC  C C6    1 
HETATM 616 N  N1    . BRU C  1 8  ? 13.375  -2.247  -0.513  1.00 43.47 ? 8   BRU C N1    1 
HETATM 617 C  C2    . BRU C  1 8  ? 12.732  -3.059  0.558   1.00 45.66 ? 8   BRU C C2    1 
HETATM 618 N  N3    . BRU C  1 8  ? 11.929  -2.350  1.606   1.00 43.66 ? 8   BRU C N3    1 
HETATM 619 C  C4    . BRU C  1 8  ? 11.766  -0.900  1.599   1.00 47.66 ? 8   BRU C C4    1 
HETATM 620 C  C5    . BRU C  1 8  ? 12.413  -0.100  0.520   1.00 45.91 ? 8   BRU C C5    1 
HETATM 621 C  C6    . BRU C  1 8  ? 13.208  -0.803  -0.518  1.00 46.21 ? 8   BRU C C6    1 
HETATM 622 O  O2    . BRU C  1 8  ? 12.845  -4.250  0.601   1.00 46.70 ? 8   BRU C O2    1 
HETATM 623 O  O4    . BRU C  1 8  ? 11.113  -0.390  2.460   1.00 52.26 ? 8   BRU C O4    1 
HETATM 624 BR BR    . BRU C  1 8  ? 12.230  1.861   0.416   1.00 85.07 ? 8   BRU C BR    1 
HETATM 625 C  "C1'" . BRU C  1 8  ? 14.186  -2.872  -1.580  1.00 47.09 ? 8   BRU C "C1'" 1 
HETATM 626 C  "C2'" . BRU C  1 8  ? 13.787  -2.209  -2.946  1.00 55.30 ? 8   BRU C "C2'" 1 
HETATM 627 C  "C3'" . BRU C  1 8  ? 15.039  -2.360  -3.806  1.00 56.82 ? 8   BRU C "C3'" 1 
HETATM 628 C  "C4'" . BRU C  1 8  ? 16.066  -2.568  -2.959  1.00 50.42 ? 8   BRU C "C4'" 1 
HETATM 629 O  "O3'" . BRU C  1 8  ? 14.878  -3.519  -4.730  1.00 57.75 ? 8   BRU C "O3'" 1 
HETATM 630 O  "O4'" . BRU C  1 8  ? 15.451  -2.540  -1.463  1.00 50.56 ? 8   BRU C "O4'" 1 
HETATM 631 C  "C5'" . BRU C  1 8  ? 17.026  -1.466  -3.119  1.00 48.09 ? 8   BRU C "C5'" 1 
HETATM 632 O  "O5'" . BRU C  1 8  ? 16.417  -0.267  -2.697  1.00 46.00 ? 8   BRU C "O5'" 1 
HETATM 633 P  P     . BRU C  1 8  ? 17.496  0.971   -2.438  1.00 60.30 ? 8   BRU C P     1 
HETATM 634 O  OP1   . BRU C  1 8  ? 18.555  0.929   -3.507  1.00 68.24 ? 8   BRU C OP1   1 
HETATM 635 O  OP2   . BRU C  1 8  ? 16.834  2.339   -2.302  1.00 51.48 ? 8   BRU C OP2   1 
ATOM   636 P  P     . DC  C  1 9  ? 13.522  -3.675  -5.574  1.00 55.80 ? 9   DC  C P     1 
ATOM   637 O  OP1   . DC  C  1 9  ? 13.719  -4.618  -6.694  1.00 51.47 ? 9   DC  C OP1   1 
ATOM   638 O  OP2   . DC  C  1 9  ? 13.011  -2.306  -5.850  1.00 58.84 ? 9   DC  C OP2   1 
ATOM   639 O  "O5'" . DC  C  1 9  ? 12.567  -4.455  -4.584  1.00 43.27 ? 9   DC  C "O5'" 1 
ATOM   640 C  "C5'" . DC  C  1 9  ? 12.677  -5.853  -4.490  1.00 43.37 ? 9   DC  C "C5'" 1 
ATOM   641 C  "C4'" . DC  C  1 9  ? 11.791  -6.357  -3.376  1.00 48.15 ? 9   DC  C "C4'" 1 
ATOM   642 O  "O4'" . DC  C  1 9  ? 11.711  -5.345  -2.362  1.00 52.14 ? 9   DC  C "O4'" 1 
ATOM   643 C  "C3'" . DC  C  1 9  ? 10.352  -6.615  -3.779  1.00 51.75 ? 9   DC  C "C3'" 1 
ATOM   644 O  "O3'" . DC  C  1 9  ? 10.200  -7.972  -4.151  1.00 57.49 ? 9   DC  C "O3'" 1 
ATOM   645 C  "C2'" . DC  C  1 9  ? 9.539   -6.291  -2.516  1.00 47.54 ? 9   DC  C "C2'" 1 
ATOM   646 C  "C1'" . DC  C  1 9  ? 10.495  -5.475  -1.655  1.00 45.69 ? 9   DC  C "C1'" 1 
ATOM   647 N  N1    . DC  C  1 9  ? 10.008  -4.105  -1.305  1.00 45.61 ? 9   DC  C N1    1 
ATOM   648 C  C2    . DC  C  1 9  ? 9.256   -3.918  -0.134  1.00 45.03 ? 9   DC  C C2    1 
ATOM   649 O  O2    . DC  C  1 9  ? 8.963   -4.902  0.567   1.00 45.00 ? 9   DC  C O2    1 
ATOM   650 N  N3    . DC  C  1 9  ? 8.852   -2.667  0.188   1.00 44.62 ? 9   DC  C N3    1 
ATOM   651 C  C4    . DC  C  1 9  ? 9.173   -1.631  -0.591  1.00 47.64 ? 9   DC  C C4    1 
ATOM   652 N  N4    . DC  C  1 9  ? 8.740   -0.421  -0.216  1.00 49.92 ? 9   DC  C N4    1 
ATOM   653 C  C5    . DC  C  1 9  ? 9.953   -1.791  -1.786  1.00 45.57 ? 9   DC  C C5    1 
ATOM   654 C  C6    . DC  C  1 9  ? 10.348  -3.033  -2.100  1.00 45.14 ? 9   DC  C C6    1 
ATOM   655 P  P     . DG  C  1 10 ? 8.998   -8.404  -5.124  1.00 66.39 ? 10  DG  C P     1 
ATOM   656 O  OP1   . DG  C  1 10 ? 9.312   -9.794  -5.559  1.00 57.82 ? 10  DG  C OP1   1 
ATOM   657 O  OP2   . DG  C  1 10 ? 8.817   -7.284  -6.104  1.00 47.71 ? 10  DG  C OP2   1 
ATOM   658 O  "O5'" . DG  C  1 10 ? 7.731   -8.489  -4.138  1.00 51.32 ? 10  DG  C "O5'" 1 
ATOM   659 C  "C5'" . DG  C  1 10 ? 7.705   -9.495  -3.147  1.00 51.24 ? 10  DG  C "C5'" 1 
ATOM   660 C  "C4'" . DG  C  1 10 ? 6.644   -9.227  -2.096  1.00 51.96 ? 10  DG  C "C4'" 1 
ATOM   661 O  "O4'" . DG  C  1 10 ? 6.815   -7.902  -1.532  1.00 51.61 ? 10  DG  C "O4'" 1 
ATOM   662 C  "C3'" . DG  C  1 10 ? 5.196   -9.288  -2.590  1.00 51.68 ? 10  DG  C "C3'" 1 
ATOM   663 O  "O3'" . DG  C  1 10 ? 4.468   -10.219 -1.794  1.00 55.28 ? 10  DG  C "O3'" 1 
ATOM   664 C  "C2'" . DG  C  1 10 ? 4.691   -7.856  -2.377  1.00 48.85 ? 10  DG  C "C2'" 1 
ATOM   665 C  "C1'" . DG  C  1 10 ? 5.547   -7.422  -1.207  1.00 47.33 ? 10  DG  C "C1'" 1 
ATOM   666 N  N9    . DG  C  1 10 ? 5.608   -5.979  -1.011  1.00 41.41 ? 10  DG  C N9    1 
ATOM   667 C  C8    . DG  C  1 10 ? 5.211   -5.288  0.109   1.00 40.17 ? 10  DG  C C8    1 
ATOM   668 N  N7    . DG  C  1 10 ? 5.377   -4.003  0.007   1.00 41.12 ? 10  DG  C N7    1 
ATOM   669 C  C5    . DG  C  1 10 ? 5.913   -3.825  -1.264  1.00 40.49 ? 10  DG  C C5    1 
ATOM   670 C  C6    . DG  C  1 10 ? 6.297   -2.640  -1.932  1.00 44.38 ? 10  DG  C C6    1 
ATOM   671 O  O6    . DG  C  1 10 ? 6.235   -1.471  -1.517  1.00 49.06 ? 10  DG  C O6    1 
ATOM   672 N  N1    . DG  C  1 10 ? 6.809   -2.902  -3.205  1.00 45.29 ? 10  DG  C N1    1 
ATOM   673 C  C2    . DG  C  1 10 ? 6.922   -4.154  -3.763  1.00 43.09 ? 10  DG  C C2    1 
ATOM   674 N  N2    . DG  C  1 10 ? 7.438   -4.211  -5.005  1.00 44.80 ? 10  DG  C N2    1 
ATOM   675 N  N3    . DG  C  1 10 ? 6.555   -5.273  -3.146  1.00 40.48 ? 10  DG  C N3    1 
ATOM   676 C  C4    . DG  C  1 10 ? 6.066   -5.033  -1.904  1.00 40.24 ? 10  DG  C C4    1 
ATOM   677 P  P     . DC  C  1 11 ? 2.882   -10.387 -1.983  1.00 65.87 ? 11  DC  C P     1 
ATOM   678 O  OP1   . DC  C  1 11 ? 2.545   -11.703 -1.376  1.00 58.18 ? 11  DC  C OP1   1 
ATOM   679 O  OP2   . DC  C  1 11 ? 2.521   -10.040 -3.382  1.00 59.24 ? 11  DC  C OP2   1 
ATOM   680 O  "O5'" . DC  C  1 11 ? 2.256   -9.218  -1.096  1.00 52.10 ? 11  DC  C "O5'" 1 
ATOM   681 C  "C5'" . DC  C  1 11 ? 2.533   -9.177  0.273   1.00 52.34 ? 11  DC  C "C5'" 1 
ATOM   682 C  "C4'" . DC  C  1 11 ? 1.983   -7.914  0.885   1.00 51.28 ? 11  DC  C "C4'" 1 
ATOM   683 O  "O4'" . DC  C  1 11 ? 2.631   -6.780  0.317   1.00 53.14 ? 11  DC  C "O4'" 1 
ATOM   684 C  "C3'" . DC  C  1 11 ? 0.524   -7.669  0.617   1.00 50.85 ? 11  DC  C "C3'" 1 
ATOM   685 O  "O3'" . DC  C  1 11 ? -0.220  -8.304  1.634   1.00 56.95 ? 11  DC  C "O3'" 1 
ATOM   686 C  "C2'" . DC  C  1 11 ? 0.403   -6.127  0.670   1.00 51.28 ? 11  DC  C "C2'" 1 
ATOM   687 C  "C1'" . DC  C  1 11 ? 1.860   -5.647  0.617   1.00 47.76 ? 11  DC  C "C1'" 1 
ATOM   688 N  N1    . DC  C  1 11 ? 2.185   -4.592  -0.427  1.00 43.50 ? 11  DC  C N1    1 
ATOM   689 C  C2    . DC  C  1 11 ? 2.406   -3.259  -0.037  1.00 41.38 ? 11  DC  C C2    1 
ATOM   690 O  O2    . DC  C  1 11 ? 2.274   -2.945  1.149   1.00 44.12 ? 11  DC  C O2    1 
ATOM   691 N  N3    . DC  C  1 11 ? 2.745   -2.349  -0.975  1.00 35.95 ? 11  DC  C N3    1 
ATOM   692 C  C4    . DC  C  1 11 ? 2.875   -2.717  -2.245  1.00 38.11 ? 11  DC  C C4    1 
ATOM   693 N  N4    . DC  C  1 11 ? 3.203   -1.777  -3.138  1.00 43.20 ? 11  DC  C N4    1 
ATOM   694 C  C5    . DC  C  1 11 ? 2.664   -4.060  -2.663  1.00 37.72 ? 11  DC  C C5    1 
ATOM   695 C  C6    . DC  C  1 11 ? 2.343   -4.960  -1.729  1.00 38.03 ? 11  DC  C C6    1 
ATOM   696 P  P     . DG  C  1 12 ? -1.814  -8.424  1.544   1.00 67.81 ? 12  DG  C P     1 
ATOM   697 O  OP1   . DG  C  1 12 ? -2.169  -9.677  2.262   1.00 59.02 ? 12  DG  C OP1   1 
ATOM   698 O  OP2   . DG  C  1 12 ? -2.250  -8.223  0.134   1.00 61.42 ? 12  DG  C OP2   1 
ATOM   699 O  "O5'" . DG  C  1 12 ? -2.305  -7.169  2.403   1.00 57.05 ? 12  DG  C "O5'" 1 
ATOM   700 C  "C5'" . DG  C  1 12 ? -2.001  -7.112  3.787   1.00 54.78 ? 12  DG  C "C5'" 1 
ATOM   701 C  "C4'" . DG  C  1 12 ? -2.500  -5.819  4.397   1.00 58.97 ? 12  DG  C "C4'" 1 
ATOM   702 O  "O4'" . DG  C  1 12 ? -1.878  -4.704  3.718   1.00 56.03 ? 12  DG  C "O4'" 1 
ATOM   703 C  "C3'" . DG  C  1 12 ? -4.009  -5.588  4.294   1.00 63.14 ? 12  DG  C "C3'" 1 
ATOM   704 O  "O3'" . DG  C  1 12 ? -4.471  -4.858  5.426   1.00 62.43 ? 12  DG  C "O3'" 1 
ATOM   705 C  "C2'" . DG  C  1 12 ? -4.150  -4.774  3.009   1.00 57.57 ? 12  DG  C "C2'" 1 
ATOM   706 C  "C1'" . DG  C  1 12 ? -2.839  -3.985  2.964   1.00 58.10 ? 12  DG  C "C1'" 1 
ATOM   707 N  N9    . DG  C  1 12 ? -2.330  -3.816  1.601   1.00 58.81 ? 12  DG  C N9    1 
ATOM   708 C  C8    . DG  C  1 12 ? -2.590  -4.637  0.522   1.00 56.03 ? 12  DG  C C8    1 
ATOM   709 N  N7    . DG  C  1 12 ? -2.010  -4.245  -0.581  1.00 51.67 ? 12  DG  C N7    1 
ATOM   710 C  C5    . DG  C  1 12 ? -1.324  -3.091  -0.218  1.00 47.20 ? 12  DG  C C5    1 
ATOM   711 C  C6    . DG  C  1 12 ? -0.533  -2.224  -1.009  1.00 48.16 ? 12  DG  C C6    1 
ATOM   712 O  O6    . DG  C  1 12 ? -0.271  -2.322  -2.224  1.00 48.80 ? 12  DG  C O6    1 
ATOM   713 N  N1    . DG  C  1 12 ? -0.018  -1.157  -0.258  1.00 46.06 ? 12  DG  C N1    1 
ATOM   714 C  C2    . DG  C  1 12 ? -0.250  -0.962  1.092   1.00 50.21 ? 12  DG  C C2    1 
ATOM   715 N  N2    . DG  C  1 12 ? 0.327   0.120   1.644   1.00 48.23 ? 12  DG  C N2    1 
ATOM   716 N  N3    . DG  C  1 12 ? -1.002  -1.773  1.846   1.00 47.30 ? 12  DG  C N3    1 
ATOM   717 C  C4    . DG  C  1 12 ? -1.505  -2.809  1.125   1.00 49.03 ? 12  DG  C C4    1 
ATOM   718 O  "O5'" . DC  D  1 1  ? 5.119   7.602   1.817   1.00 49.90 ? 1   DC  D "O5'" 1 
ATOM   719 C  "C5'" . DC  D  1 1  ? 4.078   7.848   2.779   1.00 50.16 ? 1   DC  D "C5'" 1 
ATOM   720 C  "C4'" . DC  D  1 1  ? 3.144   6.649   2.920   1.00 47.43 ? 1   DC  D "C4'" 1 
ATOM   721 O  "O4'" . DC  D  1 1  ? 3.146   5.881   1.706   1.00 50.09 ? 1   DC  D "O4'" 1 
ATOM   722 C  "C3'" . DC  D  1 1  ? 3.528   5.653   3.997   1.00 52.09 ? 1   DC  D "C3'" 1 
ATOM   723 O  "O3'" . DC  D  1 1  ? 2.966   6.047   5.241   1.00 58.99 ? 1   DC  D "O3'" 1 
ATOM   724 C  "C2'" . DC  D  1 1  ? 2.907   4.340   3.506   1.00 49.12 ? 1   DC  D "C2'" 1 
ATOM   725 C  "C1'" . DC  D  1 1  ? 2.807   4.536   1.994   1.00 46.98 ? 1   DC  D "C1'" 1 
ATOM   726 N  N1    . DC  D  1 1  ? 3.692   3.629   1.167   1.00 47.09 ? 1   DC  D N1    1 
ATOM   727 C  C2    . DC  D  1 1  ? 3.344   2.279   0.992   1.00 44.47 ? 1   DC  D C2    1 
ATOM   728 O  O2    . DC  D  1 1  ? 2.334   1.836   1.551   1.00 47.26 ? 1   DC  D O2    1 
ATOM   729 N  N3    . DC  D  1 1  ? 4.122   1.499   0.212   1.00 39.74 ? 1   DC  D N3    1 
ATOM   730 C  C4    . DC  D  1 1  ? 5.201   2.007   -0.378  1.00 42.91 ? 1   DC  D C4    1 
ATOM   731 N  N4    . DC  D  1 1  ? 5.941   1.188   -1.134  1.00 44.89 ? 1   DC  D N4    1 
ATOM   732 C  C5    . DC  D  1 1  ? 5.579   3.376   -0.216  1.00 42.48 ? 1   DC  D C5    1 
ATOM   733 C  C6    . DC  D  1 1  ? 4.797   4.145   0.547   1.00 42.93 ? 1   DC  D C6    1 
ATOM   734 P  P     . DG  D  1 2  ? 3.715   5.669   6.610   1.00 69.36 ? 2   DG  D P     1 
ATOM   735 O  OP1   . DG  D  1 2  ? 3.090   6.467   7.698   1.00 60.59 ? 2   DG  D OP1   1 
ATOM   736 O  OP2   . DG  D  1 2  ? 5.172   5.831   6.310   1.00 59.74 ? 2   DG  D OP2   1 
ATOM   737 O  "O5'" . DG  D  1 2  ? 3.364   4.104   6.827   1.00 49.76 ? 2   DG  D "O5'" 1 
ATOM   738 C  "C5'" . DG  D  1 2  ? 2.022   3.698   7.110   1.00 50.21 ? 2   DG  D "C5'" 1 
ATOM   739 C  "C4'" . DG  D  1 2  ? 1.855   2.185   6.990   1.00 50.26 ? 2   DG  D "C4'" 1 
ATOM   740 O  "O4'" . DG  D  1 2  ? 2.339   1.738   5.691   1.00 49.29 ? 2   DG  D "O4'" 1 
ATOM   741 C  "C3'" . DG  D  1 2  ? 2.632   1.357   8.028   1.00 52.91 ? 2   DG  D "C3'" 1 
ATOM   742 O  "O3'" . DG  D  1 2  ? 1.782   0.438   8.709   1.00 48.02 ? 2   DG  D "O3'" 1 
ATOM   743 C  "C2'" . DG  D  1 2  ? 3.664   0.613   7.186   1.00 52.24 ? 2   DG  D "C2'" 1 
ATOM   744 C  "C1'" . DG  D  1 2  ? 2.922   0.478   5.877   1.00 49.76 ? 2   DG  D "C1'" 1 
ATOM   745 N  N9    . DG  D  1 2  ? 3.802   0.144   4.762   1.00 47.44 ? 2   DG  D N9    1 
ATOM   746 C  C8    . DG  D  1 2  ? 3.793   -1.017  4.030   1.00 46.08 ? 2   DG  D C8    1 
ATOM   747 N  N7    . DG  D  1 2  ? 4.719   -1.057  3.116   1.00 45.54 ? 2   DG  D N7    1 
ATOM   748 C  C5    . DG  D  1 2  ? 5.399   0.137   3.266   1.00 42.57 ? 2   DG  D C5    1 
ATOM   749 C  C6    . DG  D  1 2  ? 6.512   0.637   2.562   1.00 47.84 ? 2   DG  D C6    1 
ATOM   750 O  O6    . DG  D  1 2  ? 7.135   0.100   1.629   1.00 47.61 ? 2   DG  D O6    1 
ATOM   751 N  N1    . DG  D  1 2  ? 6.899   1.895   3.037   1.00 48.67 ? 2   DG  D N1    1 
ATOM   752 C  C2    . DG  D  1 2  ? 6.282   2.566   4.067   1.00 45.78 ? 2   DG  D C2    1 
ATOM   753 N  N2    . DG  D  1 2  ? 6.789   3.763   4.390   1.00 47.86 ? 2   DG  D N2    1 
ATOM   754 N  N3    . DG  D  1 2  ? 5.247   2.098   4.739   1.00 45.15 ? 2   DG  D N3    1 
ATOM   755 C  C4    . DG  D  1 2  ? 4.858   0.885   4.283   1.00 44.80 ? 2   DG  D C4    1 
ATOM   756 P  P     . DC  D  1 3  ? 2.416   -0.566  9.811   1.00 70.43 ? 3   DC  D P     1 
ATOM   757 O  OP1   . DC  D  1 3  ? 1.298   -1.106  10.625  1.00 64.90 ? 3   DC  D OP1   1 
ATOM   758 O  OP2   . DC  D  1 3  ? 3.565   0.107   10.474  1.00 57.65 ? 3   DC  D OP2   1 
ATOM   759 O  "O5'" . DC  D  1 3  ? 2.999   -1.787  8.956   1.00 55.43 ? 3   DC  D "O5'" 1 
ATOM   760 C  "C5'" . DC  D  1 3  ? 2.159   -2.439  8.029   1.00 53.55 ? 3   DC  D "C5'" 1 
ATOM   761 C  "C4'" . DC  D  1 3  ? 2.904   -3.523  7.280   1.00 50.27 ? 3   DC  D "C4'" 1 
ATOM   762 O  "O4'" . DC  D  1 3  ? 3.812   -2.933  6.329   1.00 54.35 ? 3   DC  D "O4'" 1 
ATOM   763 C  "C3'" . DC  D  1 3  ? 3.744   -4.464  8.140   1.00 50.41 ? 3   DC  D "C3'" 1 
ATOM   764 O  "O3'" . DC  D  1 3  ? 3.462   -5.790  7.761   1.00 53.04 ? 3   DC  D "O3'" 1 
ATOM   765 C  "C2'" . DC  D  1 3  ? 5.186   -4.082  7.791   1.00 50.78 ? 3   DC  D "C2'" 1 
ATOM   766 C  "C1'" . DC  D  1 3  ? 5.014   -3.668  6.347   1.00 51.81 ? 3   DC  D "C1'" 1 
ATOM   767 N  N1    . DC  D  1 3  ? 6.079   -2.792  5.826   1.00 46.53 ? 3   DC  D N1    1 
ATOM   768 C  C2    . DC  D  1 3  ? 6.617   -3.054  4.561   1.00 44.83 ? 3   DC  D C2    1 
ATOM   769 O  O2    . DC  D  1 3  ? 6.210   -4.034  3.921   1.00 49.00 ? 3   DC  D O2    1 
ATOM   770 N  N3    . DC  D  1 3  ? 7.569   -2.233  4.078   1.00 42.24 ? 3   DC  D N3    1 
ATOM   771 C  C4    . DC  D  1 3  ? 7.973   -1.184  4.796   1.00 44.52 ? 3   DC  D C4    1 
ATOM   772 N  N4    . DC  D  1 3  ? 8.923   -0.403  4.275   1.00 47.75 ? 3   DC  D N4    1 
ATOM   773 C  C5    . DC  D  1 3  ? 7.432   -0.900  6.085   1.00 44.99 ? 3   DC  D C5    1 
ATOM   774 C  C6    . DC  D  1 3  ? 6.489   -1.720  6.554   1.00 43.42 ? 3   DC  D C6    1 
ATOM   775 P  P     . DG  D  1 4  ? 3.905   -7.007  8.705   1.00 64.10 ? 4   DG  D P     1 
ATOM   776 O  OP1   . DG  D  1 4  ? 2.743   -7.912  8.878   1.00 59.42 ? 4   DG  D OP1   1 
ATOM   777 O  OP2   . DG  D  1 4  ? 4.585   -6.400  9.878   1.00 58.73 ? 4   DG  D OP2   1 
ATOM   778 O  "O5'" . DG  D  1 4  ? 4.999   -7.776  7.828   1.00 56.30 ? 4   DG  D "O5'" 1 
ATOM   779 C  "C5'" . DG  D  1 4  ? 4.634   -8.274  6.560   1.00 48.77 ? 4   DG  D "C5'" 1 
ATOM   780 C  "C4'" . DG  D  1 4  ? 5.858   -8.619  5.739   1.00 51.42 ? 4   DG  D "C4'" 1 
ATOM   781 O  "O4'" . DG  D  1 4  ? 6.523   -7.413  5.282   1.00 51.53 ? 4   DG  D "O4'" 1 
ATOM   782 C  "C3'" . DG  D  1 4  ? 6.939   -9.468  6.451   1.00 46.40 ? 4   DG  D "C3'" 1 
ATOM   783 O  "O3'" . DG  D  1 4  ? 7.160   -10.648 5.660   1.00 48.44 ? 4   DG  D "O3'" 1 
ATOM   784 C  "C2'" . DG  D  1 4  ? 8.162   -8.529  6.476   1.00 47.24 ? 4   DG  D "C2'" 1 
ATOM   785 C  "C1'" . DG  D  1 4  ? 7.889   -7.710  5.223   1.00 48.12 ? 4   DG  D "C1'" 1 
ATOM   786 N  N9    . DG  D  1 4  ? 8.658   -6.476  5.051   1.00 43.88 ? 4   DG  D N9    1 
ATOM   787 C  C8    . DG  D  1 4  ? 9.285   -6.092  3.887   1.00 44.29 ? 4   DG  D C8    1 
ATOM   788 N  N7    . DG  D  1 4  ? 9.889   -4.949  3.967   1.00 40.21 ? 4   DG  D N7    1 
ATOM   789 C  C5    . DG  D  1 4  ? 9.648   -4.524  5.264   1.00 41.65 ? 4   DG  D C5    1 
ATOM   790 C  C6    . DG  D  1 4  ? 10.067  -3.341  5.915   1.00 44.68 ? 4   DG  D C6    1 
ATOM   791 O  O6    . DG  D  1 4  ? 10.755  -2.402  5.450   1.00 42.55 ? 4   DG  D O6    1 
ATOM   792 N  N1    . DG  D  1 4  ? 9.617   -3.295  7.234   1.00 41.52 ? 4   DG  D N1    1 
ATOM   793 C  C2    . DG  D  1 4  ? 8.866   -4.258  7.843   1.00 37.76 ? 4   DG  D C2    1 
ATOM   794 N  N2    . DG  D  1 4  ? 8.529   -4.008  9.113   1.00 31.45 ? 4   DG  D N2    1 
ATOM   795 N  N3    . DG  D  1 4  ? 8.457   -5.381  7.243   1.00 41.27 ? 4   DG  D N3    1 
ATOM   796 C  C4    . DG  D  1 4  ? 8.887   -5.449  5.958   1.00 41.49 ? 4   DG  D C4    1 
ATOM   797 P  P     . DC  D  1 5  ? 8.400   -11.639 5.913   1.00 60.16 ? 5   DC  D P     1 
ATOM   798 O  OP1   . DC  D  1 5  ? 8.181   -12.899 5.151   1.00 49.76 ? 5   DC  D OP1   1 
ATOM   799 O  OP2   . DC  D  1 5  ? 8.702   -11.635 7.362   1.00 58.38 ? 5   DC  D OP2   1 
ATOM   800 O  "O5'" . DC  D  1 5  ? 9.591   -10.936 5.141   1.00 53.36 ? 5   DC  D "O5'" 1 
ATOM   801 C  "C5'" . DC  D  1 5  ? 9.474   -10.741 3.762   1.00 52.65 ? 5   DC  D "C5'" 1 
ATOM   802 C  "C4'" . DC  D  1 5  ? 10.762  -10.200 3.215   1.00 49.75 ? 5   DC  D "C4'" 1 
ATOM   803 O  "O4'" . DC  D  1 5  ? 10.923  -8.836  3.645   1.00 47.11 ? 5   DC  D "O4'" 1 
ATOM   804 C  "C3'" . DC  D  1 5  ? 11.988  -10.951 3.686   1.00 47.34 ? 5   DC  D "C3'" 1 
ATOM   805 O  "O3'" . DC  D  1 5  ? 12.664  -11.472 2.556   1.00 56.71 ? 5   DC  D "O3'" 1 
ATOM   806 C  "C2'" . DC  D  1 5  ? 12.817  -9.901  4.444   1.00 46.01 ? 5   DC  D "C2'" 1 
ATOM   807 C  "C1'" . DC  D  1 5  ? 12.259  -8.583  3.928   1.00 40.77 ? 5   DC  D "C1'" 1 
ATOM   808 N  N1    . DC  D  1 5  ? 12.280  -7.487  4.925   1.00 38.77 ? 5   DC  D N1    1 
ATOM   809 C  C2    . DC  D  1 5  ? 12.777  -6.218  4.570   1.00 39.11 ? 5   DC  D C2    1 
ATOM   810 O  O2    . DC  D  1 5  ? 13.227  -6.032  3.432   1.00 39.41 ? 5   DC  D O2    1 
ATOM   811 N  N3    . DC  D  1 5  ? 12.766  -5.229  5.493   1.00 37.27 ? 5   DC  D N3    1 
ATOM   812 C  C4    . DC  D  1 5  ? 12.287  -5.458  6.711   1.00 41.04 ? 5   DC  D C4    1 
ATOM   813 N  N4    . DC  D  1 5  ? 12.302  -4.446  7.586   1.00 41.85 ? 5   DC  D N4    1 
ATOM   814 C  C5    . DC  D  1 5  ? 11.762  -6.733  7.087   1.00 41.39 ? 5   DC  D C5    1 
ATOM   815 C  C6    . DC  D  1 5  ? 11.772  -7.706  6.167   1.00 40.31 ? 5   DC  D C6    1 
HETATM 816 N  N1    . BRU D  1 6  ? 16.318  -7.542  4.274   1.00 38.64 ? 6   BRU D N1    1 
HETATM 817 C  C2    . BRU D  1 6  ? 16.446  -6.097  4.590   1.00 38.65 ? 6   BRU D C2    1 
HETATM 818 N  N3    . BRU D  1 6  ? 16.100  -5.611  5.944   1.00 37.59 ? 6   BRU D N3    1 
HETATM 819 C  C4    . BRU D  1 6  ? 15.634  -6.524  6.946   1.00 38.18 ? 6   BRU D C4    1 
HETATM 820 C  C5    . BRU D  1 6  ? 15.508  -7.964  6.622   1.00 40.60 ? 6   BRU D C5    1 
HETATM 821 C  C6    . BRU D  1 6  ? 15.848  -8.465  5.277   1.00 38.46 ? 6   BRU D C6    1 
HETATM 822 O  O2    . BRU D  1 6  ? 16.834  -5.305  3.797   1.00 39.68 ? 6   BRU D O2    1 
HETATM 823 O  O4    . BRU D  1 6  ? 15.383  -6.080  8.015   1.00 42.56 ? 6   BRU D O4    1 
HETATM 824 BR BR    . BRU D  1 6  ? 14.877  -9.233  7.969   1.00 62.86 ? 6   BRU D BR    1 
HETATM 825 C  "C1'" . BRU D  1 6  ? 16.647  -8.005  2.912   1.00 44.35 ? 6   BRU D "C1'" 1 
HETATM 826 C  "C2'" . BRU D  1 6  ? 17.766  -9.113  2.857   1.00 39.84 ? 6   BRU D "C2'" 1 
HETATM 827 C  "C3'" . BRU D  1 6  ? 17.476  -9.762  1.503   1.00 43.89 ? 6   BRU D "C3'" 1 
HETATM 828 C  "C4'" . BRU D  1 6  ? 16.174  -9.484  1.180   1.00 41.84 ? 6   BRU D "C4'" 1 
HETATM 829 O  "O3'" . BRU D  1 6  ? 18.392  -9.168  0.495   1.00 44.63 ? 6   BRU D "O3'" 1 
HETATM 830 O  "O4'" . BRU D  1 6  ? 15.588  -8.571  2.373   1.00 42.59 ? 6   BRU D "O4'" 1 
HETATM 831 C  "C5'" . BRU D  1 6  ? 15.297  -10.679 1.088   1.00 40.07 ? 6   BRU D "C5'" 1 
HETATM 832 O  "O5'" . BRU D  1 6  ? 15.185  -11.184 2.404   1.00 46.16 ? 6   BRU D "O5'" 1 
HETATM 833 P  P     . BRU D  1 6  ? 14.018  -12.306 2.749   1.00 52.84 ? 6   BRU D P     1 
HETATM 834 O  OP1   . BRU D  1 6  ? 14.112  -13.456 1.774   1.00 49.15 ? 6   BRU D OP1   1 
HETATM 835 O  OP2   . BRU D  1 6  ? 14.043  -12.776 4.193   1.00 49.77 ? 6   BRU D OP2   1 
ATOM   836 P  P     . DC  D  1 7  ? 19.983  -9.350  0.617   1.00 51.59 ? 7   DC  D P     1 
ATOM   837 O  OP1   . DC  D  1 7  ? 20.584  -9.082  -0.711  1.00 47.65 ? 7   DC  D OP1   1 
ATOM   838 O  OP2   . DC  D  1 7  ? 20.210  -10.633 1.321   1.00 45.97 ? 7   DC  D OP2   1 
ATOM   839 O  "O5'" . DC  D  1 7  ? 20.454  -8.149  1.547   1.00 40.45 ? 7   DC  D "O5'" 1 
ATOM   840 C  "C5'" . DC  D  1 7  ? 20.523  -6.881  1.018   1.00 41.26 ? 7   DC  D "C5'" 1 
ATOM   841 C  "C4'" . DC  D  1 7  ? 21.015  -5.903  2.054   1.00 46.79 ? 7   DC  D "C4'" 1 
ATOM   842 O  "O4'" . DC  D  1 7  ? 20.131  -5.909  3.194   1.00 45.03 ? 7   DC  D "O4'" 1 
ATOM   843 C  "C3'" . DC  D  1 7  ? 22.422  -6.170  2.595   1.00 39.23 ? 7   DC  D "C3'" 1 
ATOM   844 O  "O3'" . DC  D  1 7  ? 23.209  -5.030  2.345   1.00 41.72 ? 7   DC  D "O3'" 1 
ATOM   845 C  "C2'" . DC  D  1 7  ? 22.205  -6.393  4.104   1.00 37.37 ? 7   DC  D "C2'" 1 
ATOM   846 C  "C1'" . DC  D  1 7  ? 20.896  -5.665  4.348   1.00 42.01 ? 7   DC  D "C1'" 1 
ATOM   847 N  N1    . DC  D  1 7  ? 20.112  -6.154  5.525   1.00 40.92 ? 7   DC  D N1    1 
ATOM   848 C  C2    . DC  D  1 7  ? 19.493  -5.231  6.397   1.00 37.83 ? 7   DC  D C2    1 
ATOM   849 O  O2    . DC  D  1 7  ? 19.637  -4.018  6.209   1.00 37.30 ? 7   DC  D O2    1 
ATOM   850 N  N3    . DC  D  1 7  ? 18.763  -5.699  7.437   1.00 35.42 ? 7   DC  D N3    1 
ATOM   851 C  C4    . DC  D  1 7  ? 18.637  -7.003  7.634   1.00 39.26 ? 7   DC  D C4    1 
ATOM   852 N  N4    . DC  D  1 7  ? 17.921  -7.405  8.687   1.00 38.38 ? 7   DC  D N4    1 
ATOM   853 C  C5    . DC  D  1 7  ? 19.243  -7.957  6.761   1.00 44.02 ? 7   DC  D C5    1 
ATOM   854 C  C6    . DC  D  1 7  ? 19.961  -7.493  5.724   1.00 41.87 ? 7   DC  D C6    1 
HETATM 855 N  N1    . BRU D  1 8  ? 23.079  -4.104  7.698   1.00 40.15 ? 8   BRU D N1    1 
HETATM 856 C  C2    . BRU D  1 8  ? 22.037  -3.659  8.637   1.00 38.95 ? 8   BRU D C2    1 
HETATM 857 N  N3    . BRU D  1 8  ? 21.225  -4.668  9.364   1.00 32.54 ? 8   BRU D N3    1 
HETATM 858 C  C4    . BRU D  1 8  ? 21.439  -6.086  9.158   1.00 39.30 ? 8   BRU D C4    1 
HETATM 859 C  C5    . BRU D  1 8  ? 22.509  -6.506  8.190   1.00 41.54 ? 8   BRU D C5    1 
HETATM 860 C  C6    . BRU D  1 8  ? 23.313  -5.494  7.474   1.00 39.16 ? 8   BRU D C6    1 
HETATM 861 O  O2    . BRU D  1 8  ? 21.857  -2.492  8.796   1.00 45.17 ? 8   BRU D O2    1 
HETATM 862 O  O4    . BRU D  1 8  ? 20.746  -6.842  9.786   1.00 40.99 ? 8   BRU D O4    1 
HETATM 863 BR BR    . BRU D  1 8  ? 23.013  -8.358  7.746   1.00 72.29 ? 8   BRU D BR    1 
HETATM 864 C  "C1'" . BRU D  1 8  ? 23.872  -3.114  6.974   1.00 45.11 ? 8   BRU D "C1'" 1 
HETATM 865 C  "C2'" . BRU D  1 8  ? 25.228  -3.769  6.549   1.00 41.10 ? 8   BRU D "C2'" 1 
HETATM 866 C  "C3'" . BRU D  1 8  ? 25.692  -2.702  5.585   1.00 43.34 ? 8   BRU D "C3'" 1 
HETATM 867 C  "C4'" . BRU D  1 8  ? 24.566  -2.344  4.922   1.00 48.34 ? 8   BRU D "C4'" 1 
HETATM 868 O  "O3'" . BRU D  1 8  ? 26.053  -1.507  6.385   1.00 47.49 ? 8   BRU D "O3'" 1 
HETATM 869 O  "O4'" . BRU D  1 8  ? 23.310  -2.827  5.825   1.00 42.65 ? 8   BRU D "O4'" 1 
HETATM 870 C  "C5'" . BRU D  1 8  ? 24.512  -2.888  3.544   1.00 46.55 ? 8   BRU D "C5'" 1 
HETATM 871 O  "O5'" . BRU D  1 8  ? 25.264  -4.079  3.495   1.00 47.67 ? 8   BRU D "O5'" 1 
HETATM 872 P  P     . BRU D  1 8  ? 24.809  -5.110  2.286   1.00 51.90 ? 8   BRU D P     1 
HETATM 873 O  OP1   . BRU D  1 8  ? 25.275  -4.555  0.964   1.00 55.15 ? 8   BRU D OP1   1 
HETATM 874 O  OP2   . BRU D  1 8  ? 25.296  -6.524  2.545   1.00 44.60 ? 8   BRU D OP2   1 
ATOM   875 P  P     . DC  D  1 9  ? 27.500  -1.352  7.064   1.00 60.10 ? 9   DC  D P     1 
ATOM   876 O  OP1   . DC  D  1 9  ? 28.133  -0.162  6.448   1.00 46.58 ? 9   DC  D OP1   1 
ATOM   877 O  OP2   . DC  D  1 9  ? 28.196  -2.673  7.073   1.00 49.74 ? 9   DC  D OP2   1 
ATOM   878 O  "O5'" . DC  D  1 9  ? 27.134  -0.965  8.577   1.00 54.26 ? 9   DC  D "O5'" 1 
ATOM   879 C  "C5'" . DC  D  1 9  ? 26.357  0.193   8.834   1.00 47.30 ? 9   DC  D "C5'" 1 
ATOM   880 C  "C4'" . DC  D  1 9  ? 25.457  -0.014  10.041  1.00 47.57 ? 9   DC  D "C4'" 1 
ATOM   881 O  "O4'" . DC  D  1 9  ? 24.705  -1.237  9.897   1.00 43.19 ? 9   DC  D "O4'" 1 
ATOM   882 C  "C3'" . DC  D  1 9  ? 26.175  -0.188  11.370  1.00 47.83 ? 9   DC  D "C3'" 1 
ATOM   883 O  "O3'" . DC  D  1 9  ? 26.509  1.099   11.938  1.00 47.44 ? 9   DC  D "O3'" 1 
ATOM   884 C  "C2'" . DC  D  1 9  ? 25.135  -0.946  12.226  1.00 44.39 ? 9   DC  D "C2'" 1 
ATOM   885 C  "C1'" . DC  D  1 9  ? 24.223  -1.608  11.183  1.00 39.87 ? 9   DC  D "C1'" 1 
ATOM   886 N  N1    . DC  D  1 9  ? 24.141  -3.110  11.263  1.00 39.95 ? 9   DC  D N1    1 
ATOM   887 C  C2    . DC  D  1 9  ? 23.139  -3.698  12.025  1.00 40.13 ? 9   DC  D C2    1 
ATOM   888 O  O2    . DC  D  1 9  ? 22.363  -2.971  12.658  1.00 44.07 ? 9   DC  D O2    1 
ATOM   889 N  N3    . DC  D  1 9  ? 23.047  -5.049  12.058  1.00 37.46 ? 9   DC  D N3    1 
ATOM   890 C  C4    . DC  D  1 9  ? 23.890  -5.799  11.368  1.00 35.78 ? 9   DC  D C4    1 
ATOM   891 N  N4    . DC  D  1 9  ? 23.739  -7.119  11.438  1.00 36.88 ? 9   DC  D N4    1 
ATOM   892 C  C5    . DC  D  1 9  ? 24.930  -5.229  10.587  1.00 35.72 ? 9   DC  D C5    1 
ATOM   893 C  C6    . DC  D  1 9  ? 25.010  -3.890  10.551  1.00 41.40 ? 9   DC  D C6    1 
ATOM   894 P  P     . DG  D  1 10 ? 27.455  1.182   13.241  1.00 54.34 ? 10  DG  D P     1 
ATOM   895 O  OP1   . DG  D  1 10 ? 27.842  2.584   13.520  1.00 45.59 ? 10  DG  D OP1   1 
ATOM   896 O  OP2   . DG  D  1 10 ? 28.489  0.124   13.073  1.00 41.58 ? 10  DG  D OP2   1 
ATOM   897 O  "O5'" . DG  D  1 10 ? 26.467  0.799   14.436  1.00 49.51 ? 10  DG  D "O5'" 1 
ATOM   898 C  "C5'" . DG  D  1 10 ? 25.352  1.621   14.708  1.00 40.56 ? 10  DG  D "C5'" 1 
ATOM   899 C  "C4'" . DG  D  1 10 ? 24.535  1.035   15.833  1.00 45.24 ? 10  DG  D "C4'" 1 
ATOM   900 O  "O4'" . DG  D  1 10 ? 24.012  -0.258  15.423  1.00 47.41 ? 10  DG  D "O4'" 1 
ATOM   901 C  "C3'" . DG  D  1 10 ? 25.315  0.775   17.132  1.00 45.29 ? 10  DG  D "C3'" 1 
ATOM   902 O  "O3'" . DG  D  1 10 ? 24.566  1.256   18.242  1.00 45.73 ? 10  DG  D "O3'" 1 
ATOM   903 C  "C2'" . DG  D  1 10 ? 25.434  -0.743  17.163  1.00 44.60 ? 10  DG  D "C2'" 1 
ATOM   904 C  "C1'" . DG  D  1 10 ? 24.128  -1.134  16.503  1.00 41.16 ? 10  DG  D "C1'" 1 
ATOM   905 N  N9    . DG  D  1 10 ? 24.092  -2.507  16.019  1.00 42.23 ? 10  DG  D N9    1 
ATOM   906 C  C8    . DG  D  1 10 ? 23.125  -3.441  16.300  1.00 43.91 ? 10  DG  D C8    1 
ATOM   907 N  N7    . DG  D  1 10 ? 23.352  -4.600  15.755  1.00 45.36 ? 10  DG  D N7    1 
ATOM   908 C  C5    . DG  D  1 10 ? 24.548  -4.433  15.069  1.00 40.00 ? 10  DG  D C5    1 
ATOM   909 C  C6    . DG  D  1 10 ? 25.279  -5.356  14.289  1.00 41.35 ? 10  DG  D C6    1 
ATOM   910 O  O6    . DG  D  1 10 ? 24.998  -6.544  14.045  1.00 38.26 ? 10  DG  D O6    1 
ATOM   911 N  N1    . DG  D  1 10 ? 26.449  -4.785  13.768  1.00 45.12 ? 10  DG  D N1    1 
ATOM   912 C  C2    . DG  D  1 10 ? 26.846  -3.480  13.981  1.00 44.50 ? 10  DG  D C2    1 
ATOM   913 N  N2    . DG  D  1 10 ? 27.996  -3.103  13.402  1.00 44.37 ? 10  DG  D N2    1 
ATOM   914 N  N3    . DG  D  1 10 ? 26.162  -2.606  14.716  1.00 42.92 ? 10  DG  D N3    1 
ATOM   915 C  C4    . DG  D  1 10 ? 25.025  -3.150  15.224  1.00 40.71 ? 10  DG  D C4    1 
ATOM   916 P  P     . DC  D  1 11 ? 25.095  1.053   19.747  1.00 48.39 ? 11  DC  D P     1 
ATOM   917 O  OP1   . DC  D  1 11 ? 24.475  2.118   20.559  1.00 50.36 ? 11  DC  D OP1   1 
ATOM   918 O  OP2   . DC  D  1 11 ? 26.563  0.846   19.756  1.00 48.17 ? 11  DC  D OP2   1 
ATOM   919 O  "O5'" . DC  D  1 11 ? 24.431  -0.320  20.197  1.00 49.55 ? 11  DC  D "O5'" 1 
ATOM   920 C  "C5'" . DC  D  1 11 ? 23.032  -0.456  20.174  1.00 45.73 ? 11  DC  D "C5'" 1 
ATOM   921 C  "C4'" . DC  D  1 11 ? 22.653  -1.913  20.327  1.00 46.53 ? 11  DC  D "C4'" 1 
ATOM   922 O  "O4'" . DC  D  1 11 ? 23.307  -2.690  19.324  1.00 43.86 ? 11  DC  D "O4'" 1 
ATOM   923 C  "C3'" . DC  D  1 11 ? 23.101  -2.543  21.616  1.00 44.69 ? 11  DC  D "C3'" 1 
ATOM   924 O  "O3'" . DC  D  1 11 ? 22.094  -2.348  22.561  1.00 44.07 ? 11  DC  D "O3'" 1 
ATOM   925 C  "C2'" . DC  D  1 11 ? 23.292  -4.037  21.248  1.00 43.76 ? 11  DC  D "C2'" 1 
ATOM   926 C  "C1'" . DC  D  1 11 ? 23.249  -4.030  19.710  1.00 43.60 ? 11  DC  D "C1'" 1 
ATOM   927 N  N1    . DC  D  1 11 ? 24.371  -4.731  19.001  1.00 42.92 ? 11  DC  D N1    1 
ATOM   928 C  C2    . DC  D  1 11 ? 24.163  -5.997  18.433  1.00 39.82 ? 11  DC  D C2    1 
ATOM   929 O  O2    . DC  D  1 11 ? 23.073  -6.560  18.587  1.00 44.67 ? 11  DC  D O2    1 
ATOM   930 N  N3    . DC  D  1 11 ? 25.172  -6.583  17.751  1.00 38.74 ? 11  DC  D N3    1 
ATOM   931 C  C4    . DC  D  1 11 ? 26.345  -5.957  17.606  1.00 45.59 ? 11  DC  D C4    1 
ATOM   932 N  N4    . DC  D  1 11 ? 27.318  -6.585  16.919  1.00 41.32 ? 11  DC  D N4    1 
ATOM   933 C  C5    . DC  D  1 11 ? 26.571  -4.654  18.158  1.00 45.03 ? 11  DC  D C5    1 
ATOM   934 C  C6    . DC  D  1 11 ? 25.562  -4.083  18.831  1.00 43.94 ? 11  DC  D C6    1 
ATOM   935 P  P     . DG  D  1 12 ? 22.420  -2.481  24.120  1.00 47.58 ? 12  DG  D P     1 
ATOM   936 O  OP1   . DG  D  1 12 ? 21.630  -1.423  24.809  1.00 51.00 ? 12  DG  D OP1   1 
ATOM   937 O  OP2   . DG  D  1 12 ? 23.880  -2.573  24.315  1.00 48.78 ? 12  DG  D OP2   1 
ATOM   938 O  "O5'" . DG  D  1 12 ? 21.859  -3.925  24.459  1.00 44.28 ? 12  DG  D "O5'" 1 
ATOM   939 C  "C5'" . DG  D  1 12 ? 20.529  -4.259  24.074  1.00 47.17 ? 12  DG  D "C5'" 1 
ATOM   940 C  "C4'" . DG  D  1 12 ? 20.267  -5.758  24.175  1.00 44.79 ? 12  DG  D "C4'" 1 
ATOM   941 O  "O4'" . DG  D  1 12 ? 21.061  -6.486  23.206  1.00 44.97 ? 12  DG  D "O4'" 1 
ATOM   942 C  "C3'" . DG  D  1 12 ? 20.600  -6.405  25.503  1.00 40.82 ? 12  DG  D "C3'" 1 
ATOM   943 O  "O3'" . DG  D  1 12 ? 19.815  -7.557  25.621  1.00 45.06 ? 12  DG  D "O3'" 1 
ATOM   944 C  "C2'" . DG  D  1 12 ? 22.064  -6.781  25.314  1.00 39.64 ? 12  DG  D "C2'" 1 
ATOM   945 C  "C1'" . DG  D  1 12 ? 22.013  -7.292  23.888  1.00 43.29 ? 12  DG  D "C1'" 1 
ATOM   946 N  N9    . DG  D  1 12 ? 23.273  -7.207  23.172  1.00 42.45 ? 12  DG  D N9    1 
ATOM   947 C  C8    . DG  D  1 12 ? 24.338  -6.379  23.428  1.00 37.83 ? 12  DG  D C8    1 
ATOM   948 N  N7    . DG  D  1 12 ? 25.316  -6.541  22.580  1.00 38.66 ? 12  DG  D N7    1 
ATOM   949 C  C5    . DG  D  1 12 ? 24.853  -7.530  21.707  1.00 40.13 ? 12  DG  D C5    1 
ATOM   950 C  C6    . DG  D  1 12 ? 25.469  -8.142  20.575  1.00 44.69 ? 12  DG  D C6    1 
ATOM   951 O  O6    . DG  D  1 12 ? 26.595  -7.929  20.089  1.00 48.31 ? 12  DG  D O6    1 
ATOM   952 N  N1    . DG  D  1 12 ? 24.642  -9.096  19.992  1.00 41.72 ? 12  DG  D N1    1 
ATOM   953 C  C2    . DG  D  1 12 ? 23.388  -9.415  20.436  1.00 45.45 ? 12  DG  D C2    1 
ATOM   954 N  N2    . DG  D  1 12 ? 22.725  -10.353 19.737  1.00 47.18 ? 12  DG  D N2    1 
ATOM   955 N  N3    . DG  D  1 12 ? 22.812  -8.857  21.482  1.00 44.35 ? 12  DG  D N3    1 
ATOM   956 C  C4    . DG  D  1 12 ? 23.601  -7.934  22.067  1.00 40.09 ? 12  DG  D C4    1 
HETATM 957 AG AG    . AG  E  2 .  ? -22.948 5.858   -10.496 1.00 46.53 ? 101 AG  A AG    1 
HETATM 958 AG AG    . AG  F  2 .  ? -20.519 4.525   -9.303  1.00 45.17 ? 102 AG  A AG    1 
HETATM 959 AG AG    . AG  G  2 .  ? -14.735 2.862   -8.758  1.00 47.40 ? 103 AG  A AG    1 
HETATM 960 AG AG    . AG  H  2 .  ? -11.861 2.350   -7.912  1.00 45.75 ? 104 AG  A AG    1 
HETATM 961 AG AG    . AG  I  2 .  ? -8.861  1.766   -7.812  1.00 51.90 ? 105 AG  A AG    1 
HETATM 962 AG AG    . AG  J  2 .  ? -6.452  1.378   -5.898  1.00 53.41 ? 106 AG  A AG    1 
HETATM 963 AG AG    . AG  K  2 .  ? -3.586  2.121   -4.750  1.00 51.57 ? 107 AG  A AG    1 
HETATM 964 AG AG    . AG  L  2 .  ? -1.933  0.332   -2.981  1.00 52.07 ? 108 AG  A AG    1 
HETATM 965 AG AG    . AG  M  2 .  ? -6.157  0.589   -15.825 1.00 98.15 ? 109 AG  A AG    1 
HETATM 966 AG AG    . AG  N  2 .  ? -27.739 7.927   -11.954 1.00 43.75 ? 101 AG  B AG    1 
HETATM 967 AG AG    . AG  O  2 .  ? -25.416 7.713   -10.128 1.00 49.16 ? 102 AG  B AG    1 
HETATM 968 AG AG    . AG  P  2 .  ? -17.505 3.988   -9.430  1.00 42.40 ? 103 AG  B AG    1 
HETATM 969 AG AG    . AG  Q  2 .  ? 3.720   -0.457  -0.382  1.00 50.16 ? 101 AG  C AG    1 
HETATM 970 AG AG    . AG  R  2 .  ? 10.957  -3.448  2.829   1.00 49.52 ? 102 AG  C AG    1 
HETATM 971 AG AG    . AG  S  2 .  ? 13.278  -3.276  4.782   1.00 47.98 ? 103 AG  C AG    1 
HETATM 972 AG AG    . AG  T  2 .  ? 15.799  -3.757  6.424   1.00 43.76 ? 104 AG  C AG    1 
HETATM 973 AG AG    . AG  U  2 .  ? 21.368  -5.770  12.872  1.00 43.03 ? 105 AG  C AG    1 
HETATM 974 AG AG    . AG  V  2 .  ? 22.282  -6.351  15.713  1.00 46.11 ? 106 AG  C AG    1 
HETATM 975 AG AG    . AG  W  2 .  ? 5.212   -2.454  1.521   1.00 54.11 ? 101 AG  D AG    1 
HETATM 976 AG AG    . AG  X  2 .  ? 8.224   -2.405  2.051   1.00 51.58 ? 102 AG  D AG    1 
HETATM 977 AG AG    . AG  Y  2 .  ? 17.984  -4.260  8.584   1.00 42.41 ? 103 AG  D AG    1 
HETATM 978 AG AG    . AG  Z  2 .  ? 19.987  -4.185  10.787  1.00 42.94 ? 104 AG  D AG    1 
HETATM 979 AG AG    . AG  AA 2 .  ? 24.754  -8.199  16.516  1.00 45.85 ? 105 AG  D AG    1 
HETATM 980 O  O     . HOH BA 3 .  ? -15.290 -0.596  -10.168 1.00 37.76 ? 201 HOH A O     1 
HETATM 981 O  O     . HOH BA 3 .  ? -18.925 0.605   -8.336  1.00 34.06 ? 202 HOH A O     1 
HETATM 982 O  O     . HOH CA 3 .  ? -11.325 0.455   -10.592 1.00 32.74 ? 201 HOH B O     1 
HETATM 983 O  O     . HOH DA 3 .  ? 15.236  -4.791  1.569   1.00 33.59 ? 201 HOH C O     1 
HETATM 984 O  O     . HOH DA 3 .  ? 14.268  -7.246  10.583  1.00 30.37 ? 202 HOH C O     1 
HETATM 985 O  O     . HOH EA 3 .  ? 20.480  -1.304  7.085   1.00 36.60 ? 201 HOH D O     1 
# 
